data_7YET
#
_entry.id   7YET
#
_cell.length_a   1.00
_cell.length_b   1.00
_cell.length_c   1.00
_cell.angle_alpha   90.00
_cell.angle_beta   90.00
_cell.angle_gamma   90.00
#
_symmetry.space_group_name_H-M   'P 1'
#
loop_
_entity.id
_entity.type
_entity.pdbx_description
1 polymer 'RNA-directed RNA polymerase L'
2 polymer 'Polymerase cofactor VP35'
3 non-polymer "8,8'-[CARBONYLBIS[IMINO-3,1-PHENYLENECARBONYLIMINO(4-METHYL-3,1-PHENYLENE)CARBONYLIMINO]]BIS-1,3,5-NAPHTHALENETRISULFON IC ACID"
#
loop_
_entity_poly.entity_id
_entity_poly.type
_entity_poly.pdbx_seq_one_letter_code
_entity_poly.pdbx_strand_id
1 'polypeptide(L)'
;MATQHTQYPDARLSSPIVLDQCDLVTRACGLYSSYSLNPQLRNCKLPKHIYRLKYDVTVTKFLSDVPVATLPIDFIVPIL
LKALSGNGFCPVEPRCQQFLDEIIKYTMQDALFLKYYLKNVGAQEDCVDDHFQEKILSSIQGNEFLHQMFFWYDLAILTR
RGRLNRGNSRSTWFVHDDLIDILGYGDYVFWKIPISLLPLNTQGIPHAAMDWYQTSVFKEAVQGHTHIVSVSTADVLIMC
KDLITCRFNTTLISKIAEVEDPVCSDYPNFKIVSMLYQSGDYLLSILGSDGYKIIKFLEPLCLAKIQLCSKYTERKGRFL
TQMHLAVNHTLEEITEIRALKPSQAHKIREFHRTLIRLEMTPQQLCELFSIQKHWGHPVLHSETAIQKVKKHATVLKALR
PIVIFETYCVFKYSIAKHYFDSQGSWYSVTSDRNLTPGLNSYIKRNQFPPLPMIKELLWEFYHLDHPPLFSTKIISDLSI
FIKDRATAVERTCWDAVFEPNVLGYNPPHKFSTKRVPEQFLEQENFSIENVLSYAQKLEYLLPQYRNFSFSLKEKELNVG
RTFGKLPYPTRNVQTLCEALLADGLAKAFPSNMMVVTEREQKESLLHQASWHHTSDDFGEHATVRGSSFVTDLEKYNLAF
RYEFTAPFIEYCNRCYGVKNVFNWMHYTIPQCYMHVSDYYNPPHNLTLENRNNPPEGPSSYRGHMGGIEGLQQKLWTSIS
CAQISLVEIKTGFKLRSAVMGDNQCITVLSVFPLETDADEQEQSAEDNAARVAASLAKVTSACGIFLKPDETFVHSGFIY
FGKKQYLNGVQLPQSLKTATRMAPLSDAIFDDLQGTLASIGTAFERSISETRHIFPCRITAAFHTFFSVRILQYHHLGFN
KGFDLGQLTLGKPLDFGTISLALAVPQVLGGLSFLNPEKCFYRNLGDPVTSGLFQLKTYLRMIEMDDLFLPLIAKNPGNC
TAIDFVLNPSGLNVPGSQDLTSFLRQIVRRTITLSAKNKLINTLFHASADFEDEMVCKWLLSSTPVMSRFAADIFSRTPS
GKRLQILGYLEGTRTLLASKIINNNTETPVLDRLRKITLQRWSLWFSYLDHCDNILAEALTQITCTVDLAQILREYSWAH
ILEGRPLIGATLPCMIEQFKVVWLKPYEQCPQCSNAKQPGGKPFVSVAVKKHIVSAWPNASRISWTIGDGIPYIGSRTED
KIGQPAIKPKCPSAALREAIELASRLTWVTQGSSNSDLLIKPFLEARVNLSVQEILQMTPSHYSGNIVHRYNDQYSPHSF
MANRMSNSATRLIVSTNTLGEFSGGGQSARDSNIIFQNVINYAVALFDIKFRNTEATDIQYNRAHLHLTKCCTREVPAQY
LTYTSTLDLDLTRYRENELIYDNNPLKGGLNCNISFDNPFFQGKQLNIIEDDLIRLPHLSGWELAKTIMQSIISDSNNSS
TDPISSGETRSFTTHFLTYPKIGLLYSFGAFVSYYLGNTILRTKKLTLDNFLYYLTTQIHNLPHRSLRILKPTFKHASVM
SRLMSIDPHFSIYIGGAAGDRGLSDAARLFLRTSISSFLTFVKEWIINRGTIVPLWIVYPLEGQNPTPVNNFLHQIVELL
VHDSSRHQAFKTTINDHVHPHDNLVYTCKSTASNFFHASLAYWRSRHRNSNRKDLTRNSSTGSSTNNSDGHIKRSQEQTT
RDPHDGTERSLVLQMSHEIKRTTIPQENTHQGPSFQSFLSDSACGTANPKLNFDRSRHNVKSQDHNSASKREGHQIISHR
LVLPFFTLSQGTRQLTSSNESQTQDEISKYLRQLRSVIDTTVYCRFTGIVSSMHYKLDEVLWEIENFKSAVTLAEGEGAG
ALLLIQKYQVKTLFFNTLATESSIESEIVSGMTTPRMLLPVMSKFHNDQIEIILNNSASQITDITNPTWFKDQRARLPRQ
VEVITMDAETTENINRSKLYEAVHKLILHHVDPSVLKAVVLKVFLSDTEGMLWLNDNLAPFFATGYLIKPITSSARSSEW
YLCLTNFLSTTRKMPHQNHLSCKQVILTALQLQIQRSPYWLSHLTQYADCDLHLSYIRLGFPSLEKVLYHRYNLVDSKRG
PLVSVTQHLAHLRAEIRELTNDYNQQRQSRTQTYHFIRTAKGRITKLVNDYLKFFLIVQALKHNGTWQAEFKKLPELISV
CNRFYHIRDCNCEERFLVQTLYLHRMQDSEVKLIERLTGLLSLFPDGLYRFD
;
A
2 'polypeptide(L)'
;MTTRTKGRGHTVATTQNDRMPGPELSGWISEQLMTGRIPVNDIFCDIENNPGLCYASQMQQTKPNPKMRNSQTQTDPICN
HSFEEVVQTLASLATVVQQQTIASESLEQRITSLENGLKPVYDMAKTISSLNRVCAEMVAKYDLLVMTTGRATATAAATE
AYWAEHGQPPPGPSLYEESAIRGKIESRDETVPQSVREAFNNLDSTTSLTEENFGKPDISAKDLRNIMYDHLPGFGTAFH
QLVQVICKLGKDSNSLDIIHAEFQASLAEGDSPQCALIQITKRVPIFQDAAPPVIHIRSRGDIPRACQKSLRPVPPSPKI
DRGWVCVFQLQDGKTLGLKI
;
B,C,D,E
#
# COMPACT_ATOMS: atom_id res chain seq x y z
N TYR A 8 29.70 6.08 -21.10
CA TYR A 8 30.05 4.72 -20.67
C TYR A 8 28.83 3.82 -20.62
N PRO A 9 28.60 3.06 -21.68
CA PRO A 9 27.44 2.16 -21.71
C PRO A 9 27.55 1.07 -20.67
N ASP A 10 26.40 0.66 -20.13
CA ASP A 10 26.34 -0.38 -19.12
C ASP A 10 26.06 -1.74 -19.76
N ALA A 11 26.38 -2.79 -19.02
CA ALA A 11 26.28 -4.16 -19.51
C ALA A 11 25.06 -4.90 -18.97
N ARG A 12 24.19 -4.23 -18.23
CA ARG A 12 23.01 -4.86 -17.66
C ARG A 12 21.78 -4.01 -17.94
N LEU A 13 20.62 -4.66 -17.92
CA LEU A 13 19.36 -3.97 -18.12
C LEU A 13 19.04 -3.10 -16.91
N SER A 14 18.93 -1.79 -17.13
CA SER A 14 18.59 -0.87 -16.06
C SER A 14 17.63 0.23 -16.47
N SER A 15 17.13 0.21 -17.71
CA SER A 15 16.23 1.24 -18.20
C SER A 15 15.06 0.59 -18.93
N PRO A 16 13.91 1.24 -18.97
CA PRO A 16 12.78 0.71 -19.74
C PRO A 16 13.10 0.69 -21.23
N ILE A 17 12.52 -0.29 -21.93
CA ILE A 17 12.78 -0.49 -23.34
C ILE A 17 11.77 0.33 -24.13
N VAL A 18 12.23 1.44 -24.70
CA VAL A 18 11.42 2.29 -25.57
C VAL A 18 12.08 2.34 -26.93
N LEU A 19 11.32 2.03 -27.98
CA LEU A 19 11.82 2.00 -29.34
C LEU A 19 11.18 3.08 -30.20
N ASP A 20 10.91 4.24 -29.60
CA ASP A 20 10.31 5.33 -30.36
C ASP A 20 11.32 5.99 -31.30
N GLN A 21 12.60 6.03 -30.91
CA GLN A 21 13.60 6.66 -31.73
C GLN A 21 13.93 5.85 -32.98
N CYS A 22 13.65 4.55 -32.98
CA CYS A 22 13.95 3.72 -34.14
C CYS A 22 13.22 4.19 -35.38
N ASP A 23 12.06 4.84 -35.20
CA ASP A 23 11.34 5.40 -36.34
C ASP A 23 12.22 6.35 -37.13
N LEU A 24 13.11 7.08 -36.45
CA LEU A 24 14.06 7.93 -37.16
C LEU A 24 15.06 7.10 -37.95
N VAL A 25 15.60 6.05 -37.33
CA VAL A 25 16.65 5.26 -37.98
C VAL A 25 16.13 4.65 -39.26
N THR A 26 14.98 3.98 -39.19
CA THR A 26 14.38 3.39 -40.39
C THR A 26 14.00 4.44 -41.41
N ARG A 27 13.81 5.69 -40.99
CA ARG A 27 13.56 6.76 -41.95
C ARG A 27 14.83 7.15 -42.69
N ALA A 28 16.00 7.05 -42.03
CA ALA A 28 17.25 7.39 -42.68
C ALA A 28 17.70 6.32 -43.66
N CYS A 29 17.34 5.07 -43.42
CA CYS A 29 17.72 3.95 -44.27
C CYS A 29 16.71 3.67 -45.37
N GLY A 30 15.69 4.51 -45.52
CA GLY A 30 14.68 4.30 -46.53
C GLY A 30 13.79 3.11 -46.28
N LEU A 31 13.41 2.87 -45.04
CA LEU A 31 12.48 1.81 -44.66
C LEU A 31 11.22 2.43 -44.06
N TYR A 32 10.30 1.57 -43.64
CA TYR A 32 9.06 2.01 -43.00
C TYR A 32 8.89 1.24 -41.70
N SER A 33 8.74 1.96 -40.60
CA SER A 33 8.56 1.34 -39.29
C SER A 33 7.65 2.23 -38.46
N SER A 34 6.50 1.70 -38.05
CA SER A 34 5.56 2.43 -37.19
C SER A 34 5.71 1.99 -35.74
N TYR A 35 6.90 2.23 -35.17
CA TYR A 35 7.14 1.85 -33.78
C TYR A 35 6.40 2.76 -32.82
N SER A 36 6.45 4.07 -33.05
CA SER A 36 5.90 5.05 -32.13
C SER A 36 4.49 5.45 -32.54
N LEU A 37 3.69 5.80 -31.53
CA LEU A 37 2.31 6.24 -31.75
C LEU A 37 2.21 7.73 -32.02
N ASN A 38 3.32 8.46 -31.97
CA ASN A 38 3.30 9.90 -32.19
C ASN A 38 3.49 10.19 -33.67
N PRO A 39 2.50 10.79 -34.34
CA PRO A 39 2.66 11.09 -35.78
C PRO A 39 3.74 12.10 -36.08
N GLN A 40 4.19 12.89 -35.09
CA GLN A 40 5.20 13.91 -35.35
C GLN A 40 6.49 13.30 -35.88
N LEU A 41 6.86 12.12 -35.38
CA LEU A 41 8.07 11.45 -35.84
C LEU A 41 7.96 10.98 -37.29
N ARG A 42 6.77 10.99 -37.87
CA ARG A 42 6.62 10.55 -39.26
C ARG A 42 7.19 11.56 -40.24
N ASN A 43 7.25 12.84 -39.87
CA ASN A 43 7.73 13.87 -40.78
C ASN A 43 8.62 14.89 -40.08
N CYS A 44 9.21 14.52 -38.95
CA CYS A 44 10.12 15.42 -38.26
C CYS A 44 11.49 15.40 -38.92
N LYS A 45 12.26 16.47 -38.67
CA LYS A 45 13.61 16.54 -39.21
C LYS A 45 14.55 15.62 -38.45
N LEU A 46 15.34 14.85 -39.18
CA LEU A 46 16.27 13.92 -38.57
C LEU A 46 17.42 14.68 -37.89
N PRO A 47 18.01 14.11 -36.85
CA PRO A 47 19.15 14.76 -36.20
C PRO A 47 20.36 14.79 -37.12
N LYS A 48 21.40 15.49 -36.66
CA LYS A 48 22.65 15.53 -37.42
C LYS A 48 23.26 14.14 -37.52
N HIS A 49 23.29 13.41 -36.42
CA HIS A 49 23.61 11.98 -36.48
C HIS A 49 22.37 11.22 -36.95
N ILE A 50 22.47 9.89 -36.96
CA ILE A 50 21.48 8.96 -37.53
C ILE A 50 20.84 9.53 -38.79
N TYR A 51 21.60 10.33 -39.53
CA TYR A 51 21.23 10.82 -40.85
C TYR A 51 22.31 10.59 -41.89
N ARG A 52 23.57 10.48 -41.49
CA ARG A 52 24.65 10.07 -42.38
C ARG A 52 24.53 8.63 -42.82
N LEU A 53 23.49 7.92 -42.41
CA LEU A 53 23.27 6.55 -42.87
C LEU A 53 23.03 6.51 -44.37
N LYS A 54 22.54 7.60 -44.95
CA LYS A 54 22.43 7.68 -46.40
C LYS A 54 23.82 7.67 -47.05
N TYR A 55 24.80 8.27 -46.39
CA TYR A 55 26.17 8.32 -46.88
C TYR A 55 27.03 7.16 -46.39
N ASP A 56 26.45 6.25 -45.60
CA ASP A 56 27.18 5.10 -45.10
C ASP A 56 27.13 3.97 -46.13
N VAL A 57 28.27 3.33 -46.36
CA VAL A 57 28.35 2.30 -47.38
C VAL A 57 28.07 0.90 -46.80
N THR A 58 28.51 0.63 -45.57
CA THR A 58 28.24 -0.67 -44.97
C THR A 58 26.74 -0.91 -44.79
N VAL A 59 26.02 0.11 -44.30
CA VAL A 59 24.58 -0.02 -44.13
C VAL A 59 23.89 -0.18 -45.48
N THR A 60 24.34 0.58 -46.48
CA THR A 60 23.74 0.48 -47.81
C THR A 60 23.94 -0.91 -48.40
N LYS A 61 25.13 -1.47 -48.24
CA LYS A 61 25.36 -2.84 -48.73
C LYS A 61 24.56 -3.86 -47.93
N PHE A 62 24.38 -3.62 -46.62
CA PHE A 62 23.62 -4.56 -45.80
C PHE A 62 22.17 -4.65 -46.24
N LEU A 63 21.56 -3.50 -46.59
CA LEU A 63 20.15 -3.43 -46.93
C LEU A 63 19.90 -3.47 -48.44
N SER A 64 20.74 -4.17 -49.18
CA SER A 64 20.60 -4.27 -50.63
C SER A 64 19.79 -5.47 -51.07
N ASP A 65 19.30 -6.30 -50.14
CA ASP A 65 18.52 -7.47 -50.51
C ASP A 65 17.32 -7.68 -49.58
N VAL A 66 16.81 -6.62 -48.95
CA VAL A 66 15.71 -6.75 -48.01
C VAL A 66 14.57 -5.82 -48.44
N PRO A 67 13.32 -6.12 -48.10
CA PRO A 67 12.22 -5.24 -48.50
C PRO A 67 12.26 -3.92 -47.75
N VAL A 68 11.56 -2.94 -48.32
CA VAL A 68 11.46 -1.63 -47.66
C VAL A 68 10.70 -1.77 -46.35
N ALA A 69 9.71 -2.65 -46.29
CA ALA A 69 8.96 -2.87 -45.06
C ALA A 69 9.80 -3.66 -44.06
N THR A 70 9.82 -3.19 -42.82
CA THR A 70 10.52 -3.86 -41.73
C THR A 70 9.52 -4.52 -40.80
N LEU A 71 10.03 -5.12 -39.74
CA LEU A 71 9.19 -5.90 -38.84
C LEU A 71 9.47 -5.52 -37.40
N PRO A 72 8.44 -5.52 -36.53
CA PRO A 72 8.67 -5.18 -35.12
C PRO A 72 9.55 -6.22 -34.43
N ILE A 73 10.30 -5.75 -33.44
CA ILE A 73 11.20 -6.63 -32.70
C ILE A 73 10.48 -7.34 -31.55
N ASP A 74 9.24 -6.98 -31.24
CA ASP A 74 8.51 -7.65 -30.17
C ASP A 74 8.29 -9.12 -30.50
N PHE A 75 7.93 -9.40 -31.76
CA PHE A 75 7.62 -10.76 -32.19
C PHE A 75 8.86 -11.56 -32.55
N ILE A 76 10.03 -10.94 -32.58
CA ILE A 76 11.24 -11.60 -33.08
C ILE A 76 12.19 -12.00 -31.96
N VAL A 77 12.12 -11.37 -30.78
CA VAL A 77 13.02 -11.75 -29.69
C VAL A 77 12.91 -13.22 -29.33
N PRO A 78 11.72 -13.81 -29.16
CA PRO A 78 11.66 -15.26 -28.93
C PRO A 78 12.24 -16.08 -30.08
N ILE A 79 12.14 -15.59 -31.31
CA ILE A 79 12.73 -16.29 -32.44
C ILE A 79 14.25 -16.29 -32.33
N LEU A 80 14.84 -15.13 -32.02
CA LEU A 80 16.29 -15.05 -31.89
C LEU A 80 16.79 -15.83 -30.68
N LEU A 81 15.97 -15.95 -29.64
CA LEU A 81 16.40 -16.68 -28.45
C LEU A 81 16.62 -18.17 -28.73
N LYS A 82 16.03 -18.71 -29.79
CA LYS A 82 16.20 -20.12 -30.14
C LYS A 82 16.93 -20.34 -31.45
N ALA A 83 16.94 -19.37 -32.35
CA ALA A 83 17.58 -19.52 -33.65
C ALA A 83 19.01 -19.01 -33.69
N LEU A 84 19.55 -18.55 -32.57
CA LEU A 84 20.91 -18.03 -32.50
C LEU A 84 21.76 -18.98 -31.65
N SER A 85 22.81 -19.50 -32.26
CA SER A 85 23.79 -20.33 -31.57
C SER A 85 25.17 -20.00 -32.13
N GLY A 86 26.20 -20.31 -31.35
CA GLY A 86 27.53 -19.89 -31.76
C GLY A 86 28.20 -20.84 -32.71
N ASN A 87 28.10 -20.55 -34.01
CA ASN A 87 28.75 -21.33 -35.05
C ASN A 87 29.40 -20.40 -36.08
N GLY A 88 28.94 -19.16 -36.14
CA GLY A 88 29.35 -18.23 -37.16
C GLY A 88 30.66 -17.54 -36.84
N PHE A 89 30.93 -16.47 -37.57
CA PHE A 89 32.16 -15.70 -37.46
C PHE A 89 31.86 -14.36 -36.80
N CYS A 90 32.62 -14.02 -35.76
CA CYS A 90 32.45 -12.77 -35.05
C CYS A 90 33.74 -11.97 -35.06
N PRO A 91 33.65 -10.65 -35.17
CA PRO A 91 34.87 -9.81 -35.20
C PRO A 91 35.71 -9.87 -33.95
N VAL A 92 35.18 -10.30 -32.80
CA VAL A 92 35.97 -10.39 -31.58
C VAL A 92 37.02 -11.48 -31.76
N GLU A 93 38.28 -11.13 -31.46
CA GLU A 93 39.36 -12.08 -31.72
C GLU A 93 39.39 -13.21 -30.69
N PRO A 94 39.50 -12.95 -29.38
CA PRO A 94 39.37 -14.05 -28.41
C PRO A 94 37.90 -14.34 -28.14
N ARG A 95 37.41 -15.47 -28.67
CA ARG A 95 36.03 -15.85 -28.46
C ARG A 95 35.82 -16.32 -27.03
N CYS A 96 34.66 -15.98 -26.47
CA CYS A 96 34.35 -16.39 -25.11
C CYS A 96 34.29 -17.91 -24.95
N GLN A 97 34.04 -18.63 -26.04
CA GLN A 97 33.98 -20.09 -25.97
C GLN A 97 35.35 -20.74 -25.91
N GLN A 98 36.41 -20.02 -26.27
CA GLN A 98 37.73 -20.64 -26.32
C GLN A 98 38.27 -20.93 -24.91
N PHE A 99 38.00 -20.05 -23.95
CA PHE A 99 38.36 -20.32 -22.56
C PHE A 99 37.16 -20.86 -21.79
N LEU A 100 36.67 -22.01 -22.25
CA LEU A 100 35.58 -22.71 -21.58
C LEU A 100 36.06 -23.81 -20.66
N ASP A 101 36.88 -24.74 -21.17
CA ASP A 101 37.31 -25.88 -20.37
C ASP A 101 37.98 -25.44 -19.08
N GLU A 102 38.84 -24.41 -19.14
CA GLU A 102 39.46 -23.89 -17.93
C GLU A 102 38.41 -23.56 -16.88
N ILE A 103 37.36 -22.82 -17.27
CA ILE A 103 36.29 -22.52 -16.34
C ILE A 103 35.73 -23.81 -15.76
N ILE A 104 35.43 -24.78 -16.62
CA ILE A 104 34.93 -26.06 -16.15
C ILE A 104 35.89 -26.64 -15.12
N LYS A 105 37.18 -26.63 -15.43
CA LYS A 105 38.17 -27.13 -14.48
C LYS A 105 38.04 -26.41 -13.14
N TYR A 106 37.96 -25.09 -13.17
CA TYR A 106 37.86 -24.33 -11.93
C TYR A 106 36.62 -24.76 -11.15
N THR A 107 35.54 -25.08 -11.85
CA THR A 107 34.33 -25.51 -11.17
C THR A 107 34.56 -26.81 -10.39
N MET A 108 35.30 -27.76 -10.98
CA MET A 108 35.61 -28.97 -10.23
C MET A 108 36.47 -28.65 -9.02
N GLN A 109 37.23 -27.56 -9.07
CA GLN A 109 38.02 -27.16 -7.91
C GLN A 109 37.16 -26.63 -6.77
N ASP A 110 35.84 -26.58 -6.95
CA ASP A 110 34.95 -26.40 -5.81
C ASP A 110 34.14 -27.65 -5.51
N ALA A 111 34.09 -28.60 -6.45
CA ALA A 111 33.84 -29.99 -6.06
C ALA A 111 35.04 -30.55 -5.32
N LEU A 112 36.16 -29.84 -5.38
CA LEU A 112 37.29 -29.87 -4.48
C LEU A 112 36.94 -29.03 -3.26
N PHE A 113 37.93 -28.35 -2.70
CA PHE A 113 37.99 -27.84 -1.33
C PHE A 113 36.69 -27.69 -0.56
N LEU A 114 35.61 -27.21 -1.19
CA LEU A 114 34.34 -27.11 -0.46
C LEU A 114 33.99 -28.44 0.22
N LYS A 115 34.08 -29.54 -0.53
CA LYS A 115 33.97 -30.86 0.09
C LYS A 115 35.04 -31.06 1.16
N TYR A 116 36.27 -30.67 0.85
CA TYR A 116 37.36 -30.82 1.82
C TYR A 116 37.12 -29.95 3.05
N TYR A 117 36.60 -28.73 2.86
CA TYR A 117 36.31 -27.87 4.00
C TYR A 117 35.23 -28.47 4.89
N LEU A 118 34.15 -28.97 4.29
CA LEU A 118 33.11 -29.60 5.09
C LEU A 118 33.61 -30.86 5.79
N LYS A 119 34.50 -31.61 5.14
CA LYS A 119 35.10 -32.77 5.79
C LYS A 119 35.96 -32.35 6.98
N ASN A 120 36.75 -31.28 6.81
CA ASN A 120 37.61 -30.82 7.88
C ASN A 120 36.80 -30.32 9.07
N VAL A 121 35.74 -29.57 8.81
CA VAL A 121 34.89 -29.07 9.89
C VAL A 121 34.25 -30.23 10.64
N GLY A 122 33.77 -31.23 9.92
CA GLY A 122 33.11 -32.38 10.51
C GLY A 122 31.73 -32.68 9.97
N ALA A 123 31.19 -31.82 9.09
CA ALA A 123 29.87 -32.09 8.53
C ALA A 123 29.92 -33.19 7.47
N GLN A 124 30.70 -32.96 6.41
CA GLN A 124 30.82 -33.86 5.26
C GLN A 124 29.51 -34.54 4.92
N GLU A 125 29.52 -35.85 4.73
CA GLU A 125 28.31 -36.60 4.45
C GLU A 125 28.55 -38.06 4.80
N ASP A 126 27.56 -38.68 5.45
CA ASP A 126 27.68 -40.09 5.80
C ASP A 126 27.76 -40.96 4.55
N CYS A 127 26.93 -40.66 3.55
CA CYS A 127 26.95 -41.37 2.29
C CYS A 127 27.90 -40.65 1.32
N VAL A 128 28.99 -41.32 0.96
CA VAL A 128 29.99 -40.77 0.08
C VAL A 128 29.98 -41.55 -1.23
N ASP A 129 29.81 -40.85 -2.34
CA ASP A 129 29.80 -41.45 -3.67
C ASP A 129 31.05 -41.02 -4.44
N ASP A 130 31.72 -42.01 -5.05
CA ASP A 130 32.92 -41.70 -5.83
C ASP A 130 32.56 -40.97 -7.12
N HIS A 131 31.46 -41.36 -7.76
CA HIS A 131 31.06 -40.78 -9.04
C HIS A 131 30.33 -39.48 -8.79
N PHE A 132 31.10 -38.42 -8.58
CA PHE A 132 30.57 -37.09 -8.34
C PHE A 132 31.14 -36.03 -9.26
N GLN A 133 32.43 -36.13 -9.60
CA GLN A 133 33.07 -35.09 -10.41
C GLN A 133 32.57 -35.14 -11.86
N GLU A 134 32.53 -36.33 -12.45
CA GLU A 134 32.08 -36.44 -13.83
C GLU A 134 30.60 -36.13 -13.97
N LYS A 135 29.82 -36.35 -12.91
CA LYS A 135 28.42 -35.93 -12.93
C LYS A 135 28.32 -34.42 -13.10
N ILE A 136 29.12 -33.67 -12.35
CA ILE A 136 29.12 -32.22 -12.48
C ILE A 136 29.63 -31.81 -13.87
N LEU A 137 30.68 -32.49 -14.35
CA LEU A 137 31.21 -32.15 -15.67
C LEU A 137 30.17 -32.36 -16.77
N SER A 138 29.45 -33.48 -16.71
CA SER A 138 28.42 -33.74 -17.71
C SER A 138 27.24 -32.80 -17.57
N SER A 139 26.87 -32.45 -16.33
CA SER A 139 25.77 -31.52 -16.12
C SER A 139 26.08 -30.14 -16.70
N ILE A 140 27.29 -29.65 -16.47
CA ILE A 140 27.66 -28.34 -17.02
C ILE A 140 27.82 -28.42 -18.53
N GLN A 141 28.51 -29.45 -19.02
CA GLN A 141 28.77 -29.56 -20.45
C GLN A 141 27.47 -29.76 -21.24
N GLY A 142 26.57 -30.58 -20.73
CA GLY A 142 25.32 -30.86 -21.42
C GLY A 142 24.21 -29.88 -21.09
N ASN A 143 24.51 -28.58 -21.18
CA ASN A 143 23.55 -27.53 -20.90
C ASN A 143 23.03 -26.94 -22.20
N GLU A 144 21.72 -26.76 -22.28
CA GLU A 144 21.11 -26.28 -23.52
C GLU A 144 21.51 -24.85 -23.83
N PHE A 145 21.65 -24.01 -22.81
CA PHE A 145 21.90 -22.58 -22.99
C PHE A 145 23.36 -22.22 -22.73
N LEU A 146 24.31 -23.08 -23.10
CA LEU A 146 25.71 -22.81 -22.83
C LEU A 146 26.37 -22.07 -23.99
N HIS A 147 26.35 -22.65 -25.19
CA HIS A 147 26.98 -22.01 -26.33
C HIS A 147 26.25 -20.73 -26.73
N GLN A 148 24.93 -20.73 -26.62
CA GLN A 148 24.16 -19.51 -26.89
C GLN A 148 24.55 -18.42 -25.92
N MET A 149 24.83 -18.77 -24.67
CA MET A 149 25.26 -17.78 -23.68
C MET A 149 26.58 -17.13 -24.10
N PHE A 150 27.54 -17.95 -24.54
CA PHE A 150 28.82 -17.39 -24.97
C PHE A 150 28.65 -16.52 -26.21
N PHE A 151 27.82 -16.94 -27.15
CA PHE A 151 27.58 -16.11 -28.34
C PHE A 151 26.93 -14.78 -27.95
N TRP A 152 25.96 -14.82 -27.04
CA TRP A 152 25.31 -13.58 -26.61
C TRP A 152 26.27 -12.67 -25.86
N TYR A 153 27.20 -13.24 -25.10
CA TYR A 153 28.19 -12.40 -24.43
C TYR A 153 29.17 -11.80 -25.42
N ASP A 154 29.51 -12.54 -26.48
CA ASP A 154 30.28 -11.96 -27.58
C ASP A 154 29.53 -10.78 -28.19
N LEU A 155 28.23 -10.95 -28.43
CA LEU A 155 27.44 -9.87 -29.01
C LEU A 155 27.37 -8.67 -28.08
N ALA A 156 27.23 -8.92 -26.77
CA ALA A 156 27.18 -7.82 -25.80
C ALA A 156 28.50 -7.06 -25.76
N ILE A 157 29.63 -7.77 -25.78
CA ILE A 157 30.93 -7.11 -25.80
C ILE A 157 31.07 -6.26 -27.06
N LEU A 158 30.69 -6.84 -28.20
CA LEU A 158 30.80 -6.12 -29.47
C LEU A 158 29.94 -4.87 -29.48
N THR A 159 28.70 -4.97 -28.99
CA THR A 159 27.81 -3.81 -29.02
C THR A 159 28.22 -2.77 -27.98
N ARG A 160 28.79 -3.18 -26.86
CA ARG A 160 29.32 -2.20 -25.91
C ARG A 160 30.48 -1.43 -26.53
N ARG A 161 31.39 -2.14 -27.21
CA ARG A 161 32.49 -1.45 -27.88
C ARG A 161 31.99 -0.53 -28.97
N GLY A 162 30.99 -0.96 -29.73
CA GLY A 162 30.44 -0.10 -30.78
C GLY A 162 29.73 1.12 -30.24
N ARG A 163 29.02 0.96 -29.12
CA ARG A 163 28.30 2.08 -28.52
C ARG A 163 29.24 3.05 -27.83
N LEU A 164 30.38 2.57 -27.34
CA LEU A 164 31.33 3.45 -26.67
C LEU A 164 31.82 4.55 -27.59
N ASN A 165 32.09 4.23 -28.86
CA ASN A 165 32.55 5.24 -29.80
C ASN A 165 31.39 6.05 -30.35
N ARG A 166 30.51 5.41 -31.12
CA ARG A 166 29.23 5.96 -31.53
C ARG A 166 29.38 7.15 -32.48
N GLY A 167 30.61 7.61 -32.67
CA GLY A 167 30.83 8.81 -33.46
C GLY A 167 32.03 8.75 -34.39
N ASN A 168 32.36 7.56 -34.88
CA ASN A 168 33.48 7.40 -35.80
C ASN A 168 33.19 6.20 -36.70
N SER A 169 34.22 5.74 -37.40
CA SER A 169 34.09 4.58 -38.28
C SER A 169 34.14 3.26 -37.53
N ARG A 170 34.51 3.26 -36.25
CA ARG A 170 34.59 2.05 -35.46
C ARG A 170 33.25 1.67 -34.82
N SER A 171 32.20 2.46 -35.07
CA SER A 171 30.90 2.22 -34.47
C SER A 171 30.06 1.21 -35.25
N THR A 172 30.57 0.69 -36.37
CA THR A 172 29.83 -0.25 -37.20
C THR A 172 30.47 -1.63 -37.11
N TRP A 173 29.67 -2.63 -36.75
CA TRP A 173 30.14 -4.00 -36.66
C TRP A 173 29.12 -4.93 -37.32
N PHE A 174 29.62 -6.06 -37.80
CA PHE A 174 28.81 -7.03 -38.56
C PHE A 174 29.05 -8.43 -38.05
N VAL A 175 27.97 -9.21 -37.93
CA VAL A 175 28.02 -10.60 -37.51
C VAL A 175 27.15 -11.40 -38.47
N HIS A 176 27.68 -12.52 -38.96
CA HIS A 176 26.96 -13.41 -39.87
C HIS A 176 26.87 -14.77 -39.21
N ASP A 177 25.82 -14.98 -38.42
CA ASP A 177 25.67 -16.21 -37.64
C ASP A 177 24.71 -17.13 -38.42
N ASP A 178 25.28 -17.91 -39.34
CA ASP A 178 24.56 -18.91 -40.10
C ASP A 178 23.39 -18.29 -40.86
N LEU A 179 22.18 -18.43 -40.33
CA LEU A 179 20.97 -17.96 -40.99
C LEU A 179 20.52 -16.58 -40.53
N ILE A 180 21.29 -15.93 -39.66
CA ILE A 180 20.94 -14.63 -39.13
C ILE A 180 22.08 -13.66 -39.41
N ASP A 181 21.73 -12.42 -39.72
CA ASP A 181 22.71 -11.35 -39.89
C ASP A 181 22.43 -10.24 -38.89
N ILE A 182 23.48 -9.68 -38.31
CA ILE A 182 23.35 -8.60 -37.34
C ILE A 182 24.30 -7.49 -37.75
N LEU A 183 23.80 -6.26 -37.80
CA LEU A 183 24.62 -5.09 -38.11
C LEU A 183 24.38 -4.05 -37.02
N GLY A 184 25.42 -3.76 -36.23
CA GLY A 184 25.32 -2.80 -35.16
C GLY A 184 25.98 -1.49 -35.54
N TYR A 185 25.19 -0.42 -35.49
CA TYR A 185 25.66 0.93 -35.78
C TYR A 185 25.20 1.84 -34.65
N GLY A 186 26.13 2.28 -33.82
CA GLY A 186 25.92 3.37 -32.88
C GLY A 186 24.63 3.35 -32.10
N ASP A 187 24.47 2.36 -31.21
CA ASP A 187 23.33 2.20 -30.30
C ASP A 187 22.12 1.64 -31.04
N TYR A 188 22.24 1.28 -32.31
CA TYR A 188 21.15 0.68 -33.06
C TYR A 188 21.60 -0.64 -33.67
N VAL A 189 20.66 -1.56 -33.83
CA VAL A 189 20.94 -2.91 -34.29
C VAL A 189 19.95 -3.27 -35.39
N PHE A 190 20.46 -3.82 -36.49
CA PHE A 190 19.64 -4.32 -37.59
C PHE A 190 19.75 -5.84 -37.62
N TRP A 191 18.61 -6.52 -37.58
CA TRP A 191 18.53 -7.97 -37.66
C TRP A 191 17.98 -8.37 -39.02
N LYS A 192 18.74 -9.18 -39.76
CA LYS A 192 18.26 -9.75 -41.01
C LYS A 192 17.99 -11.23 -40.75
N ILE A 193 16.72 -11.62 -40.85
CA ILE A 193 16.27 -12.98 -40.51
C ILE A 193 15.47 -13.56 -41.67
N PRO A 194 15.44 -14.88 -41.83
CA PRO A 194 14.63 -15.46 -42.91
C PRO A 194 13.15 -15.31 -42.65
N ILE A 195 12.37 -15.24 -43.73
CA ILE A 195 10.92 -15.14 -43.62
C ILE A 195 10.35 -16.44 -43.05
N SER A 196 10.94 -17.57 -43.41
CA SER A 196 10.37 -18.87 -43.06
C SER A 196 10.31 -19.11 -41.56
N LEU A 197 11.11 -18.40 -40.76
CA LEU A 197 11.10 -18.63 -39.32
C LEU A 197 9.87 -18.03 -38.67
N LEU A 198 9.32 -16.97 -39.23
CA LEU A 198 8.19 -16.29 -38.61
C LEU A 198 6.93 -17.14 -38.69
N PRO A 199 6.16 -17.27 -37.60
CA PRO A 199 4.86 -17.93 -37.70
C PRO A 199 3.93 -17.16 -38.62
N LEU A 200 3.07 -17.89 -39.32
CA LEU A 200 2.21 -17.32 -40.35
C LEU A 200 0.80 -17.09 -39.83
N ASN A 201 0.23 -15.93 -40.17
CA ASN A 201 -1.18 -15.67 -39.96
C ASN A 201 -2.00 -16.50 -40.94
N THR A 202 -3.29 -16.66 -40.63
CA THR A 202 -4.17 -17.41 -41.52
C THR A 202 -4.38 -16.71 -42.85
N GLN A 203 -4.03 -15.42 -42.95
CA GLN A 203 -4.11 -14.70 -44.21
C GLN A 203 -2.87 -14.87 -45.08
N GLY A 204 -1.83 -15.54 -44.58
CA GLY A 204 -0.62 -15.76 -45.33
C GLY A 204 0.52 -14.82 -45.03
N ILE A 205 0.40 -14.01 -43.98
CA ILE A 205 1.45 -13.05 -43.60
C ILE A 205 1.95 -13.42 -42.21
N PRO A 206 3.14 -12.99 -41.81
CA PRO A 206 3.57 -13.22 -40.42
C PRO A 206 2.68 -12.49 -39.44
N HIS A 207 2.56 -13.06 -38.23
CA HIS A 207 1.75 -12.43 -37.19
C HIS A 207 2.29 -11.05 -36.83
N ALA A 208 3.59 -10.83 -37.00
CA ALA A 208 4.18 -9.54 -36.67
C ALA A 208 3.76 -8.45 -37.65
N ALA A 209 3.60 -8.79 -38.93
CA ALA A 209 3.33 -7.78 -39.95
C ALA A 209 1.87 -7.37 -40.02
N MET A 210 0.95 -8.12 -39.39
CA MET A 210 -0.45 -7.76 -39.45
C MET A 210 -0.79 -6.56 -38.58
N ASP A 211 0.10 -6.17 -37.67
CA ASP A 211 -0.14 -5.02 -36.81
C ASP A 211 0.16 -3.70 -37.51
N TRP A 212 1.12 -3.69 -38.44
CA TRP A 212 1.49 -2.48 -39.17
C TRP A 212 1.01 -2.44 -40.60
N TYR A 213 0.83 -3.59 -41.25
CA TYR A 213 0.51 -3.65 -42.66
C TYR A 213 -0.79 -4.42 -42.86
N GLN A 214 -1.51 -4.06 -43.93
CA GLN A 214 -2.65 -4.86 -44.34
C GLN A 214 -2.15 -6.13 -45.03
N THR A 215 -3.07 -7.08 -45.21
CA THR A 215 -2.71 -8.35 -45.84
C THR A 215 -2.20 -8.13 -47.27
N SER A 216 -2.87 -7.26 -48.02
CA SER A 216 -2.42 -6.99 -49.38
C SER A 216 -1.15 -6.16 -49.41
N VAL A 217 -0.94 -5.29 -48.41
CA VAL A 217 0.24 -4.45 -48.40
C VAL A 217 1.49 -5.27 -48.12
N PHE A 218 1.40 -6.22 -47.19
CA PHE A 218 2.54 -7.09 -46.91
C PHE A 218 2.51 -8.36 -47.77
N LYS A 219 2.28 -8.17 -49.06
CA LYS A 219 2.49 -9.22 -50.04
C LYS A 219 3.17 -8.72 -51.30
N GLU A 220 3.06 -7.44 -51.64
CA GLU A 220 3.84 -6.85 -52.71
C GLU A 220 5.11 -6.18 -52.22
N ALA A 221 5.20 -5.90 -50.91
CA ALA A 221 6.43 -5.37 -50.35
C ALA A 221 7.55 -6.42 -50.37
N VAL A 222 7.20 -7.69 -50.22
CA VAL A 222 8.22 -8.75 -50.17
C VAL A 222 8.47 -9.34 -51.56
N GLN A 223 7.43 -9.89 -52.20
CA GLN A 223 7.57 -10.60 -53.46
C GLN A 223 8.75 -11.57 -53.46
N GLY A 224 9.79 -11.24 -54.21
CA GLY A 224 10.95 -12.11 -54.33
C GLY A 224 12.04 -11.82 -53.32
N HIS A 225 11.68 -11.77 -52.05
CA HIS A 225 12.62 -11.53 -50.97
C HIS A 225 12.53 -12.65 -49.95
N THR A 226 13.68 -13.16 -49.52
CA THR A 226 13.73 -14.26 -48.57
C THR A 226 14.23 -13.86 -47.19
N HIS A 227 14.68 -12.61 -47.02
CA HIS A 227 15.14 -12.12 -45.74
C HIS A 227 14.45 -10.80 -45.43
N ILE A 228 14.20 -10.56 -44.15
CA ILE A 228 13.55 -9.34 -43.70
C ILE A 228 14.39 -8.72 -42.59
N VAL A 229 14.28 -7.40 -42.45
CA VAL A 229 15.11 -6.63 -41.53
C VAL A 229 14.23 -6.03 -40.44
N SER A 230 14.74 -6.07 -39.21
CA SER A 230 14.08 -5.49 -38.06
C SER A 230 15.08 -4.60 -37.33
N VAL A 231 14.69 -3.36 -37.06
CA VAL A 231 15.57 -2.37 -36.44
C VAL A 231 15.17 -2.21 -34.98
N SER A 232 16.16 -2.26 -34.10
CA SER A 232 15.92 -2.08 -32.67
C SER A 232 17.06 -1.26 -32.09
N THR A 233 16.95 -0.89 -30.82
CA THR A 233 18.04 -0.23 -30.13
C THR A 233 19.04 -1.27 -29.62
N ALA A 234 20.23 -0.78 -29.26
CA ALA A 234 21.23 -1.67 -28.69
C ALA A 234 20.95 -1.86 -27.20
N ASP A 235 19.70 -2.22 -26.90
CA ASP A 235 19.25 -2.43 -25.53
C ASP A 235 18.57 -3.80 -25.48
N VAL A 236 17.97 -4.19 -26.61
CA VAL A 236 17.40 -5.53 -26.72
C VAL A 236 18.49 -6.59 -26.66
N LEU A 237 19.68 -6.26 -27.15
CA LEU A 237 20.81 -7.18 -26.97
C LEU A 237 21.08 -7.45 -25.50
N ILE A 238 21.09 -6.39 -24.68
CA ILE A 238 21.34 -6.56 -23.26
C ILE A 238 20.24 -7.38 -22.61
N MET A 239 18.98 -7.11 -22.97
CA MET A 239 17.88 -7.87 -22.40
C MET A 239 17.97 -9.34 -22.77
N CYS A 240 18.24 -9.62 -24.05
CA CYS A 240 18.34 -11.01 -24.49
C CYS A 240 19.50 -11.74 -23.82
N LYS A 241 20.64 -11.06 -23.68
CA LYS A 241 21.77 -11.65 -22.97
C LYS A 241 21.40 -11.96 -21.53
N ASP A 242 20.67 -11.05 -20.88
CA ASP A 242 20.24 -11.30 -19.50
C ASP A 242 19.31 -12.49 -19.41
N LEU A 243 18.36 -12.60 -20.34
CA LEU A 243 17.45 -13.76 -20.32
C LEU A 243 18.20 -15.05 -20.53
N ILE A 244 19.13 -15.07 -21.48
CA ILE A 244 19.89 -16.28 -21.75
C ILE A 244 20.73 -16.66 -20.54
N THR A 245 21.37 -15.67 -19.90
CA THR A 245 22.14 -15.95 -18.70
C THR A 245 21.27 -16.50 -17.58
N CYS A 246 20.10 -15.91 -17.36
CA CYS A 246 19.20 -16.38 -16.31
C CYS A 246 18.73 -17.80 -16.59
N ARG A 247 18.36 -18.10 -17.84
CA ARG A 247 17.93 -19.44 -18.20
C ARG A 247 19.04 -20.45 -17.99
N PHE A 248 20.26 -20.10 -18.42
CA PHE A 248 21.39 -21.00 -18.20
C PHE A 248 21.63 -21.24 -16.72
N ASN A 249 21.56 -20.18 -15.91
CA ASN A 249 21.80 -20.32 -14.48
C ASN A 249 20.77 -21.23 -13.84
N THR A 250 19.48 -21.02 -14.14
CA THR A 250 18.45 -21.83 -13.49
C THR A 250 18.50 -23.27 -13.97
N THR A 251 18.78 -23.49 -15.26
CA THR A 251 18.91 -24.87 -15.74
C THR A 251 20.09 -25.57 -15.09
N LEU A 252 21.23 -24.88 -14.97
CA LEU A 252 22.38 -25.48 -14.32
C LEU A 252 22.10 -25.79 -12.85
N ILE A 253 21.43 -24.87 -12.15
CA ILE A 253 21.12 -25.10 -10.74
C ILE A 253 20.19 -26.31 -10.60
N SER A 254 19.16 -26.39 -11.46
CA SER A 254 18.23 -27.51 -11.39
C SER A 254 18.94 -28.83 -11.69
N LYS A 255 19.83 -28.84 -12.67
CA LYS A 255 20.54 -30.07 -13.00
C LYS A 255 21.50 -30.48 -11.89
N ILE A 256 22.17 -29.50 -11.26
CA ILE A 256 23.13 -29.83 -10.21
C ILE A 256 22.41 -30.32 -8.96
N ALA A 257 21.26 -29.72 -8.64
CA ALA A 257 20.61 -30.03 -7.37
C ALA A 257 20.12 -31.48 -7.28
N GLU A 258 19.93 -32.15 -8.41
CA GLU A 258 19.36 -33.50 -8.36
C GLU A 258 20.40 -34.58 -8.11
N VAL A 259 21.70 -34.28 -8.23
CA VAL A 259 22.69 -35.33 -8.04
C VAL A 259 22.92 -35.61 -6.56
N GLU A 260 22.73 -34.61 -5.70
CA GLU A 260 22.91 -34.83 -4.27
C GLU A 260 21.82 -35.74 -3.70
N ASP A 261 20.56 -35.42 -4.01
CA ASP A 261 19.41 -36.18 -3.50
C ASP A 261 18.45 -36.43 -4.65
N PRO A 262 18.69 -37.48 -5.45
CA PRO A 262 17.79 -37.76 -6.58
C PRO A 262 16.37 -38.10 -6.16
N VAL A 263 16.15 -38.53 -4.91
CA VAL A 263 14.81 -38.90 -4.49
C VAL A 263 13.88 -37.69 -4.50
N CYS A 264 14.36 -36.55 -4.00
CA CYS A 264 13.53 -35.35 -3.94
C CYS A 264 14.43 -34.14 -3.77
N SER A 265 14.32 -33.19 -4.69
CA SER A 265 15.07 -31.95 -4.64
C SER A 265 14.13 -30.79 -4.33
N ASP A 266 14.73 -29.64 -4.03
CA ASP A 266 13.97 -28.43 -3.74
C ASP A 266 13.76 -27.55 -4.96
N TYR A 267 14.25 -27.98 -6.13
CA TYR A 267 14.07 -27.24 -7.37
C TYR A 267 13.17 -28.05 -8.32
N PRO A 268 12.40 -27.38 -9.19
CA PRO A 268 11.36 -28.08 -9.94
C PRO A 268 11.87 -29.22 -10.81
N ASN A 269 12.71 -28.89 -11.79
CA ASN A 269 13.31 -29.85 -12.71
C ASN A 269 14.17 -29.07 -13.68
N PHE A 270 14.90 -29.80 -14.52
CA PHE A 270 15.60 -29.20 -15.65
C PHE A 270 14.87 -29.45 -16.96
N LYS A 271 13.72 -30.10 -16.93
CA LYS A 271 12.91 -30.38 -18.12
C LYS A 271 11.57 -29.67 -18.11
N ILE A 272 10.93 -29.55 -16.95
CA ILE A 272 9.69 -28.77 -16.86
C ILE A 272 9.96 -27.30 -17.16
N VAL A 273 11.08 -26.78 -16.63
CA VAL A 273 11.45 -25.40 -16.91
C VAL A 273 11.75 -25.20 -18.39
N SER A 274 12.36 -26.20 -19.04
CA SER A 274 12.68 -26.08 -20.45
C SER A 274 11.41 -25.97 -21.30
N MET A 275 10.42 -26.83 -21.02
CA MET A 275 9.18 -26.75 -21.78
C MET A 275 8.39 -25.50 -21.44
N LEU A 276 8.49 -25.02 -20.19
CA LEU A 276 7.89 -23.73 -19.85
C LEU A 276 8.51 -22.61 -20.66
N TYR A 277 9.84 -22.62 -20.79
CA TYR A 277 10.51 -21.61 -21.60
C TYR A 277 10.08 -21.69 -23.06
N GLN A 278 10.01 -22.90 -23.60
CA GLN A 278 9.60 -23.05 -25.00
C GLN A 278 8.17 -22.56 -25.21
N SER A 279 7.26 -22.92 -24.31
CA SER A 279 5.87 -22.48 -24.43
C SER A 279 5.76 -20.97 -24.33
N GLY A 280 6.48 -20.36 -23.38
CA GLY A 280 6.46 -18.92 -23.28
C GLY A 280 7.02 -18.23 -24.51
N ASP A 281 8.10 -18.77 -25.07
CA ASP A 281 8.67 -18.20 -26.28
C ASP A 281 7.70 -18.29 -27.45
N TYR A 282 7.03 -19.44 -27.61
CA TYR A 282 6.05 -19.57 -28.67
C TYR A 282 4.89 -18.59 -28.49
N LEU A 283 4.40 -18.46 -27.25
CA LEU A 283 3.32 -17.52 -26.97
C LEU A 283 3.73 -16.09 -27.30
N LEU A 284 4.95 -15.71 -26.90
CA LEU A 284 5.44 -14.37 -27.21
C LEU A 284 5.57 -14.15 -28.70
N SER A 285 6.10 -15.15 -29.43
CA SER A 285 6.24 -15.01 -30.87
C SER A 285 4.89 -14.84 -31.55
N ILE A 286 3.87 -15.54 -31.05
CA ILE A 286 2.54 -15.41 -31.65
C ILE A 286 1.93 -14.05 -31.33
N LEU A 287 2.02 -13.62 -30.07
CA LEU A 287 1.19 -12.50 -29.59
C LEU A 287 1.92 -11.17 -29.47
N GLY A 288 3.21 -11.11 -29.78
CA GLY A 288 3.90 -9.84 -29.62
C GLY A 288 4.08 -9.45 -28.17
N SER A 289 4.25 -8.14 -27.96
CA SER A 289 4.38 -7.61 -26.61
C SER A 289 3.10 -7.79 -25.80
N ASP A 290 1.96 -7.94 -26.46
CA ASP A 290 0.69 -8.15 -25.77
C ASP A 290 0.66 -9.50 -25.07
N GLY A 291 1.54 -10.42 -25.45
CA GLY A 291 1.54 -11.75 -24.86
C GLY A 291 2.10 -11.83 -23.46
N TYR A 292 2.65 -10.73 -22.94
CA TYR A 292 3.15 -10.74 -21.56
C TYR A 292 2.02 -10.74 -20.53
N LYS A 293 0.80 -10.43 -20.97
CA LYS A 293 -0.36 -10.49 -20.05
C LYS A 293 -0.50 -11.93 -19.51
N ILE A 294 -0.12 -12.94 -20.31
CA ILE A 294 -0.21 -14.32 -19.88
C ILE A 294 1.02 -14.76 -19.10
N ILE A 295 2.20 -14.23 -19.45
CA ILE A 295 3.40 -14.51 -18.66
C ILE A 295 3.27 -13.94 -17.26
N LYS A 296 2.48 -12.87 -17.10
CA LYS A 296 2.27 -12.28 -15.79
C LYS A 296 1.59 -13.23 -14.82
N PHE A 297 0.99 -14.30 -15.31
CA PHE A 297 0.20 -15.21 -14.48
C PHE A 297 1.02 -16.36 -13.90
N LEU A 298 2.34 -16.36 -14.12
CA LEU A 298 3.15 -17.43 -13.55
C LEU A 298 3.19 -17.38 -12.04
N GLU A 299 3.21 -16.17 -11.46
CA GLU A 299 3.33 -16.02 -10.02
C GLU A 299 2.00 -16.24 -9.29
N PRO A 300 0.89 -15.63 -9.73
CA PRO A 300 -0.39 -15.96 -9.06
C PRO A 300 -0.76 -17.42 -9.14
N LEU A 301 -0.48 -18.08 -10.27
CA LEU A 301 -0.76 -19.50 -10.38
C LEU A 301 0.11 -20.30 -9.41
N CYS A 302 1.37 -19.92 -9.27
CA CYS A 302 2.24 -20.61 -8.32
C CYS A 302 1.75 -20.41 -6.89
N LEU A 303 1.30 -19.20 -6.55
CA LEU A 303 0.76 -18.96 -5.21
C LEU A 303 -0.49 -19.81 -4.97
N ALA A 304 -1.37 -19.88 -5.95
CA ALA A 304 -2.58 -20.70 -5.81
C ALA A 304 -2.23 -22.17 -5.64
N LYS A 305 -1.24 -22.65 -6.40
CA LYS A 305 -0.82 -24.05 -6.27
C LYS A 305 -0.21 -24.31 -4.89
N ILE A 306 0.57 -23.36 -4.36
CA ILE A 306 1.12 -23.52 -3.01
C ILE A 306 0.01 -23.57 -1.99
N GLN A 307 -1.02 -22.72 -2.15
CA GLN A 307 -2.11 -22.69 -1.18
C GLN A 307 -2.84 -24.02 -1.09
N LEU A 308 -2.85 -24.79 -2.18
CA LEU A 308 -3.56 -26.06 -2.21
C LEU A 308 -2.74 -27.23 -1.71
N CYS A 309 -1.51 -26.99 -1.24
CA CYS A 309 -0.64 -28.06 -0.75
C CYS A 309 -0.89 -28.39 0.71
N SER A 310 -2.08 -28.09 1.23
CA SER A 310 -2.46 -28.40 2.60
C SER A 310 -3.87 -28.98 2.57
N LYS A 311 -4.50 -29.06 3.74
CA LYS A 311 -5.86 -29.55 3.82
C LYS A 311 -6.78 -28.68 2.96
N TYR A 312 -7.61 -29.33 2.15
CA TYR A 312 -8.43 -28.63 1.18
C TYR A 312 -9.75 -28.21 1.80
N THR A 313 -10.04 -26.91 1.71
CA THR A 313 -11.32 -26.36 2.13
C THR A 313 -11.99 -25.74 0.92
N GLU A 314 -13.32 -25.61 0.98
CA GLU A 314 -14.09 -25.13 -0.17
C GLU A 314 -13.60 -23.77 -0.64
N ARG A 315 -13.10 -22.94 0.27
CA ARG A 315 -12.59 -21.62 -0.09
C ARG A 315 -11.07 -21.59 -0.25
N LYS A 316 -10.39 -22.71 -0.01
CA LYS A 316 -8.96 -22.77 -0.32
C LYS A 316 -8.73 -22.84 -1.82
N GLY A 317 -9.61 -23.52 -2.54
CA GLY A 317 -9.53 -23.63 -3.99
C GLY A 317 -10.21 -22.54 -4.76
N ARG A 318 -10.76 -21.53 -4.08
CA ARG A 318 -11.39 -20.42 -4.79
C ARG A 318 -10.35 -19.57 -5.53
N PHE A 319 -9.18 -19.39 -4.93
CA PHE A 319 -8.14 -18.56 -5.54
C PHE A 319 -7.64 -19.18 -6.84
N LEU A 320 -7.40 -20.49 -6.84
CA LEU A 320 -6.96 -21.15 -8.06
C LEU A 320 -8.01 -21.07 -9.15
N THR A 321 -9.28 -21.27 -8.79
CA THR A 321 -10.35 -21.15 -9.78
C THR A 321 -10.43 -19.75 -10.35
N GLN A 322 -10.31 -18.74 -9.49
CA GLN A 322 -10.38 -17.36 -9.97
C GLN A 322 -9.22 -17.04 -10.90
N MET A 323 -8.01 -17.47 -10.54
CA MET A 323 -6.86 -17.22 -11.41
C MET A 323 -6.99 -17.95 -12.74
N HIS A 324 -7.50 -19.19 -12.71
CA HIS A 324 -7.70 -19.93 -13.95
C HIS A 324 -8.73 -19.23 -14.84
N LEU A 325 -9.82 -18.75 -14.26
CA LEU A 325 -10.82 -18.03 -15.04
C LEU A 325 -10.24 -16.75 -15.63
N ALA A 326 -9.44 -16.03 -14.84
CA ALA A 326 -8.82 -14.81 -15.35
C ALA A 326 -7.86 -15.13 -16.50
N VAL A 327 -7.10 -16.22 -16.37
CA VAL A 327 -6.18 -16.63 -17.44
C VAL A 327 -6.95 -16.92 -18.71
N ASN A 328 -8.05 -17.68 -18.59
CA ASN A 328 -8.83 -18.03 -19.77
C ASN A 328 -9.44 -16.80 -20.42
N HIS A 329 -9.97 -15.89 -19.62
CA HIS A 329 -10.57 -14.67 -20.17
C HIS A 329 -9.53 -13.81 -20.86
N THR A 330 -8.36 -13.64 -20.24
CA THR A 330 -7.31 -12.84 -20.85
C THR A 330 -6.82 -13.48 -22.15
N LEU A 331 -6.66 -14.80 -22.16
CA LEU A 331 -6.21 -15.49 -23.36
C LEU A 331 -7.21 -15.35 -24.49
N GLU A 332 -8.50 -15.50 -24.18
CA GLU A 332 -9.52 -15.37 -25.23
C GLU A 332 -9.79 -13.93 -25.61
N GLU A 333 -9.32 -12.96 -24.81
CA GLU A 333 -9.55 -11.55 -25.13
C GLU A 333 -8.50 -10.97 -26.07
N ILE A 334 -7.24 -11.34 -25.91
CA ILE A 334 -6.15 -10.76 -26.69
C ILE A 334 -5.91 -11.63 -27.93
N THR A 335 -6.80 -12.57 -28.19
CA THR A 335 -6.65 -13.50 -29.30
C THR A 335 -7.76 -13.40 -30.34
N GLU A 336 -8.96 -12.94 -29.95
CA GLU A 336 -10.09 -12.96 -30.88
C GLU A 336 -9.82 -12.07 -32.09
N ILE A 337 -9.21 -10.91 -31.88
CA ILE A 337 -8.90 -10.03 -33.01
C ILE A 337 -7.80 -10.63 -33.87
N ARG A 338 -6.80 -11.24 -33.25
CA ARG A 338 -5.74 -11.90 -33.99
C ARG A 338 -6.28 -13.14 -34.70
N ALA A 339 -5.80 -13.38 -35.91
CA ALA A 339 -6.33 -14.48 -36.73
C ALA A 339 -5.42 -15.70 -36.62
N LEU A 340 -5.42 -16.29 -35.43
CA LEU A 340 -4.61 -17.48 -35.20
C LEU A 340 -5.12 -18.67 -35.99
N LYS A 341 -4.20 -19.53 -36.43
CA LYS A 341 -4.56 -20.77 -37.07
C LYS A 341 -5.14 -21.74 -36.04
N PRO A 342 -5.93 -22.71 -36.49
CA PRO A 342 -6.47 -23.70 -35.54
C PRO A 342 -5.40 -24.45 -34.77
N SER A 343 -4.27 -24.77 -35.41
CA SER A 343 -3.19 -25.43 -34.70
C SER A 343 -2.51 -24.46 -33.74
N GLN A 344 -2.34 -23.21 -34.15
CA GLN A 344 -1.74 -22.20 -33.27
C GLN A 344 -2.63 -21.93 -32.06
N ALA A 345 -3.94 -21.91 -32.26
CA ALA A 345 -4.86 -21.67 -31.15
C ALA A 345 -4.77 -22.76 -30.09
N HIS A 346 -4.38 -23.97 -30.48
CA HIS A 346 -4.19 -25.04 -29.50
C HIS A 346 -2.79 -25.04 -28.91
N LYS A 347 -1.78 -24.71 -29.73
CA LYS A 347 -0.41 -24.69 -29.22
C LYS A 347 -0.18 -23.54 -28.24
N ILE A 348 -0.86 -22.41 -28.46
CA ILE A 348 -0.66 -21.25 -27.59
C ILE A 348 -1.22 -21.49 -26.19
N ARG A 349 -2.13 -22.44 -26.03
CA ARG A 349 -2.69 -22.76 -24.72
C ARG A 349 -1.87 -23.86 -24.04
N GLU A 350 -0.55 -23.66 -23.98
CA GLU A 350 0.33 -24.61 -23.33
C GLU A 350 0.99 -24.06 -22.08
N PHE A 351 1.26 -22.75 -22.03
CA PHE A 351 1.90 -22.15 -20.86
C PHE A 351 1.08 -22.39 -19.60
N HIS A 352 -0.13 -21.84 -19.55
CA HIS A 352 -0.96 -22.00 -18.36
C HIS A 352 -1.48 -23.43 -18.22
N ARG A 353 -1.58 -24.16 -19.34
CA ARG A 353 -1.98 -25.55 -19.26
C ARG A 353 -0.94 -26.38 -18.50
N THR A 354 0.34 -26.14 -18.77
CA THR A 354 1.39 -26.81 -18.02
C THR A 354 1.47 -26.28 -16.59
N LEU A 355 1.27 -24.98 -16.41
CA LEU A 355 1.35 -24.40 -15.08
C LEU A 355 0.28 -24.97 -14.16
N ILE A 356 -0.93 -25.16 -14.68
CA ILE A 356 -2.03 -25.68 -13.86
C ILE A 356 -1.80 -27.14 -13.52
N ARG A 357 -1.36 -27.94 -14.49
CA ARG A 357 -1.23 -29.38 -14.32
C ARG A 357 0.03 -29.78 -13.57
N LEU A 358 0.72 -28.85 -12.92
CA LEU A 358 1.94 -29.18 -12.20
C LEU A 358 1.62 -29.99 -10.94
N GLU A 359 2.49 -30.95 -10.64
CA GLU A 359 2.38 -31.76 -9.42
C GLU A 359 3.75 -31.72 -8.75
N MET A 360 3.98 -30.69 -7.93
CA MET A 360 5.26 -30.50 -7.25
C MET A 360 5.01 -30.10 -5.81
N THR A 361 6.03 -30.33 -4.98
CA THR A 361 5.97 -29.96 -3.58
C THR A 361 5.94 -28.44 -3.44
N PRO A 362 5.42 -27.92 -2.32
CA PRO A 362 5.36 -26.46 -2.14
C PRO A 362 6.71 -25.77 -2.27
N GLN A 363 7.80 -26.42 -1.84
CA GLN A 363 9.12 -25.81 -2.00
C GLN A 363 9.47 -25.64 -3.48
N GLN A 364 9.18 -26.67 -4.29
CA GLN A 364 9.44 -26.58 -5.72
C GLN A 364 8.61 -25.48 -6.35
N LEU A 365 7.35 -25.34 -5.94
CA LEU A 365 6.50 -24.28 -6.48
C LEU A 365 7.01 -22.90 -6.06
N CYS A 366 7.48 -22.77 -4.83
CA CYS A 366 8.04 -21.49 -4.39
C CYS A 366 9.29 -21.13 -5.17
N GLU A 367 10.12 -22.12 -5.48
CA GLU A 367 11.28 -21.86 -6.32
C GLU A 367 10.87 -21.50 -7.74
N LEU A 368 9.86 -22.18 -8.28
CA LEU A 368 9.34 -21.86 -9.61
C LEU A 368 8.76 -20.45 -9.65
N PHE A 369 8.28 -19.95 -8.51
CA PHE A 369 7.75 -18.61 -8.42
C PHE A 369 8.76 -17.56 -8.86
N SER A 370 10.05 -17.86 -8.72
CA SER A 370 11.10 -16.87 -8.96
C SER A 370 11.42 -16.66 -10.44
N ILE A 371 11.15 -17.64 -11.30
CA ILE A 371 11.46 -17.51 -12.73
C ILE A 371 10.28 -16.84 -13.39
N GLN A 372 10.24 -15.52 -13.31
CA GLN A 372 9.15 -14.73 -13.85
C GLN A 372 9.58 -13.70 -14.88
N LYS A 373 10.77 -13.11 -14.73
CA LYS A 373 11.29 -12.16 -15.69
C LYS A 373 12.25 -12.81 -16.69
N HIS A 374 12.16 -14.13 -16.86
CA HIS A 374 13.04 -14.86 -17.75
C HIS A 374 12.59 -14.82 -19.20
N TRP A 375 11.45 -14.20 -19.49
CA TRP A 375 10.96 -14.09 -20.86
C TRP A 375 11.09 -12.69 -21.42
N GLY A 376 11.71 -11.77 -20.70
CA GLY A 376 11.86 -10.40 -21.15
C GLY A 376 10.84 -9.47 -20.53
N HIS A 377 10.85 -8.24 -21.04
CA HIS A 377 9.95 -7.20 -20.58
C HIS A 377 9.32 -6.50 -21.78
N PRO A 378 8.08 -6.04 -21.64
CA PRO A 378 7.39 -5.46 -22.79
C PRO A 378 7.97 -4.10 -23.17
N VAL A 379 7.73 -3.72 -24.41
CA VAL A 379 8.10 -2.38 -24.88
C VAL A 379 7.10 -1.39 -24.32
N LEU A 380 7.60 -0.38 -23.62
CA LEU A 380 6.74 0.59 -22.94
C LEU A 380 6.48 1.79 -23.83
N HIS A 381 5.21 2.09 -24.05
CA HIS A 381 4.80 3.29 -24.76
C HIS A 381 4.31 4.31 -23.75
N SER A 382 4.74 5.57 -23.92
CA SER A 382 4.33 6.62 -22.98
C SER A 382 2.82 6.84 -23.03
N GLU A 383 2.21 6.67 -24.20
CA GLU A 383 0.76 6.90 -24.32
C GLU A 383 -0.02 5.93 -23.44
N THR A 384 0.27 4.63 -23.55
CA THR A 384 -0.46 3.65 -22.75
C THR A 384 -0.19 3.84 -21.26
N ALA A 385 1.04 4.17 -20.90
CA ALA A 385 1.36 4.41 -19.49
C ALA A 385 0.59 5.59 -18.95
N ILE A 386 0.46 6.67 -19.74
CA ILE A 386 -0.32 7.82 -19.29
C ILE A 386 -1.79 7.46 -19.16
N GLN A 387 -2.35 6.78 -20.16
CA GLN A 387 -3.76 6.43 -20.11
C GLN A 387 -4.09 5.48 -18.97
N LYS A 388 -3.15 4.62 -18.57
CA LYS A 388 -3.42 3.70 -17.47
C LYS A 388 -3.72 4.45 -16.19
N VAL A 389 -2.97 5.51 -15.88
CA VAL A 389 -3.24 6.27 -14.66
C VAL A 389 -4.35 7.28 -14.89
N LYS A 390 -4.54 7.75 -16.13
CA LYS A 390 -5.59 8.72 -16.38
C LYS A 390 -6.98 8.10 -16.29
N LYS A 391 -7.06 6.81 -16.64
CA LYS A 391 -8.35 6.09 -16.62
C LYS A 391 -8.87 6.01 -15.18
N HIS A 392 -7.97 5.88 -14.20
CA HIS A 392 -8.43 5.69 -12.81
C HIS A 392 -7.78 6.70 -11.87
N ALA A 393 -7.47 7.91 -12.35
CA ALA A 393 -6.96 8.93 -11.45
C ALA A 393 -7.70 10.25 -11.58
N THR A 394 -8.67 10.35 -12.49
CA THR A 394 -9.44 11.58 -12.69
C THR A 394 -10.94 11.31 -12.66
N VAL A 395 -11.36 10.15 -12.18
CA VAL A 395 -12.76 9.75 -12.20
C VAL A 395 -13.43 10.15 -10.90
N LEU A 396 -14.75 10.29 -10.95
CA LEU A 396 -15.51 10.63 -9.76
C LEU A 396 -15.59 9.45 -8.80
N LYS A 397 -15.78 9.76 -7.52
CA LYS A 397 -15.93 8.75 -6.48
C LYS A 397 -17.16 9.06 -5.65
N ALA A 398 -17.78 8.02 -5.12
CA ALA A 398 -18.91 8.14 -4.21
C ALA A 398 -18.43 7.83 -2.80
N LEU A 399 -18.68 8.74 -1.87
CA LEU A 399 -18.16 8.64 -0.52
C LEU A 399 -19.30 8.63 0.48
N ARG A 400 -19.11 7.90 1.58
CA ARG A 400 -20.04 7.92 2.69
C ARG A 400 -19.48 8.78 3.79
N PRO A 401 -20.08 9.93 4.11
CA PRO A 401 -19.52 10.77 5.18
C PRO A 401 -19.48 10.08 6.53
N ILE A 402 -20.38 9.12 6.79
CA ILE A 402 -20.38 8.45 8.08
C ILE A 402 -19.13 7.60 8.26
N VAL A 403 -18.72 6.88 7.21
CA VAL A 403 -17.52 6.06 7.30
C VAL A 403 -16.28 6.94 7.42
N ILE A 404 -16.25 8.06 6.70
CA ILE A 404 -15.14 9.00 6.84
C ILE A 404 -15.07 9.54 8.26
N PHE A 405 -16.23 9.85 8.85
CA PHE A 405 -16.26 10.34 10.23
C PHE A 405 -15.74 9.29 11.20
N GLU A 406 -16.18 8.04 11.03
CA GLU A 406 -15.70 6.98 11.90
C GLU A 406 -14.21 6.76 11.75
N THR A 407 -13.70 6.82 10.51
CA THR A 407 -12.27 6.64 10.29
C THR A 407 -11.47 7.77 10.91
N TYR A 408 -11.95 9.01 10.79
CA TYR A 408 -11.25 10.13 11.41
C TYR A 408 -11.24 10.02 12.93
N CYS A 409 -12.38 9.61 13.51
CA CYS A 409 -12.45 9.43 14.95
C CYS A 409 -11.49 8.33 15.40
N VAL A 410 -11.39 7.24 14.65
CA VAL A 410 -10.47 6.16 15.00
C VAL A 410 -9.03 6.63 14.85
N PHE A 411 -8.75 7.48 13.85
CA PHE A 411 -7.42 8.07 13.70
C PHE A 411 -7.03 8.86 14.93
N LYS A 412 -7.93 9.77 15.36
CA LYS A 412 -7.64 10.58 16.55
C LYS A 412 -7.53 9.70 17.80
N TYR A 413 -8.37 8.66 17.89
CA TYR A 413 -8.31 7.77 19.03
C TYR A 413 -6.99 7.02 19.09
N SER A 414 -6.49 6.57 17.94
CA SER A 414 -5.21 5.88 17.91
C SER A 414 -4.07 6.81 18.29
N ILE A 415 -4.12 8.05 17.82
CA ILE A 415 -3.09 9.02 18.22
C ILE A 415 -3.13 9.24 19.73
N ALA A 416 -4.33 9.41 20.29
CA ALA A 416 -4.47 9.62 21.73
C ALA A 416 -3.99 8.40 22.51
N LYS A 417 -4.31 7.20 22.03
CA LYS A 417 -3.87 5.99 22.71
C LYS A 417 -2.35 5.86 22.69
N HIS A 418 -1.73 6.19 21.55
CA HIS A 418 -0.27 6.15 21.49
C HIS A 418 0.35 7.14 22.45
N TYR A 419 -0.21 8.35 22.54
CA TYR A 419 0.32 9.34 23.46
C TYR A 419 0.04 8.97 24.91
N PHE A 420 -1.01 8.19 25.16
CA PHE A 420 -1.28 7.73 26.53
C PHE A 420 -0.34 6.61 26.95
N ASP A 421 -0.06 5.66 26.05
CA ASP A 421 0.74 4.50 26.43
C ASP A 421 2.16 4.90 26.80
N SER A 422 2.76 5.80 26.03
CA SER A 422 4.08 6.33 26.32
C SER A 422 3.94 7.76 26.86
N GLN A 423 5.07 8.36 27.22
CA GLN A 423 5.14 9.77 27.61
C GLN A 423 4.12 10.10 28.71
N GLY A 424 3.99 9.20 29.66
CA GLY A 424 3.12 9.43 30.81
C GLY A 424 1.70 8.94 30.54
N SER A 425 0.75 9.89 30.51
CA SER A 425 -0.66 9.54 30.35
C SER A 425 -1.44 10.79 29.94
N TRP A 426 -2.19 10.68 28.84
CA TRP A 426 -3.00 11.77 28.29
C TRP A 426 -2.14 12.97 27.92
N TYR A 427 -2.77 14.02 27.38
CA TYR A 427 -2.01 15.17 26.91
C TYR A 427 -2.65 16.50 27.29
N SER A 428 -3.46 16.52 28.35
CA SER A 428 -4.02 17.76 28.89
C SER A 428 -4.83 18.51 27.82
N VAL A 429 -5.96 17.90 27.46
CA VAL A 429 -6.83 18.40 26.40
C VAL A 429 -7.19 19.87 26.65
N THR A 430 -6.84 20.73 25.71
CA THR A 430 -7.16 22.15 25.77
C THR A 430 -8.45 22.47 25.02
N SER A 431 -9.50 21.71 25.32
CA SER A 431 -10.80 21.89 24.67
C SER A 431 -11.88 21.95 25.73
N ASP A 432 -13.04 22.46 25.33
CA ASP A 432 -14.18 22.54 26.24
C ASP A 432 -14.60 21.13 26.67
N ARG A 433 -14.85 20.97 27.96
CA ARG A 433 -15.11 19.64 28.52
C ARG A 433 -16.55 19.19 28.34
N ASN A 434 -17.46 20.09 27.97
CA ASN A 434 -18.86 19.69 27.80
C ASN A 434 -19.07 18.91 26.51
N LEU A 435 -18.26 19.15 25.50
CA LEU A 435 -18.42 18.48 24.21
C LEU A 435 -18.04 17.01 24.26
N THR A 436 -17.45 16.54 25.37
CA THR A 436 -17.09 15.13 25.53
C THR A 436 -17.71 14.61 26.82
N PRO A 437 -19.03 14.39 26.82
CA PRO A 437 -19.68 13.85 28.02
C PRO A 437 -19.57 12.35 28.10
N GLY A 438 -18.47 11.86 28.69
CA GLY A 438 -18.21 10.44 28.74
C GLY A 438 -16.73 10.14 28.61
N LEU A 439 -15.98 11.09 28.07
CA LEU A 439 -14.53 11.02 28.10
C LEU A 439 -13.92 11.79 29.27
N ASN A 440 -14.66 12.74 29.84
CA ASN A 440 -14.16 13.46 31.01
C ASN A 440 -13.97 12.53 32.20
N SER A 441 -14.80 11.48 32.30
CA SER A 441 -14.65 10.53 33.40
C SER A 441 -13.31 9.82 33.33
N TYR A 442 -12.88 9.44 32.13
CA TYR A 442 -11.60 8.77 31.99
C TYR A 442 -10.42 9.73 32.12
N ILE A 443 -10.59 10.98 31.67
CA ILE A 443 -9.51 11.95 31.77
C ILE A 443 -9.28 12.36 33.22
N LYS A 444 -10.36 12.56 33.98
CA LYS A 444 -10.21 12.96 35.38
C LYS A 444 -9.50 11.89 36.20
N ARG A 445 -9.83 10.62 35.96
CA ARG A 445 -9.18 9.52 36.64
C ARG A 445 -7.87 9.10 35.97
N ASN A 446 -7.46 9.80 34.91
CA ASN A 446 -6.20 9.53 34.22
C ASN A 446 -6.14 8.08 33.74
N GLN A 447 -7.24 7.62 33.15
CA GLN A 447 -7.35 6.27 32.63
C GLN A 447 -7.82 6.33 31.18
N PHE A 448 -7.53 5.27 30.42
CA PHE A 448 -7.90 5.25 29.02
C PHE A 448 -8.97 4.21 28.76
N PRO A 449 -9.99 4.54 27.96
CA PRO A 449 -11.08 3.58 27.71
C PRO A 449 -10.59 2.40 26.90
N PRO A 450 -10.82 1.18 27.36
CA PRO A 450 -10.42 0.00 26.60
C PRO A 450 -11.35 -0.25 25.41
N LEU A 451 -10.95 -1.22 24.60
CA LEU A 451 -11.67 -1.51 23.36
C LEU A 451 -13.14 -1.91 23.54
N PRO A 452 -13.52 -2.76 24.50
CA PRO A 452 -14.88 -3.31 24.46
C PRO A 452 -16.01 -2.28 24.43
N MET A 453 -15.88 -1.16 25.14
CA MET A 453 -16.97 -0.21 25.23
C MET A 453 -16.73 1.07 24.45
N ILE A 454 -15.69 1.13 23.62
CA ILE A 454 -15.46 2.32 22.77
C ILE A 454 -16.19 2.07 21.46
N LYS A 455 -17.51 2.23 21.51
CA LYS A 455 -18.33 2.20 20.31
C LYS A 455 -19.30 3.39 20.32
N GLU A 456 -19.64 3.85 21.53
CA GLU A 456 -20.57 4.96 21.70
C GLU A 456 -19.88 6.26 22.02
N LEU A 457 -18.65 6.23 22.53
CA LEU A 457 -17.89 7.43 22.82
C LEU A 457 -16.86 7.73 21.74
N LEU A 458 -16.95 7.08 20.59
CA LEU A 458 -15.99 7.30 19.51
C LEU A 458 -16.14 8.70 18.92
N TRP A 459 -17.38 9.18 18.79
CA TRP A 459 -17.59 10.50 18.18
C TRP A 459 -17.00 11.62 19.03
N GLU A 460 -16.96 11.45 20.35
CA GLU A 460 -16.37 12.45 21.22
C GLU A 460 -14.91 12.71 20.87
N PHE A 461 -14.24 11.72 20.29
CA PHE A 461 -12.83 11.90 19.92
C PHE A 461 -12.66 12.97 18.86
N TYR A 462 -13.74 13.36 18.17
CA TYR A 462 -13.64 14.48 17.24
C TYR A 462 -13.39 15.79 17.97
N HIS A 463 -13.94 15.95 19.17
CA HIS A 463 -13.92 17.23 19.86
C HIS A 463 -12.66 17.45 20.69
N LEU A 464 -11.75 16.48 20.75
CA LEU A 464 -10.54 16.63 21.54
C LEU A 464 -9.57 17.57 20.85
N ASP A 465 -9.04 18.53 21.61
CA ASP A 465 -8.02 19.45 21.14
C ASP A 465 -6.81 19.37 22.07
N HIS A 466 -5.63 19.63 21.51
CA HIS A 466 -4.39 19.43 22.25
C HIS A 466 -3.34 20.36 21.66
N PRO A 467 -2.27 20.63 22.42
CA PRO A 467 -1.15 21.42 21.86
C PRO A 467 -0.44 20.66 20.76
N PRO A 468 0.57 21.27 20.13
CA PRO A 468 1.31 20.56 19.07
C PRO A 468 2.18 19.43 19.62
N LEU A 469 1.57 18.25 19.76
CA LEU A 469 2.22 17.07 20.34
C LEU A 469 3.69 16.92 19.95
N PHE A 470 3.97 16.91 18.65
CA PHE A 470 5.34 16.75 18.16
C PHE A 470 5.88 18.10 17.70
N SER A 471 7.11 18.10 17.20
CA SER A 471 7.77 19.31 16.76
C SER A 471 8.59 19.03 15.52
N THR A 472 8.84 20.08 14.74
CA THR A 472 9.64 19.99 13.52
C THR A 472 11.11 20.02 13.91
N LYS A 473 11.59 18.89 14.42
CA LYS A 473 12.93 18.77 14.96
C LYS A 473 13.44 17.36 14.69
N ILE A 474 14.48 16.97 15.42
CA ILE A 474 15.17 15.67 15.34
C ILE A 474 15.26 15.18 13.91
N ILE A 475 15.99 15.91 13.06
CA ILE A 475 16.32 15.50 11.71
C ILE A 475 17.84 15.56 11.60
N SER A 476 18.49 14.41 11.63
CA SER A 476 19.95 14.32 11.65
C SER A 476 20.45 13.43 10.51
N ASP A 477 19.92 13.66 9.31
CA ASP A 477 20.35 12.89 8.14
C ASP A 477 20.14 13.77 6.91
N LEU A 478 21.24 14.31 6.37
CA LEU A 478 21.17 15.08 5.13
C LEU A 478 21.16 14.20 3.89
N SER A 479 21.45 12.89 4.03
CA SER A 479 21.49 12.01 2.88
C SER A 479 20.13 11.91 2.20
N ILE A 480 19.04 12.12 2.95
CA ILE A 480 17.72 12.11 2.34
C ILE A 480 17.53 13.32 1.43
N PHE A 481 18.18 14.44 1.74
CA PHE A 481 18.01 15.65 0.96
C PHE A 481 18.83 15.66 -0.33
N ILE A 482 19.83 14.79 -0.46
CA ILE A 482 20.57 14.67 -1.70
C ILE A 482 21.07 13.24 -1.87
N LYS A 483 20.70 12.60 -2.98
CA LYS A 483 21.18 11.25 -3.26
C LYS A 483 21.47 11.05 -4.75
N ASP A 484 21.68 12.13 -5.50
CA ASP A 484 21.98 12.06 -6.93
C ASP A 484 20.90 11.30 -7.71
N ARG A 485 19.65 11.49 -7.30
CA ARG A 485 18.52 10.92 -8.02
C ARG A 485 18.00 11.93 -9.05
N ALA A 486 16.84 11.65 -9.62
CA ALA A 486 16.30 12.45 -10.72
C ALA A 486 15.13 13.29 -10.23
N THR A 487 15.15 14.58 -10.59
CA THR A 487 14.06 15.49 -10.30
C THR A 487 13.54 16.09 -11.59
N ALA A 488 12.68 17.11 -11.49
CA ALA A 488 12.06 17.73 -12.65
C ALA A 488 12.63 19.12 -12.87
N VAL A 489 12.50 19.61 -14.10
CA VAL A 489 12.96 20.95 -14.47
C VAL A 489 11.90 21.98 -14.09
N GLU A 490 12.27 23.26 -14.12
CA GLU A 490 11.33 24.32 -13.80
C GLU A 490 10.33 24.50 -14.94
N ARG A 491 9.21 25.18 -14.61
CA ARG A 491 8.14 25.33 -15.59
C ARG A 491 8.57 26.17 -16.78
N THR A 492 9.36 27.21 -16.55
CA THR A 492 9.76 28.10 -17.64
C THR A 492 10.51 27.35 -18.73
N CYS A 493 11.25 26.29 -18.35
CA CYS A 493 11.95 25.43 -19.31
C CYS A 493 11.59 23.99 -18.97
N TRP A 494 10.45 23.53 -19.49
CA TRP A 494 9.99 22.17 -19.27
C TRP A 494 10.14 21.28 -20.50
N ASP A 495 10.09 21.87 -21.70
CA ASP A 495 10.25 21.13 -22.94
C ASP A 495 11.72 20.95 -23.31
N ALA A 496 12.65 21.47 -22.52
CA ALA A 496 14.07 21.27 -22.75
C ALA A 496 14.49 19.82 -22.54
N VAL A 497 13.65 19.00 -21.91
CA VAL A 497 13.94 17.58 -21.75
C VAL A 497 13.94 16.84 -23.08
N PHE A 498 13.05 17.20 -24.01
CA PHE A 498 12.88 16.49 -25.26
C PHE A 498 13.96 16.87 -26.26
N GLU A 499 14.23 15.96 -27.19
CA GLU A 499 15.28 16.17 -28.18
C GLU A 499 14.86 17.29 -29.14
N PRO A 500 15.71 18.29 -29.39
CA PRO A 500 15.27 19.46 -30.15
C PRO A 500 15.33 19.28 -31.65
N ASN A 501 14.90 18.13 -32.16
CA ASN A 501 14.66 17.95 -33.58
C ASN A 501 13.29 17.34 -33.77
N VAL A 502 12.86 16.53 -32.80
CA VAL A 502 11.50 16.01 -32.80
C VAL A 502 10.50 17.10 -32.46
N LEU A 503 10.90 18.04 -31.59
CA LEU A 503 10.03 19.15 -31.25
C LEU A 503 9.69 19.99 -32.47
N GLY A 504 10.67 20.24 -33.33
CA GLY A 504 10.50 21.11 -34.47
C GLY A 504 10.84 22.56 -34.21
N TYR A 505 11.13 22.92 -32.96
CA TYR A 505 11.55 24.27 -32.61
C TYR A 505 12.63 24.19 -31.55
N ASN A 506 13.49 25.20 -31.52
CA ASN A 506 14.49 25.31 -30.48
C ASN A 506 13.85 25.87 -29.22
N PRO A 507 13.91 25.18 -28.08
CA PRO A 507 13.29 25.69 -26.86
C PRO A 507 13.90 27.01 -26.44
N PRO A 508 13.09 28.08 -26.35
CA PRO A 508 13.64 29.40 -26.01
C PRO A 508 14.36 29.43 -24.68
N HIS A 509 13.90 28.65 -23.70
CA HIS A 509 14.52 28.58 -22.39
C HIS A 509 15.18 27.22 -22.23
N LYS A 510 16.46 27.22 -21.87
CA LYS A 510 17.23 25.99 -21.71
C LYS A 510 17.71 25.90 -20.27
N PHE A 511 17.66 24.70 -19.70
CA PHE A 511 18.06 24.51 -18.32
C PHE A 511 19.58 24.47 -18.20
N SER A 512 20.07 24.64 -16.97
CA SER A 512 21.49 24.62 -16.71
C SER A 512 21.85 23.51 -15.71
N PHE A 526 20.39 26.78 2.32
CA PHE A 526 19.52 25.65 2.66
C PHE A 526 18.86 25.85 4.02
N SER A 527 18.90 24.80 4.84
CA SER A 527 18.44 24.73 6.23
C SER A 527 17.01 24.22 6.28
N ILE A 528 16.69 23.43 7.31
CA ILE A 528 15.36 22.85 7.43
C ILE A 528 14.33 23.94 7.69
N GLU A 529 14.68 24.93 8.50
CA GLU A 529 13.76 26.02 8.78
C GLU A 529 13.36 26.76 7.52
N ASN A 530 14.28 26.88 6.56
CA ASN A 530 13.93 27.47 5.27
C ASN A 530 12.95 26.59 4.52
N VAL A 531 13.08 25.26 4.62
CA VAL A 531 12.10 24.37 4.00
C VAL A 531 10.72 24.57 4.62
N LEU A 532 10.67 24.67 5.96
CA LEU A 532 9.39 24.93 6.62
C LEU A 532 8.80 26.26 6.18
N SER A 533 9.63 27.30 6.10
CA SER A 533 9.13 28.61 5.67
C SER A 533 8.62 28.57 4.24
N TYR A 534 9.33 27.85 3.37
CA TYR A 534 8.90 27.73 1.97
C TYR A 534 7.58 26.98 1.88
N ALA A 535 7.41 25.91 2.65
CA ALA A 535 6.18 25.12 2.57
C ALA A 535 5.00 25.88 3.17
N GLN A 536 5.21 26.54 4.32
CA GLN A 536 4.11 27.24 4.98
C GLN A 536 3.58 28.37 4.11
N LYS A 537 4.46 29.14 3.49
CA LYS A 537 4.06 30.33 2.74
C LYS A 537 3.34 30.01 1.44
N LEU A 538 3.01 28.74 1.17
CA LEU A 538 2.32 28.35 -0.06
C LEU A 538 3.12 28.79 -1.30
N GLU A 539 4.44 28.68 -1.21
CA GLU A 539 5.28 29.08 -2.33
C GLU A 539 5.54 27.95 -3.32
N TYR A 540 5.05 26.74 -3.05
CA TYR A 540 5.09 25.69 -4.05
C TYR A 540 3.99 25.84 -5.10
N LEU A 541 3.10 26.81 -4.94
CA LEU A 541 2.11 27.15 -5.94
C LEU A 541 2.59 28.21 -6.91
N LEU A 542 3.85 28.61 -6.82
CA LEU A 542 4.40 29.60 -7.72
C LEU A 542 4.42 29.05 -9.14
N PRO A 543 4.28 29.91 -10.16
CA PRO A 543 4.15 29.42 -11.53
C PRO A 543 5.34 28.63 -12.04
N GLN A 544 6.52 28.80 -11.45
CA GLN A 544 7.72 28.12 -11.93
C GLN A 544 8.01 26.82 -11.19
N TYR A 545 7.13 26.38 -10.31
CA TYR A 545 7.38 25.19 -9.49
C TYR A 545 6.30 24.14 -9.66
N ARG A 546 5.75 24.00 -10.87
CA ARG A 546 4.68 23.03 -11.14
C ARG A 546 4.98 22.29 -12.45
N ASN A 547 5.72 21.18 -12.36
CA ASN A 547 5.90 20.29 -13.50
C ASN A 547 5.38 18.89 -13.24
N PHE A 548 5.92 18.20 -12.24
CA PHE A 548 5.64 16.79 -11.97
C PHE A 548 5.67 15.95 -13.25
N SER A 549 6.86 15.83 -13.82
CA SER A 549 7.02 14.96 -14.98
C SER A 549 6.91 13.50 -14.55
N PHE A 550 6.55 12.64 -15.51
CA PHE A 550 6.55 11.20 -15.30
C PHE A 550 7.79 10.57 -15.92
N SER A 551 8.22 9.46 -15.33
CA SER A 551 9.30 8.68 -15.89
C SER A 551 8.93 7.21 -15.80
N LEU A 552 9.13 6.49 -16.90
CA LEU A 552 8.71 5.10 -16.96
C LEU A 552 9.51 4.23 -16.00
N LYS A 553 8.84 3.27 -15.39
CA LYS A 553 9.49 2.39 -14.42
C LYS A 553 10.46 1.45 -15.13
N GLU A 554 11.31 0.82 -14.33
CA GLU A 554 12.32 -0.11 -14.84
C GLU A 554 11.64 -1.44 -15.16
N LYS A 555 12.45 -2.49 -15.35
CA LYS A 555 11.98 -3.79 -15.80
C LYS A 555 10.78 -4.28 -15.00
N GLU A 556 9.64 -4.39 -15.69
CA GLU A 556 8.42 -4.93 -15.12
C GLU A 556 7.62 -5.57 -16.25
N LEU A 557 6.70 -6.45 -15.88
CA LEU A 557 5.86 -7.15 -16.85
C LEU A 557 4.51 -6.48 -17.07
N ASN A 558 4.26 -5.35 -16.44
CA ASN A 558 3.01 -4.64 -16.65
C ASN A 558 2.99 -3.98 -18.03
N VAL A 559 1.80 -3.53 -18.43
CA VAL A 559 1.66 -2.76 -19.66
C VAL A 559 2.43 -1.45 -19.56
N GLY A 560 2.70 -0.98 -18.35
CA GLY A 560 3.54 0.18 -18.16
C GLY A 560 3.25 0.89 -16.85
N ARG A 561 4.30 1.25 -16.12
CA ARG A 561 4.16 1.95 -14.85
C ARG A 561 5.16 3.10 -14.82
N THR A 562 4.79 4.15 -14.09
CA THR A 562 5.58 5.37 -14.06
C THR A 562 5.70 5.87 -12.63
N PHE A 563 6.74 6.67 -12.40
CA PHE A 563 6.90 7.38 -11.13
C PHE A 563 7.23 8.84 -11.41
N GLY A 564 6.89 9.69 -10.45
CA GLY A 564 6.90 11.13 -10.65
C GLY A 564 8.19 11.80 -10.20
N LYS A 565 8.56 12.84 -10.94
CA LYS A 565 9.70 13.70 -10.63
C LYS A 565 9.19 15.12 -10.49
N LEU A 566 9.62 15.79 -9.42
CA LEU A 566 9.12 17.09 -9.03
C LEU A 566 10.24 18.13 -9.07
N PRO A 567 9.90 19.41 -9.13
CA PRO A 567 10.93 20.45 -8.97
C PRO A 567 11.60 20.34 -7.61
N TYR A 568 12.85 20.75 -7.55
CA TYR A 568 13.68 20.49 -6.38
C TYR A 568 13.10 21.01 -5.07
N PRO A 569 12.62 22.26 -4.96
CA PRO A 569 12.05 22.70 -3.68
C PRO A 569 10.84 21.88 -3.24
N THR A 570 9.97 21.50 -4.17
CA THR A 570 8.82 20.67 -3.80
C THR A 570 9.28 19.26 -3.42
N ARG A 571 10.34 18.76 -4.05
CA ARG A 571 10.94 17.50 -3.62
C ARG A 571 11.45 17.59 -2.19
N ASN A 572 12.08 18.71 -1.85
CA ASN A 572 12.53 18.92 -0.47
C ASN A 572 11.36 18.94 0.50
N VAL A 573 10.26 19.59 0.10
CA VAL A 573 9.06 19.60 0.93
C VAL A 573 8.55 18.17 1.13
N GLN A 574 8.53 17.38 0.05
CA GLN A 574 8.06 15.99 0.16
C GLN A 574 8.93 15.19 1.12
N THR A 575 10.25 15.32 1.00
CA THR A 575 11.14 14.58 1.87
C THR A 575 10.98 15.02 3.33
N LEU A 576 10.82 16.33 3.55
CA LEU A 576 10.60 16.84 4.90
C LEU A 576 9.31 16.29 5.49
N CYS A 577 8.23 16.27 4.70
CA CYS A 577 6.98 15.72 5.17
C CYS A 577 7.12 14.24 5.51
N GLU A 578 7.82 13.49 4.65
CA GLU A 578 8.04 12.07 4.91
C GLU A 578 8.78 11.87 6.23
N ALA A 579 9.85 12.63 6.44
CA ALA A 579 10.64 12.46 7.67
C ALA A 579 9.83 12.84 8.90
N LEU A 580 9.15 13.99 8.86
CA LEU A 580 8.37 14.43 10.01
C LEU A 580 7.25 13.44 10.34
N LEU A 581 6.56 12.94 9.31
CA LEU A 581 5.43 12.05 9.53
C LEU A 581 5.88 10.65 9.94
N ALA A 582 7.08 10.23 9.53
CA ALA A 582 7.63 8.97 9.98
C ALA A 582 8.18 9.05 11.40
N ASP A 583 8.62 10.23 11.84
CA ASP A 583 9.14 10.40 13.19
C ASP A 583 8.03 10.63 14.22
N GLY A 584 7.23 11.67 14.04
CA GLY A 584 6.17 11.97 14.98
C GLY A 584 5.01 10.99 14.90
N LEU A 585 4.26 11.03 13.81
CA LEU A 585 3.17 10.09 13.60
C LEU A 585 3.73 8.79 13.02
N ALA A 586 2.84 7.93 12.51
CA ALA A 586 3.16 6.65 11.90
C ALA A 586 3.73 5.65 12.90
N LYS A 587 3.93 6.06 14.16
CA LYS A 587 4.30 5.13 15.22
C LYS A 587 3.09 4.66 16.01
N ALA A 588 1.98 5.38 15.93
CA ALA A 588 0.71 4.91 16.48
C ALA A 588 0.11 3.77 15.66
N PHE A 589 0.63 3.53 14.46
CA PHE A 589 0.13 2.49 13.56
C PHE A 589 1.32 1.62 13.15
N PRO A 590 1.81 0.79 14.06
CA PRO A 590 3.04 0.03 13.78
C PRO A 590 2.78 -1.15 12.85
N SER A 591 3.87 -1.66 12.30
CA SER A 591 3.84 -2.85 11.45
C SER A 591 4.24 -4.05 12.30
N ASN A 592 3.26 -4.83 12.73
CA ASN A 592 3.50 -5.95 13.63
C ASN A 592 3.92 -7.20 12.86
N THR A 623 -8.50 -22.86 22.88
CA THR A 623 -7.39 -22.58 21.98
C THR A 623 -7.63 -21.29 21.21
N VAL A 624 -6.61 -20.87 20.46
CA VAL A 624 -6.69 -19.68 19.63
C VAL A 624 -6.24 -20.06 18.23
N ARG A 625 -7.10 -19.84 17.24
CA ARG A 625 -6.78 -20.10 15.84
C ARG A 625 -6.87 -18.79 15.07
N GLY A 626 -5.83 -18.48 14.30
CA GLY A 626 -5.80 -17.23 13.57
C GLY A 626 -5.69 -17.42 12.07
N SER A 627 -6.61 -16.80 11.34
CA SER A 627 -6.57 -16.80 9.88
C SER A 627 -5.98 -15.49 9.39
N SER A 628 -5.75 -15.39 8.08
CA SER A 628 -5.12 -14.20 7.54
C SER A 628 -5.51 -14.03 6.08
N PHE A 629 -5.39 -12.78 5.61
CA PHE A 629 -5.59 -12.49 4.20
C PHE A 629 -4.75 -11.27 3.82
N VAL A 630 -4.36 -11.20 2.55
CA VAL A 630 -3.44 -10.20 2.05
C VAL A 630 -4.18 -9.27 1.10
N THR A 631 -4.02 -7.97 1.30
CA THR A 631 -4.61 -6.95 0.45
C THR A 631 -3.51 -6.12 -0.19
N ASP A 632 -3.85 -5.53 -1.34
CA ASP A 632 -2.89 -4.75 -2.12
C ASP A 632 -3.00 -3.27 -1.76
N LEU A 633 -1.84 -2.61 -1.63
CA LEU A 633 -1.79 -1.23 -1.18
C LEU A 633 -1.45 -0.23 -2.28
N GLU A 634 -0.87 -0.68 -3.39
CA GLU A 634 -0.48 0.27 -4.43
C GLU A 634 -1.69 0.87 -5.12
N LYS A 635 -2.75 0.09 -5.33
CA LYS A 635 -3.94 0.62 -5.99
C LYS A 635 -4.58 1.72 -5.15
N TYR A 636 -4.25 1.82 -3.87
CA TYR A 636 -4.77 2.90 -3.05
C TYR A 636 -4.23 4.26 -3.50
N ASN A 637 -3.01 4.29 -4.04
CA ASN A 637 -2.33 5.57 -4.25
C ASN A 637 -3.13 6.48 -5.18
N LEU A 638 -3.69 5.92 -6.25
CA LEU A 638 -4.46 6.72 -7.20
C LEU A 638 -5.91 6.91 -6.79
N ALA A 639 -6.35 6.25 -5.70
CA ALA A 639 -7.75 6.29 -5.29
C ALA A 639 -8.02 7.26 -4.16
N PHE A 640 -7.04 8.07 -3.77
CA PHE A 640 -7.20 9.01 -2.68
C PHE A 640 -7.62 10.36 -3.23
N ARG A 641 -8.72 10.90 -2.70
CA ARG A 641 -9.23 12.20 -3.08
C ARG A 641 -9.14 13.15 -1.90
N TYR A 642 -9.11 14.45 -2.22
CA TYR A 642 -8.96 15.45 -1.17
C TYR A 642 -10.15 15.46 -0.21
N GLU A 643 -11.35 15.18 -0.71
CA GLU A 643 -12.53 15.19 0.14
C GLU A 643 -12.47 14.13 1.23
N PHE A 644 -11.59 13.13 1.08
CA PHE A 644 -11.43 12.07 2.07
C PHE A 644 -10.21 12.28 2.96
N THR A 645 -9.12 12.78 2.40
CA THR A 645 -7.88 12.95 3.15
C THR A 645 -7.74 14.33 3.78
N ALA A 646 -8.67 15.25 3.53
CA ALA A 646 -8.56 16.59 4.10
C ALA A 646 -8.61 16.59 5.63
N PRO A 647 -9.55 15.91 6.30
CA PRO A 647 -9.51 15.92 7.77
C PRO A 647 -8.24 15.35 8.35
N PHE A 648 -7.73 14.25 7.78
CA PHE A 648 -6.51 13.64 8.29
C PHE A 648 -5.32 14.57 8.10
N ILE A 649 -5.24 15.22 6.94
CA ILE A 649 -4.15 16.16 6.68
C ILE A 649 -4.22 17.33 7.64
N GLU A 650 -5.42 17.87 7.87
CA GLU A 650 -5.57 19.00 8.78
C GLU A 650 -5.19 18.60 10.21
N TYR A 651 -5.57 17.40 10.63
CA TYR A 651 -5.18 16.94 11.96
C TYR A 651 -3.67 16.77 12.05
N CYS A 652 -3.04 16.26 10.99
CA CYS A 652 -1.58 16.12 10.98
C CYS A 652 -0.91 17.49 11.09
N ASN A 653 -1.45 18.48 10.38
CA ASN A 653 -0.91 19.84 10.48
C ASN A 653 -1.07 20.39 11.90
N ARG A 654 -2.25 20.16 12.51
CA ARG A 654 -2.50 20.67 13.84
C ARG A 654 -1.63 19.97 14.89
N CYS A 655 -1.26 18.71 14.65
CA CYS A 655 -0.39 18.01 15.58
C CYS A 655 0.99 18.64 15.67
N TYR A 656 1.38 19.41 14.67
CA TYR A 656 2.62 20.19 14.68
C TYR A 656 2.27 21.66 14.80
N GLY A 657 3.31 22.49 14.92
CA GLY A 657 3.11 23.92 14.87
C GLY A 657 3.02 24.49 13.48
N VAL A 658 3.09 23.63 12.47
CA VAL A 658 3.10 24.04 11.07
C VAL A 658 1.66 24.21 10.59
N LYS A 659 1.49 24.90 9.46
CA LYS A 659 0.18 25.25 8.96
C LYS A 659 -0.23 24.50 7.70
N ASN A 660 0.57 24.56 6.63
CA ASN A 660 0.15 24.03 5.34
C ASN A 660 1.27 23.24 4.66
N VAL A 661 1.91 22.34 5.39
CA VAL A 661 3.00 21.56 4.84
C VAL A 661 2.53 20.19 4.35
N PHE A 662 1.55 19.59 5.03
CA PHE A 662 1.17 18.21 4.75
C PHE A 662 0.19 18.07 3.60
N ASN A 663 -0.32 19.17 3.06
CA ASN A 663 -1.23 19.16 1.93
C ASN A 663 -0.63 19.85 0.71
N TRP A 664 0.69 19.76 0.55
CA TRP A 664 1.34 20.28 -0.63
C TRP A 664 0.87 19.54 -1.89
N MET A 665 0.76 18.21 -1.80
CA MET A 665 0.42 17.42 -2.98
C MET A 665 -0.93 17.82 -3.56
N HIS A 666 -1.96 17.84 -2.71
CA HIS A 666 -3.30 18.10 -3.21
C HIS A 666 -3.43 19.51 -3.75
N TYR A 667 -2.65 20.45 -3.23
CA TYR A 667 -2.69 21.80 -3.76
C TYR A 667 -1.92 21.95 -5.07
N THR A 668 -0.82 21.23 -5.25
CA THR A 668 0.04 21.47 -6.41
C THR A 668 -0.14 20.45 -7.53
N ILE A 669 -0.55 19.21 -7.23
CA ILE A 669 -0.63 18.19 -8.26
C ILE A 669 -1.69 18.50 -9.33
N PRO A 670 -2.94 18.84 -8.97
CA PRO A 670 -3.92 19.12 -10.03
C PRO A 670 -3.57 20.30 -10.91
N GLN A 671 -2.78 21.25 -10.43
CA GLN A 671 -2.38 22.38 -11.26
C GLN A 671 -1.24 22.05 -12.21
N CYS A 672 -0.56 20.93 -12.02
CA CYS A 672 0.56 20.57 -12.87
C CYS A 672 0.07 20.02 -14.21
N TYR A 673 0.96 20.02 -15.20
CA TYR A 673 0.71 19.46 -16.51
C TYR A 673 1.38 18.10 -16.57
N MET A 674 0.58 17.05 -16.76
CA MET A 674 1.06 15.69 -16.64
C MET A 674 1.61 15.20 -17.98
N HIS A 675 2.86 14.75 -17.98
CA HIS A 675 3.48 14.25 -19.21
C HIS A 675 4.62 13.32 -18.82
N VAL A 676 5.04 12.49 -19.77
CA VAL A 676 6.16 11.58 -19.58
C VAL A 676 7.40 12.19 -20.20
N SER A 677 8.46 12.32 -19.40
CA SER A 677 9.70 12.96 -19.84
C SER A 677 10.58 11.94 -20.56
N ASP A 678 10.16 11.60 -21.77
CA ASP A 678 10.93 10.73 -22.65
C ASP A 678 11.61 11.57 -23.73
N TYR A 679 12.86 11.22 -24.04
CA TYR A 679 13.68 12.08 -24.89
C TYR A 679 13.11 12.20 -26.30
N TYR A 680 12.63 11.11 -26.87
CA TYR A 680 12.35 11.06 -28.30
C TYR A 680 10.86 11.11 -28.64
N ASN A 681 9.99 11.40 -27.67
CA ASN A 681 8.58 11.62 -28.01
C ASN A 681 7.90 12.63 -27.09
N PRO A 682 7.74 13.87 -27.55
CA PRO A 682 7.07 14.88 -26.74
C PRO A 682 5.58 14.68 -26.75
N PRO A 683 4.83 15.43 -25.94
CA PRO A 683 3.37 15.38 -26.03
C PRO A 683 2.88 15.76 -27.43
N HIS A 684 1.78 15.15 -27.83
CA HIS A 684 1.28 15.30 -29.20
C HIS A 684 0.90 16.75 -29.46
N ASN A 685 1.10 17.17 -30.72
CA ASN A 685 0.74 18.51 -31.19
C ASN A 685 1.44 19.59 -30.39
N LEU A 686 2.71 19.36 -30.06
CA LEU A 686 3.52 20.33 -29.33
C LEU A 686 4.26 21.20 -30.35
N THR A 687 3.90 22.48 -30.40
CA THR A 687 4.51 23.43 -31.32
C THR A 687 5.10 24.59 -30.53
N LEU A 688 5.61 25.58 -31.26
CA LEU A 688 6.19 26.76 -30.61
C LEU A 688 5.12 27.69 -30.06
N GLU A 689 4.02 27.85 -30.78
CA GLU A 689 2.99 28.81 -30.37
C GLU A 689 2.32 28.37 -29.07
N ASN A 690 1.85 27.13 -29.01
CA ASN A 690 1.17 26.62 -27.82
C ASN A 690 2.16 25.85 -26.94
N ARG A 691 3.22 26.53 -26.54
CA ARG A 691 4.23 25.96 -25.67
C ARG A 691 4.00 26.29 -24.20
N ASN A 692 3.52 27.50 -23.91
CA ASN A 692 3.24 27.88 -22.52
C ASN A 692 1.98 27.21 -22.01
N ASN A 693 1.05 26.89 -22.91
CA ASN A 693 -0.20 26.21 -22.55
C ASN A 693 -0.37 25.01 -23.47
N PRO A 694 0.37 23.93 -23.23
CA PRO A 694 0.32 22.79 -24.13
C PRO A 694 -1.06 22.16 -24.12
N PRO A 695 -1.52 21.64 -25.24
CA PRO A 695 -2.83 21.01 -25.31
C PRO A 695 -2.82 19.62 -24.68
N GLU A 696 -4.04 19.13 -24.41
CA GLU A 696 -4.21 17.79 -23.84
C GLU A 696 -4.26 16.77 -24.97
N GLY A 697 -3.25 15.92 -25.03
CA GLY A 697 -3.19 14.89 -26.04
C GLY A 697 -3.39 13.51 -25.44
N PRO A 698 -3.15 12.47 -26.25
CA PRO A 698 -3.27 11.09 -25.73
C PRO A 698 -2.27 10.75 -24.65
N SER A 699 -1.17 11.50 -24.52
CA SER A 699 -0.18 11.24 -23.48
C SER A 699 -0.03 12.43 -22.55
N SER A 700 -1.11 13.17 -22.31
CA SER A 700 -1.06 14.33 -21.44
C SER A 700 -2.45 14.61 -20.89
N TYR A 701 -2.49 15.13 -19.67
CA TYR A 701 -3.74 15.53 -19.04
C TYR A 701 -3.42 16.52 -17.93
N ARG A 702 -4.44 17.20 -17.43
CA ARG A 702 -4.27 18.29 -16.48
C ARG A 702 -4.78 17.95 -15.09
N GLY A 703 -6.03 17.55 -14.95
CA GLY A 703 -6.64 17.41 -13.64
C GLY A 703 -6.36 16.10 -12.93
N HIS A 704 -5.15 15.93 -12.41
CA HIS A 704 -4.80 14.73 -11.65
C HIS A 704 -5.34 14.90 -10.23
N MET A 705 -6.61 14.54 -10.05
CA MET A 705 -7.27 14.71 -8.76
C MET A 705 -6.74 13.77 -7.70
N GLY A 706 -6.29 12.58 -8.08
CA GLY A 706 -5.84 11.57 -7.14
C GLY A 706 -4.43 11.78 -6.68
N GLY A 707 -3.87 10.74 -6.05
CA GLY A 707 -2.52 10.76 -5.55
C GLY A 707 -1.54 10.15 -6.54
N ILE A 708 -0.33 9.91 -6.04
CA ILE A 708 0.77 9.34 -6.84
C ILE A 708 1.51 8.32 -5.98
N GLU A 709 1.88 7.20 -6.57
CA GLU A 709 2.58 6.14 -5.85
C GLU A 709 3.88 6.66 -5.25
N GLY A 710 4.14 6.27 -4.01
CA GLY A 710 5.35 6.65 -3.31
C GLY A 710 5.28 7.93 -2.51
N LEU A 711 4.83 9.01 -3.14
CA LEU A 711 4.72 10.30 -2.47
C LEU A 711 3.67 10.21 -1.36
N GLN A 712 4.01 10.75 -0.18
CA GLN A 712 3.10 10.77 0.97
C GLN A 712 2.60 9.37 1.32
N GLN A 713 3.51 8.39 1.31
CA GLN A 713 3.12 7.02 1.55
C GLN A 713 2.76 6.77 3.02
N LYS A 714 3.45 7.44 3.94
CA LYS A 714 3.22 7.20 5.36
C LYS A 714 1.81 7.60 5.77
N LEU A 715 1.32 8.73 5.27
CA LEU A 715 -0.03 9.16 5.61
C LEU A 715 -1.07 8.16 5.13
N TRP A 716 -0.90 7.64 3.91
CA TRP A 716 -1.85 6.69 3.37
C TRP A 716 -1.80 5.36 4.12
N THR A 717 -0.59 4.93 4.52
CA THR A 717 -0.48 3.74 5.35
C THR A 717 -1.18 3.94 6.69
N SER A 718 -1.03 5.12 7.28
CA SER A 718 -1.71 5.41 8.55
C SER A 718 -3.23 5.40 8.37
N ILE A 719 -3.71 5.94 7.25
CA ILE A 719 -5.15 5.95 6.99
C ILE A 719 -5.67 4.52 6.82
N SER A 720 -4.91 3.68 6.10
CA SER A 720 -5.31 2.29 5.95
C SER A 720 -5.35 1.57 7.29
N CYS A 721 -4.34 1.82 8.15
CA CYS A 721 -4.34 1.22 9.47
C CYS A 721 -5.54 1.71 10.30
N ALA A 722 -5.90 2.99 10.15
CA ALA A 722 -7.08 3.50 10.83
C ALA A 722 -8.34 2.81 10.36
N GLN A 723 -8.45 2.56 9.05
CA GLN A 723 -9.61 1.83 8.54
C GLN A 723 -9.67 0.41 9.09
N ILE A 724 -8.51 -0.26 9.16
CA ILE A 724 -8.47 -1.60 9.73
C ILE A 724 -8.90 -1.58 11.19
N SER A 725 -8.42 -0.58 11.94
CA SER A 725 -8.82 -0.46 13.35
C SER A 725 -10.31 -0.18 13.49
N LEU A 726 -10.88 0.60 12.57
CA LEU A 726 -12.31 0.85 12.60
C LEU A 726 -13.09 -0.43 12.36
N VAL A 727 -12.64 -1.25 11.40
CA VAL A 727 -13.29 -2.53 11.17
C VAL A 727 -13.18 -3.43 12.40
N GLU A 728 -12.02 -3.40 13.07
CA GLU A 728 -11.84 -4.18 14.28
C GLU A 728 -12.77 -3.71 15.39
N ILE A 729 -12.98 -2.40 15.50
CA ILE A 729 -13.88 -1.87 16.52
C ILE A 729 -15.32 -2.27 16.22
N LYS A 730 -15.74 -2.14 14.97
CA LYS A 730 -17.13 -2.43 14.61
C LYS A 730 -17.41 -3.93 14.73
N THR A 731 -16.54 -4.77 14.18
CA THR A 731 -16.69 -6.21 14.24
C THR A 731 -15.71 -6.75 15.28
N GLY A 732 -16.26 -7.29 16.38
CA GLY A 732 -15.44 -7.58 17.54
C GLY A 732 -14.52 -8.76 17.39
N PHE A 733 -13.49 -8.62 16.54
CA PHE A 733 -12.46 -9.63 16.37
C PHE A 733 -11.10 -9.00 16.58
N LYS A 734 -10.16 -9.80 17.10
CA LYS A 734 -8.81 -9.33 17.32
C LYS A 734 -8.07 -9.30 15.99
N LEU A 735 -7.66 -8.09 15.57
CA LEU A 735 -7.03 -7.88 14.28
C LEU A 735 -5.57 -7.48 14.48
N ARG A 736 -4.69 -8.08 13.69
CA ARG A 736 -3.27 -7.76 13.69
C ARG A 736 -2.87 -7.45 12.25
N SER A 737 -2.51 -6.21 11.97
CA SER A 737 -2.22 -5.76 10.62
C SER A 737 -0.74 -5.41 10.48
N ALA A 738 -0.14 -5.85 9.38
CA ALA A 738 1.24 -5.49 9.06
C ALA A 738 1.31 -5.11 7.60
N VAL A 739 2.27 -4.27 7.25
CA VAL A 739 2.44 -3.81 5.87
C VAL A 739 3.91 -3.91 5.50
N MET A 740 4.17 -4.32 4.26
CA MET A 740 5.54 -4.38 3.75
C MET A 740 5.52 -3.93 2.30
N GLY A 741 5.83 -2.67 2.07
CA GLY A 741 5.81 -2.12 0.72
C GLY A 741 4.39 -2.02 0.18
N ASP A 742 4.07 -2.88 -0.78
CA ASP A 742 2.81 -2.82 -1.50
C ASP A 742 1.81 -3.87 -1.05
N ASN A 743 2.06 -4.56 0.06
CA ASN A 743 1.20 -5.64 0.51
C ASN A 743 0.93 -5.50 1.99
N GLN A 744 -0.35 -5.59 2.37
CA GLN A 744 -0.76 -5.50 3.76
C GLN A 744 -1.43 -6.81 4.16
N CYS A 745 -0.86 -7.48 5.15
CA CYS A 745 -1.39 -8.74 5.66
C CYS A 745 -2.17 -8.48 6.94
N ILE A 746 -3.41 -8.95 6.98
CA ILE A 746 -4.31 -8.78 8.11
C ILE A 746 -4.65 -10.15 8.66
N THR A 747 -4.40 -10.36 9.95
CA THR A 747 -4.67 -11.63 10.61
C THR A 747 -5.79 -11.43 11.63
N VAL A 748 -6.78 -12.30 11.57
CA VAL A 748 -7.93 -12.27 12.47
C VAL A 748 -7.83 -13.46 13.42
N LEU A 749 -7.88 -13.18 14.71
CA LEU A 749 -7.84 -14.22 15.74
C LEU A 749 -9.24 -14.50 16.24
N SER A 750 -9.58 -15.79 16.34
CA SER A 750 -10.95 -16.21 16.63
C SER A 750 -11.20 -16.46 18.12
N VAL A 751 -10.32 -17.22 18.76
CA VAL A 751 -10.44 -17.61 20.17
C VAL A 751 -11.65 -18.53 20.34
N PHE A 752 -11.39 -19.75 20.82
CA PHE A 752 -12.42 -20.77 20.91
C PHE A 752 -12.54 -21.31 22.33
N PRO A 753 -13.71 -21.81 22.71
CA PRO A 753 -13.91 -22.27 24.10
C PRO A 753 -13.37 -23.68 24.35
N LEU A 754 -12.50 -24.16 23.47
CA LEU A 754 -11.88 -25.48 23.60
C LEU A 754 -12.89 -26.60 23.41
N GLU A 755 -12.39 -27.83 23.32
CA GLU A 755 -13.23 -29.03 23.12
C GLU A 755 -14.10 -28.88 21.87
N THR A 756 -13.52 -28.31 20.80
CA THR A 756 -14.21 -28.16 19.53
C THR A 756 -13.49 -28.90 18.40
N ASP A 757 -12.66 -29.87 18.75
CA ASP A 757 -11.89 -30.65 17.76
C ASP A 757 -11.00 -29.69 16.97
N ALA A 758 -10.70 -30.03 15.72
CA ALA A 758 -9.89 -29.16 14.87
C ALA A 758 -10.42 -29.05 13.44
N ASP A 759 -11.49 -29.75 13.09
CA ASP A 759 -12.05 -29.67 11.75
C ASP A 759 -12.96 -28.45 11.60
N GLU A 760 -13.94 -28.31 12.49
CA GLU A 760 -14.82 -27.15 12.43
C GLU A 760 -14.13 -25.87 12.91
N GLN A 761 -13.07 -26.01 13.72
CA GLN A 761 -12.37 -24.82 14.23
C GLN A 761 -11.74 -24.03 13.09
N GLU A 762 -11.05 -24.73 12.17
CA GLU A 762 -10.44 -24.04 11.04
C GLU A 762 -11.48 -23.44 10.12
N GLN A 763 -12.60 -24.15 9.91
CA GLN A 763 -13.67 -23.61 9.09
C GLN A 763 -14.25 -22.34 9.70
N SER A 764 -14.45 -22.34 11.02
CA SER A 764 -14.97 -21.16 11.68
C SER A 764 -13.97 -20.00 11.61
N ALA A 765 -12.67 -20.29 11.77
CA ALA A 765 -11.67 -19.25 11.64
C ALA A 765 -11.66 -18.65 10.23
N GLU A 766 -11.75 -19.51 9.21
CA GLU A 766 -11.83 -19.02 7.84
C GLU A 766 -13.07 -18.18 7.62
N ASP A 767 -14.20 -18.59 8.17
CA ASP A 767 -15.43 -17.81 8.03
C ASP A 767 -15.31 -16.46 8.71
N ASN A 768 -14.69 -16.42 9.89
CA ASN A 768 -14.48 -15.15 10.58
C ASN A 768 -13.57 -14.23 9.76
N ALA A 769 -12.51 -14.79 9.19
CA ALA A 769 -11.62 -13.99 8.34
C ALA A 769 -12.36 -13.48 7.11
N ALA A 770 -13.22 -14.31 6.53
CA ALA A 770 -14.01 -13.89 5.37
C ALA A 770 -14.94 -12.74 5.72
N ARG A 771 -15.61 -12.82 6.88
CA ARG A 771 -16.52 -11.75 7.26
C ARG A 771 -15.77 -10.47 7.59
N VAL A 772 -14.58 -10.60 8.19
CA VAL A 772 -13.75 -9.42 8.46
C VAL A 772 -13.32 -8.77 7.15
N ALA A 773 -12.93 -9.59 6.17
CA ALA A 773 -12.55 -9.06 4.86
C ALA A 773 -13.72 -8.39 4.17
N ALA A 774 -14.92 -8.97 4.29
CA ALA A 774 -16.10 -8.34 3.71
C ALA A 774 -16.40 -6.98 4.36
N SER A 775 -16.30 -6.91 5.68
CA SER A 775 -16.52 -5.64 6.37
C SER A 775 -15.47 -4.61 5.96
N LEU A 776 -14.21 -5.03 5.85
CA LEU A 776 -13.16 -4.12 5.43
C LEU A 776 -13.38 -3.64 4.01
N ALA A 777 -13.83 -4.53 3.13
CA ALA A 777 -14.15 -4.12 1.76
C ALA A 777 -15.28 -3.11 1.74
N LYS A 778 -16.30 -3.32 2.56
CA LYS A 778 -17.40 -2.36 2.65
C LYS A 778 -16.88 -1.00 3.10
N VAL A 779 -16.08 -0.98 4.16
CA VAL A 779 -15.58 0.28 4.71
C VAL A 779 -14.71 1.00 3.68
N THR A 780 -13.78 0.26 3.06
CA THR A 780 -12.88 0.87 2.10
C THR A 780 -13.63 1.41 0.88
N SER A 781 -14.59 0.64 0.36
CA SER A 781 -15.38 1.11 -0.77
C SER A 781 -16.17 2.35 -0.40
N ALA A 782 -16.73 2.39 0.81
CA ALA A 782 -17.40 3.60 1.27
C ALA A 782 -16.42 4.77 1.40
N CYS A 783 -15.15 4.48 1.64
CA CYS A 783 -14.13 5.52 1.70
C CYS A 783 -13.61 5.93 0.33
N GLY A 784 -14.06 5.30 -0.74
CA GLY A 784 -13.67 5.66 -2.09
C GLY A 784 -12.61 4.79 -2.73
N ILE A 785 -12.12 3.77 -2.01
CA ILE A 785 -11.11 2.87 -2.54
C ILE A 785 -11.74 1.48 -2.64
N PHE A 786 -11.69 0.90 -3.83
CA PHE A 786 -12.38 -0.36 -4.10
C PHE A 786 -11.40 -1.52 -3.99
N LEU A 787 -11.71 -2.45 -3.08
CA LEU A 787 -10.96 -3.70 -2.97
C LEU A 787 -11.62 -4.76 -3.85
N LYS A 788 -10.83 -5.40 -4.69
CA LYS A 788 -11.37 -6.42 -5.56
C LYS A 788 -11.65 -7.69 -4.77
N PRO A 789 -12.92 -8.12 -4.69
CA PRO A 789 -13.21 -9.35 -3.94
C PRO A 789 -12.52 -10.58 -4.52
N ASP A 790 -12.40 -10.65 -5.84
CA ASP A 790 -11.79 -11.81 -6.48
C ASP A 790 -10.30 -11.63 -6.70
N GLU A 791 -9.61 -11.17 -5.65
CA GLU A 791 -8.16 -11.13 -5.66
C GLU A 791 -7.56 -11.42 -4.29
N THR A 792 -8.35 -11.78 -3.29
CA THR A 792 -7.88 -11.94 -1.92
C THR A 792 -7.76 -13.42 -1.59
N PHE A 793 -6.68 -13.77 -0.89
CA PHE A 793 -6.41 -15.18 -0.58
C PHE A 793 -7.43 -15.74 0.40
N VAL A 794 -7.55 -15.13 1.58
CA VAL A 794 -8.33 -15.66 2.68
C VAL A 794 -7.85 -17.08 2.99
N HIS A 795 -6.67 -17.18 3.59
CA HIS A 795 -6.03 -18.45 3.92
C HIS A 795 -5.93 -18.60 5.43
N SER A 796 -5.38 -19.73 5.86
CA SER A 796 -5.17 -20.00 7.27
C SER A 796 -3.71 -20.22 7.65
N GLY A 797 -2.99 -21.07 6.93
CA GLY A 797 -1.61 -21.37 7.28
C GLY A 797 -0.58 -20.70 6.40
N PHE A 798 -0.82 -20.69 5.09
CA PHE A 798 0.12 -20.11 4.14
C PHE A 798 0.04 -18.58 4.16
N ILE A 799 1.08 -17.93 4.65
CA ILE A 799 1.12 -16.47 4.73
C ILE A 799 2.26 -15.96 3.84
N TYR A 800 1.94 -15.04 2.95
CA TYR A 800 2.92 -14.43 2.04
C TYR A 800 3.05 -12.96 2.40
N PHE A 801 4.27 -12.51 2.67
CA PHE A 801 4.48 -11.16 3.17
C PHE A 801 5.89 -10.72 2.82
N GLY A 802 6.00 -9.69 1.99
CA GLY A 802 7.29 -9.16 1.59
C GLY A 802 8.17 -10.18 0.90
N LYS A 803 9.25 -10.59 1.58
CA LYS A 803 10.17 -11.59 1.05
C LYS A 803 10.00 -12.95 1.71
N LYS A 804 8.99 -13.13 2.55
CA LYS A 804 8.84 -14.35 3.33
C LYS A 804 7.50 -15.02 3.01
N GLN A 805 7.56 -16.31 2.65
CA GLN A 805 6.38 -17.12 2.43
C GLN A 805 6.45 -18.31 3.36
N TYR A 806 5.44 -18.47 4.20
CA TYR A 806 5.40 -19.53 5.20
C TYR A 806 4.22 -20.45 4.94
N LEU A 807 4.46 -21.75 5.08
CA LEU A 807 3.41 -22.77 4.96
C LEU A 807 3.38 -23.56 6.26
N ASN A 808 2.36 -23.32 7.07
CA ASN A 808 2.20 -23.97 8.37
C ASN A 808 3.44 -23.76 9.25
N GLY A 809 4.01 -22.56 9.16
CA GLY A 809 5.17 -22.22 9.94
C GLY A 809 6.49 -22.75 9.41
N VAL A 810 6.48 -23.38 8.24
CA VAL A 810 7.68 -23.94 7.62
C VAL A 810 8.12 -22.99 6.52
N GLN A 811 9.39 -22.59 6.56
CA GLN A 811 9.91 -21.66 5.56
C GLN A 811 9.89 -22.28 4.17
N LEU A 812 9.48 -21.48 3.18
CA LEU A 812 9.52 -21.91 1.80
C LEU A 812 10.78 -21.37 1.15
N PRO A 813 11.68 -22.23 0.68
CA PRO A 813 12.95 -21.75 0.13
C PRO A 813 12.77 -20.94 -1.14
N GLN A 814 13.66 -19.98 -1.33
CA GLN A 814 13.72 -19.20 -2.57
C GLN A 814 15.15 -18.75 -2.77
N SER A 815 15.77 -19.18 -3.87
CA SER A 815 17.14 -18.81 -4.16
C SER A 815 17.28 -18.34 -5.60
N LEU A 816 16.39 -18.81 -6.48
CA LEU A 816 16.46 -18.42 -7.88
C LEU A 816 16.22 -16.94 -8.10
N LYS A 817 15.67 -16.24 -7.10
CA LYS A 817 15.56 -14.78 -7.20
C LYS A 817 16.93 -14.13 -7.30
N THR A 818 17.88 -14.60 -6.50
CA THR A 818 19.23 -14.04 -6.47
C THR A 818 20.27 -14.89 -7.20
N ALA A 819 20.16 -16.21 -7.12
CA ALA A 819 21.15 -17.07 -7.75
C ALA A 819 21.16 -16.94 -9.27
N THR A 820 20.01 -16.66 -9.87
CA THR A 820 19.91 -16.53 -11.31
C THR A 820 20.32 -15.16 -11.82
N ARG A 821 20.65 -14.22 -10.93
CA ARG A 821 21.08 -12.90 -11.33
C ARG A 821 22.59 -12.75 -11.42
N MET A 822 23.34 -13.82 -11.14
CA MET A 822 24.79 -13.76 -11.21
C MET A 822 25.24 -13.63 -12.66
N ALA A 823 25.97 -12.56 -12.97
CA ALA A 823 26.44 -12.34 -14.32
C ALA A 823 27.90 -11.91 -14.31
N PRO A 824 28.68 -12.32 -15.30
CA PRO A 824 30.08 -11.89 -15.37
C PRO A 824 30.25 -10.40 -15.58
N LEU A 825 29.23 -9.70 -16.07
CA LEU A 825 29.31 -8.26 -16.30
C LEU A 825 28.28 -7.58 -15.41
N SER A 826 28.70 -6.54 -14.69
CA SER A 826 27.82 -5.80 -13.80
C SER A 826 28.21 -4.33 -13.86
N ASP A 827 27.42 -3.49 -13.20
CA ASP A 827 27.69 -2.06 -13.10
C ASP A 827 28.62 -1.86 -11.91
N ALA A 828 29.93 -1.81 -12.16
CA ALA A 828 30.92 -1.70 -11.12
C ALA A 828 31.95 -0.62 -11.43
N ILE A 829 31.47 0.57 -11.84
CA ILE A 829 32.24 1.78 -12.14
C ILE A 829 33.55 1.48 -12.87
N PHE A 830 33.55 1.70 -14.19
CA PHE A 830 34.70 1.42 -15.05
C PHE A 830 35.07 -0.06 -15.04
N ASP A 831 34.07 -0.92 -14.85
CA ASP A 831 34.25 -2.37 -14.96
C ASP A 831 35.34 -2.88 -14.01
N ASP A 832 35.17 -2.58 -12.73
CA ASP A 832 36.08 -3.12 -11.73
C ASP A 832 35.86 -4.62 -11.58
N LEU A 833 36.95 -5.38 -11.64
CA LEU A 833 36.85 -6.82 -11.40
C LEU A 833 36.40 -7.10 -9.98
N GLN A 834 36.91 -6.34 -9.02
CA GLN A 834 36.53 -6.55 -7.63
C GLN A 834 35.05 -6.24 -7.41
N GLY A 835 34.51 -5.24 -8.12
CA GLY A 835 33.09 -4.96 -8.00
C GLY A 835 32.23 -6.10 -8.47
N THR A 836 32.55 -6.68 -9.63
CA THR A 836 31.80 -7.82 -10.13
C THR A 836 31.93 -9.02 -9.19
N LEU A 837 33.15 -9.27 -8.70
CA LEU A 837 33.35 -10.37 -7.76
C LEU A 837 32.55 -10.17 -6.48
N ALA A 838 32.49 -8.94 -5.98
CA ALA A 838 31.72 -8.64 -4.77
C ALA A 838 30.23 -8.81 -5.02
N SER A 839 29.75 -8.40 -6.19
CA SER A 839 28.34 -8.61 -6.51
C SER A 839 28.00 -10.09 -6.56
N ILE A 840 28.87 -10.89 -7.18
CA ILE A 840 28.65 -12.34 -7.20
C ILE A 840 28.69 -12.91 -5.79
N GLY A 841 29.59 -12.39 -4.95
CA GLY A 841 29.65 -12.86 -3.58
C GLY A 841 28.41 -12.54 -2.79
N THR A 842 27.85 -11.34 -2.98
CA THR A 842 26.60 -10.99 -2.30
C THR A 842 25.44 -11.85 -2.80
N ALA A 843 25.41 -12.13 -4.11
CA ALA A 843 24.39 -13.02 -4.64
C ALA A 843 24.50 -14.41 -4.03
N PHE A 844 25.74 -14.91 -3.88
CA PHE A 844 25.95 -16.21 -3.24
C PHE A 844 25.52 -16.17 -1.78
N GLU A 845 25.82 -15.06 -1.10
CA GLU A 845 25.37 -14.89 0.29
C GLU A 845 23.86 -15.04 0.39
N ARG A 846 23.13 -14.29 -0.44
CA ARG A 846 21.68 -14.34 -0.39
C ARG A 846 21.14 -15.70 -0.79
N SER A 847 21.75 -16.34 -1.79
CA SER A 847 21.29 -17.66 -2.22
C SER A 847 21.46 -18.70 -1.13
N ILE A 848 22.60 -18.69 -0.44
CA ILE A 848 22.83 -19.65 0.62
C ILE A 848 21.99 -19.31 1.84
N SER A 849 21.58 -18.05 1.99
CA SER A 849 20.76 -17.65 3.12
C SER A 849 19.48 -18.49 3.19
N GLU A 850 18.85 -18.75 2.05
CA GLU A 850 17.69 -19.62 1.97
C GLU A 850 18.10 -21.01 1.49
N THR A 851 17.11 -21.86 1.24
CA THR A 851 17.29 -23.21 0.72
C THR A 851 18.16 -24.08 1.61
N ARG A 852 18.44 -25.31 1.15
CA ARG A 852 19.28 -26.24 1.87
C ARG A 852 20.37 -26.86 1.01
N HIS A 853 20.38 -26.63 -0.29
CA HIS A 853 21.44 -27.10 -1.16
C HIS A 853 22.59 -26.11 -1.20
N ILE A 854 23.80 -26.64 -1.16
CA ILE A 854 25.01 -25.84 -1.12
C ILE A 854 25.72 -25.80 -2.47
N PHE A 855 25.76 -26.92 -3.16
CA PHE A 855 26.56 -27.09 -4.37
C PHE A 855 26.01 -26.39 -5.61
N PRO A 856 24.68 -26.29 -5.81
CA PRO A 856 24.20 -25.55 -6.99
C PRO A 856 24.68 -24.11 -7.07
N CYS A 857 24.41 -23.34 -6.02
CA CYS A 857 24.81 -21.94 -6.01
C CYS A 857 26.33 -21.79 -6.00
N ARG A 858 27.03 -22.65 -5.27
CA ARG A 858 28.48 -22.61 -5.25
C ARG A 858 29.06 -22.85 -6.63
N ILE A 859 28.53 -23.85 -7.34
CA ILE A 859 29.01 -24.17 -8.68
C ILE A 859 28.69 -23.04 -9.65
N THR A 860 27.50 -22.45 -9.54
CA THR A 860 27.15 -21.32 -10.39
C THR A 860 28.10 -20.15 -10.19
N ALA A 861 28.37 -19.80 -8.93
CA ALA A 861 29.26 -18.68 -8.65
C ALA A 861 30.68 -18.99 -9.09
N ALA A 862 31.12 -20.24 -8.92
CA ALA A 862 32.45 -20.63 -9.39
C ALA A 862 32.56 -20.51 -10.90
N PHE A 863 31.50 -20.93 -11.61
CA PHE A 863 31.48 -20.77 -13.06
C PHE A 863 31.57 -19.30 -13.45
N HIS A 864 30.84 -18.44 -12.74
CA HIS A 864 30.76 -17.04 -13.17
C HIS A 864 32.01 -16.24 -12.81
N THR A 865 32.66 -16.53 -11.68
CA THR A 865 33.81 -15.73 -11.27
C THR A 865 34.94 -15.81 -12.27
N PHE A 866 35.34 -17.03 -12.64
CA PHE A 866 36.44 -17.20 -13.59
C PHE A 866 36.09 -16.60 -14.95
N PHE A 867 34.84 -16.78 -15.38
CA PHE A 867 34.41 -16.27 -16.68
C PHE A 867 34.47 -14.75 -16.69
N SER A 868 34.04 -14.11 -15.60
CA SER A 868 34.13 -12.66 -15.49
C SER A 868 35.57 -12.19 -15.50
N VAL A 869 36.45 -12.90 -14.78
CA VAL A 869 37.85 -12.50 -14.75
C VAL A 869 38.45 -12.58 -16.15
N ARG A 870 38.11 -13.63 -16.90
CA ARG A 870 38.61 -13.76 -18.27
C ARG A 870 38.07 -12.63 -19.16
N ILE A 871 36.80 -12.27 -19.01
CA ILE A 871 36.24 -11.18 -19.79
C ILE A 871 36.99 -9.88 -19.51
N LEU A 872 37.21 -9.58 -18.22
CA LEU A 872 37.91 -8.35 -17.88
C LEU A 872 39.34 -8.36 -18.38
N GLN A 873 40.01 -9.52 -18.31
CA GLN A 873 41.38 -9.62 -18.77
C GLN A 873 41.49 -9.38 -20.28
N TYR A 874 40.58 -9.97 -21.05
CA TYR A 874 40.72 -9.88 -22.51
C TYR A 874 39.96 -8.72 -23.12
N HIS A 875 38.71 -8.50 -22.73
CA HIS A 875 37.86 -7.46 -23.32
C HIS A 875 37.48 -6.45 -22.25
N HIS A 876 38.23 -5.35 -22.18
CA HIS A 876 37.94 -4.26 -21.27
C HIS A 876 37.51 -3.05 -22.09
N LEU A 877 36.34 -2.49 -21.73
CA LEU A 877 35.80 -1.38 -22.50
C LEU A 877 36.69 -0.14 -22.40
N GLY A 878 37.19 0.17 -21.21
CA GLY A 878 37.99 1.37 -21.03
C GLY A 878 39.28 1.33 -21.82
N PHE A 879 39.99 0.21 -21.78
CA PHE A 879 41.23 0.08 -22.52
C PHE A 879 40.95 -0.05 -24.01
N ASN A 880 41.98 0.21 -24.81
CA ASN A 880 41.84 0.13 -26.26
C ASN A 880 41.65 -1.32 -26.70
N LYS A 881 41.10 -1.47 -27.90
CA LYS A 881 40.79 -2.80 -28.40
C LYS A 881 42.05 -3.62 -28.61
N GLY A 882 42.01 -4.87 -28.17
CA GLY A 882 43.13 -5.78 -28.30
C GLY A 882 44.10 -5.81 -27.14
N PHE A 883 43.96 -4.89 -26.17
CA PHE A 883 44.84 -4.89 -25.02
C PHE A 883 44.58 -6.10 -24.14
N ASP A 884 45.66 -6.70 -23.66
CA ASP A 884 45.61 -7.85 -22.77
C ASP A 884 46.14 -7.42 -21.41
N LEU A 885 45.27 -7.41 -20.40
CA LEU A 885 45.70 -7.02 -19.07
C LEU A 885 46.59 -8.06 -18.41
N GLY A 886 46.66 -9.28 -18.96
CA GLY A 886 47.62 -10.25 -18.50
C GLY A 886 49.02 -10.06 -19.02
N GLN A 887 49.19 -9.16 -19.99
CA GLN A 887 50.50 -8.83 -20.56
C GLN A 887 51.03 -7.48 -20.11
N LEU A 888 50.15 -6.49 -19.97
CA LEU A 888 50.59 -5.15 -19.59
C LEU A 888 51.10 -5.09 -18.16
N THR A 889 50.66 -5.99 -17.29
CA THR A 889 51.08 -6.00 -15.89
C THR A 889 52.18 -7.02 -15.63
N LEU A 890 51.90 -8.31 -15.91
CA LEU A 890 52.87 -9.35 -15.62
C LEU A 890 54.00 -9.37 -16.65
N GLY A 891 53.68 -9.11 -17.92
CA GLY A 891 54.65 -9.25 -18.99
C GLY A 891 54.76 -10.65 -19.55
N LYS A 892 54.07 -11.62 -18.96
CA LYS A 892 54.06 -13.00 -19.41
C LYS A 892 52.63 -13.48 -19.40
N PRO A 893 52.32 -14.53 -20.16
CA PRO A 893 50.94 -15.05 -20.18
C PRO A 893 50.46 -15.38 -18.77
N LEU A 894 49.23 -14.98 -18.48
CA LEU A 894 48.62 -15.21 -17.17
C LEU A 894 47.98 -16.59 -17.20
N ASP A 895 48.68 -17.57 -16.65
CA ASP A 895 48.24 -18.96 -16.75
C ASP A 895 47.15 -19.27 -15.71
N PHE A 896 46.75 -20.53 -15.66
CA PHE A 896 45.70 -20.95 -14.75
C PHE A 896 46.16 -20.94 -13.30
N GLY A 897 47.44 -21.20 -13.05
CA GLY A 897 47.91 -21.31 -11.68
C GLY A 897 47.77 -20.01 -10.91
N THR A 898 48.24 -18.90 -11.49
CA THR A 898 48.20 -17.64 -10.78
C THR A 898 46.77 -17.13 -10.62
N ILE A 899 45.93 -17.33 -11.64
CA ILE A 899 44.55 -16.86 -11.55
C ILE A 899 43.77 -17.69 -10.53
N SER A 900 44.05 -18.99 -10.42
CA SER A 900 43.38 -19.81 -9.43
C SER A 900 43.88 -19.51 -8.02
N LEU A 901 45.18 -19.23 -7.87
CA LEU A 901 45.71 -18.93 -6.55
C LEU A 901 45.23 -17.58 -6.04
N ALA A 902 45.21 -16.57 -6.91
CA ALA A 902 44.79 -15.23 -6.50
C ALA A 902 43.29 -15.11 -6.32
N LEU A 903 42.52 -16.08 -6.83
CA LEU A 903 41.06 -16.05 -6.69
C LEU A 903 40.57 -16.72 -5.42
N ALA A 904 41.47 -17.29 -4.62
CA ALA A 904 41.08 -17.95 -3.38
C ALA A 904 41.55 -17.22 -2.13
N VAL A 905 42.49 -16.30 -2.24
CA VAL A 905 42.88 -15.48 -1.10
C VAL A 905 41.76 -14.49 -0.77
N PRO A 906 41.28 -14.44 0.47
CA PRO A 906 40.09 -13.63 0.77
C PRO A 906 40.33 -12.15 0.57
N GLN A 907 39.24 -11.44 0.27
CA GLN A 907 39.32 -10.00 0.02
C GLN A 907 39.72 -9.22 1.26
N VAL A 908 39.22 -9.61 2.44
CA VAL A 908 39.55 -8.90 3.66
C VAL A 908 41.04 -8.93 3.92
N LEU A 909 41.72 -9.98 3.45
CA LEU A 909 43.17 -10.08 3.50
C LEU A 909 43.85 -9.37 2.33
N GLY A 910 43.13 -8.49 1.64
CA GLY A 910 43.68 -7.81 0.49
C GLY A 910 43.66 -8.61 -0.79
N GLY A 911 42.94 -9.73 -0.82
CA GLY A 911 42.93 -10.58 -1.99
C GLY A 911 41.74 -10.39 -2.91
N LEU A 912 41.18 -11.49 -3.40
CA LEU A 912 40.13 -11.43 -4.41
C LEU A 912 38.98 -12.40 -4.17
N SER A 913 39.04 -13.24 -3.14
CA SER A 913 37.99 -14.23 -2.91
C SER A 913 36.88 -13.66 -2.04
N PHE A 914 35.64 -13.95 -2.43
CA PHE A 914 34.46 -13.53 -1.69
C PHE A 914 33.58 -14.69 -1.27
N LEU A 915 34.00 -15.93 -1.51
CA LEU A 915 33.16 -17.11 -1.34
C LEU A 915 33.85 -18.06 -0.37
N ASN A 916 33.58 -17.91 0.92
CA ASN A 916 34.19 -18.88 1.81
C ASN A 916 33.13 -19.80 2.41
N PRO A 917 33.46 -21.06 2.66
CA PRO A 917 32.43 -22.02 3.09
C PRO A 917 31.90 -21.78 4.48
N GLU A 918 32.68 -21.14 5.37
CA GLU A 918 32.21 -20.88 6.72
C GLU A 918 30.98 -19.97 6.70
N LYS A 919 30.86 -19.12 5.69
CA LYS A 919 29.68 -18.29 5.51
C LYS A 919 28.42 -19.11 5.28
N CYS A 920 28.55 -20.31 4.71
CA CYS A 920 27.38 -21.15 4.48
C CYS A 920 26.66 -21.51 5.78
N PHE A 921 27.37 -21.53 6.91
CA PHE A 921 26.76 -21.82 8.20
C PHE A 921 25.99 -20.64 8.76
N TYR A 922 26.53 -19.43 8.62
CA TYR A 922 25.87 -18.23 9.14
C TYR A 922 26.30 -17.03 8.32
N ARG A 923 25.35 -16.14 8.09
CA ARG A 923 25.58 -14.92 7.30
C ARG A 923 26.38 -13.87 8.06
N ASN A 924 26.13 -13.70 9.35
CA ASN A 924 26.85 -12.73 10.15
C ASN A 924 28.17 -13.33 10.62
N LEU A 925 29.26 -12.63 10.34
CA LEU A 925 30.60 -13.10 10.67
C LEU A 925 31.22 -12.15 11.68
N GLY A 926 31.63 -12.70 12.83
CA GLY A 926 32.16 -11.85 13.90
C GLY A 926 33.47 -11.19 13.52
N ASP A 927 34.39 -11.94 12.93
CA ASP A 927 35.70 -11.42 12.55
C ASP A 927 36.05 -11.95 11.16
N PRO A 928 35.92 -11.14 10.12
CA PRO A 928 36.29 -11.60 8.77
C PRO A 928 37.75 -11.98 8.64
N VAL A 929 38.65 -11.32 9.37
CA VAL A 929 40.08 -11.56 9.19
C VAL A 929 40.44 -12.97 9.61
N THR A 930 40.01 -13.38 10.81
CA THR A 930 40.36 -14.72 11.30
C THR A 930 39.75 -15.80 10.41
N SER A 931 38.51 -15.59 9.95
CA SER A 931 37.89 -16.53 9.04
C SER A 931 38.66 -16.64 7.73
N GLY A 932 39.11 -15.50 7.20
CA GLY A 932 39.90 -15.54 5.98
C GLY A 932 41.23 -16.26 6.15
N LEU A 933 41.90 -16.00 7.27
CA LEU A 933 43.14 -16.72 7.56
C LEU A 933 42.90 -18.22 7.66
N PHE A 934 41.83 -18.63 8.35
CA PHE A 934 41.54 -20.05 8.47
C PHE A 934 41.22 -20.68 7.12
N GLN A 935 40.44 -19.98 6.29
CA GLN A 935 40.09 -20.51 4.98
C GLN A 935 41.33 -20.66 4.11
N LEU A 936 42.19 -19.65 4.11
CA LEU A 936 43.42 -19.74 3.32
C LEU A 936 44.31 -20.86 3.82
N LYS A 937 44.42 -21.00 5.14
CA LYS A 937 45.25 -22.06 5.71
C LYS A 937 44.73 -23.43 5.32
N THR A 938 43.41 -23.64 5.40
CA THR A 938 42.86 -24.94 5.05
C THR A 938 42.99 -25.22 3.56
N TYR A 939 42.80 -24.21 2.72
CA TYR A 939 42.98 -24.38 1.29
C TYR A 939 44.41 -24.78 0.96
N LEU A 940 45.38 -24.05 1.51
CA LEU A 940 46.78 -24.37 1.24
C LEU A 940 47.21 -25.67 1.90
N ARG A 941 46.48 -26.13 2.93
CA ARG A 941 46.77 -27.43 3.50
C ARG A 941 46.22 -28.56 2.64
N MET A 942 45.09 -28.35 1.96
CA MET A 942 44.57 -29.38 1.07
C MET A 942 45.55 -29.71 -0.03
N ILE A 943 46.10 -28.70 -0.68
CA ILE A 943 47.13 -28.86 -1.71
C ILE A 943 48.46 -29.05 -1.01
N GLU A 944 49.38 -29.77 -1.67
CA GLU A 944 50.74 -29.92 -1.14
C GLU A 944 51.56 -28.67 -1.43
N MET A 945 51.03 -27.53 -0.99
CA MET A 945 51.65 -26.23 -1.16
C MET A 945 51.55 -25.45 0.16
N ASP A 946 51.88 -26.14 1.25
CA ASP A 946 51.72 -25.53 2.58
C ASP A 946 52.70 -24.39 2.79
N ASP A 947 53.90 -24.49 2.23
CA ASP A 947 54.93 -23.48 2.45
C ASP A 947 54.72 -22.28 1.55
N LEU A 948 53.51 -21.74 1.54
CA LEU A 948 53.18 -20.51 0.85
C LEU A 948 52.30 -19.59 1.68
N PHE A 949 51.77 -20.06 2.81
CA PHE A 949 50.83 -19.27 3.60
C PHE A 949 51.49 -18.00 4.13
N LEU A 950 52.70 -18.11 4.67
CA LEU A 950 53.35 -16.94 5.26
C LEU A 950 53.68 -15.86 4.24
N PRO A 951 54.31 -16.17 3.08
CA PRO A 951 54.58 -15.09 2.12
C PRO A 951 53.38 -14.82 1.22
N LEU A 952 52.18 -14.81 1.79
CA LEU A 952 50.96 -14.48 1.06
C LEU A 952 50.03 -13.56 1.82
N ILE A 953 50.12 -13.50 3.15
CA ILE A 953 49.22 -12.70 3.95
C ILE A 953 49.86 -11.40 4.44
N ALA A 954 51.19 -11.36 4.59
CA ALA A 954 51.85 -10.18 5.13
C ALA A 954 51.67 -8.99 4.19
N LYS A 955 52.02 -9.17 2.91
CA LYS A 955 51.92 -8.12 1.90
C LYS A 955 52.67 -6.86 2.32
N ASN A 956 52.38 -5.75 1.66
CA ASN A 956 52.96 -4.45 2.00
C ASN A 956 51.85 -3.49 2.38
N PRO A 957 51.74 -3.08 3.64
CA PRO A 957 50.68 -2.14 4.02
C PRO A 957 50.74 -0.86 3.19
N GLY A 958 49.58 -0.36 2.83
CA GLY A 958 49.51 0.83 2.01
C GLY A 958 49.94 2.08 2.75
N ASN A 959 50.39 3.05 1.98
CA ASN A 959 50.87 4.33 2.53
C ASN A 959 49.65 5.19 2.83
N CYS A 960 49.00 4.89 3.97
CA CYS A 960 47.84 5.63 4.42
C CYS A 960 47.99 5.93 5.90
N THR A 961 47.46 7.07 6.33
CA THR A 961 47.51 7.47 7.73
C THR A 961 46.40 6.74 8.50
N ALA A 962 46.18 7.14 9.75
CA ALA A 962 45.14 6.53 10.56
C ALA A 962 43.80 7.21 10.32
N ILE A 963 43.38 7.29 9.06
CA ILE A 963 42.11 7.89 8.70
C ILE A 963 41.17 6.80 8.19
N ASP A 964 41.75 5.71 7.67
CA ASP A 964 40.95 4.59 7.18
C ASP A 964 40.81 3.48 8.21
N PHE A 965 41.67 3.47 9.24
CA PHE A 965 41.54 2.47 10.30
C PHE A 965 40.24 2.67 11.07
N VAL A 966 39.85 3.93 11.31
CA VAL A 966 38.56 4.21 11.93
C VAL A 966 37.43 3.78 11.01
N LEU A 967 37.56 4.05 9.71
CA LEU A 967 36.51 3.70 8.76
C LEU A 967 36.29 2.18 8.68
N ASN A 968 37.36 1.40 8.82
CA ASN A 968 37.29 -0.06 8.74
C ASN A 968 37.66 -0.63 10.11
N PRO A 969 36.67 -0.96 10.94
CA PRO A 969 37.00 -1.51 12.27
C PRO A 969 37.78 -2.81 12.21
N SER A 970 37.29 -3.79 11.46
CA SER A 970 37.97 -5.07 11.28
C SER A 970 38.45 -5.14 9.83
N GLY A 971 39.72 -4.83 9.61
CA GLY A 971 40.26 -4.85 8.27
C GLY A 971 41.76 -4.63 8.30
N LEU A 972 42.31 -4.43 7.11
CA LEU A 972 43.75 -4.22 6.94
C LEU A 972 43.99 -3.01 6.05
N ASN A 973 45.12 -2.35 6.29
CA ASN A 973 45.52 -1.19 5.49
C ASN A 973 46.35 -1.62 4.28
N VAL A 974 45.69 -2.31 3.35
CA VAL A 974 46.31 -2.78 2.12
C VAL A 974 45.50 -2.26 0.95
N PRO A 975 46.13 -1.73 -0.10
CA PRO A 975 45.36 -1.23 -1.24
C PRO A 975 44.50 -2.28 -1.93
N GLY A 976 44.90 -3.56 -1.86
CA GLY A 976 44.16 -4.62 -2.53
C GLY A 976 42.75 -4.80 -2.01
N SER A 977 42.54 -4.69 -0.70
CA SER A 977 41.22 -4.87 -0.11
C SER A 977 40.30 -3.67 -0.33
N GLN A 978 40.84 -2.53 -0.74
CA GLN A 978 40.03 -1.34 -0.95
C GLN A 978 39.33 -1.41 -2.30
N ASP A 979 38.60 -0.36 -2.65
CA ASP A 979 37.90 -0.26 -3.92
C ASP A 979 37.95 1.20 -4.37
N LEU A 980 37.11 1.54 -5.34
CA LEU A 980 37.06 2.91 -5.84
C LEU A 980 36.33 3.87 -4.90
N THR A 981 36.05 3.44 -3.66
CA THR A 981 35.51 4.35 -2.67
C THR A 981 36.51 5.46 -2.34
N SER A 982 37.79 5.10 -2.23
CA SER A 982 38.84 6.07 -1.94
C SER A 982 39.01 7.08 -3.07
N THR A 1068 44.72 16.90 -15.88
CA THR A 1068 44.86 15.46 -16.12
C THR A 1068 43.50 14.83 -16.43
N PRO A 1069 43.37 14.24 -17.61
CA PRO A 1069 42.12 13.58 -17.97
C PRO A 1069 41.82 12.40 -17.05
N VAL A 1070 40.54 12.21 -16.75
CA VAL A 1070 40.14 11.13 -15.86
C VAL A 1070 40.32 9.76 -16.51
N LEU A 1071 40.28 9.67 -17.84
CA LEU A 1071 40.41 8.38 -18.50
C LEU A 1071 41.79 7.77 -18.27
N ASP A 1072 42.85 8.57 -18.47
CA ASP A 1072 44.20 8.06 -18.27
C ASP A 1072 44.44 7.68 -16.82
N ARG A 1073 43.95 8.51 -15.89
CA ARG A 1073 44.09 8.18 -14.47
C ARG A 1073 43.38 6.87 -14.13
N LEU A 1074 42.16 6.70 -14.64
CA LEU A 1074 41.42 5.47 -14.38
C LEU A 1074 42.14 4.27 -14.98
N ARG A 1075 42.71 4.42 -16.17
CA ARG A 1075 43.47 3.34 -16.78
C ARG A 1075 44.67 2.98 -15.93
N LYS A 1076 45.38 3.99 -15.41
CA LYS A 1076 46.56 3.72 -14.59
C LYS A 1076 46.19 3.02 -13.29
N ILE A 1077 45.11 3.46 -12.62
CA ILE A 1077 44.68 2.79 -11.40
C ILE A 1077 44.25 1.36 -11.71
N THR A 1078 43.53 1.16 -12.82
CA THR A 1078 43.12 -0.20 -13.19
C THR A 1078 44.34 -1.10 -13.42
N LEU A 1079 45.34 -0.58 -14.14
CA LEU A 1079 46.54 -1.37 -14.41
C LEU A 1079 47.28 -1.72 -13.13
N GLN A 1080 47.45 -0.75 -12.23
CA GLN A 1080 48.20 -1.04 -11.01
C GLN A 1080 47.41 -1.96 -10.08
N ARG A 1081 46.08 -1.81 -10.04
CA ARG A 1081 45.27 -2.73 -9.25
C ARG A 1081 45.35 -4.15 -9.78
N TRP A 1082 45.34 -4.29 -11.11
CA TRP A 1082 45.57 -5.62 -11.70
C TRP A 1082 46.96 -6.13 -11.37
N SER A 1083 47.94 -5.23 -11.26
CA SER A 1083 49.28 -5.63 -10.86
C SER A 1083 49.31 -6.13 -9.42
N LEU A 1084 48.49 -5.54 -8.55
CA LEU A 1084 48.43 -5.99 -7.16
C LEU A 1084 47.99 -7.44 -7.07
N TRP A 1085 46.97 -7.82 -7.82
CA TRP A 1085 46.53 -9.20 -7.84
C TRP A 1085 47.34 -10.01 -8.85
N PHE A 1086 47.27 -11.33 -8.71
CA PHE A 1086 47.85 -12.29 -9.64
C PHE A 1086 49.37 -12.21 -9.72
N SER A 1087 50.01 -11.36 -8.91
CA SER A 1087 51.44 -11.13 -9.05
C SER A 1087 52.27 -12.02 -8.13
N TYR A 1088 52.09 -11.87 -6.82
CA TYR A 1088 52.88 -12.58 -5.81
C TYR A 1088 54.36 -12.20 -5.88
N LEU A 1089 55.10 -12.41 -4.78
CA LEU A 1089 56.54 -12.15 -4.68
C LEU A 1089 56.94 -10.77 -5.19
N ASP A 1090 56.01 -9.82 -5.19
CA ASP A 1090 56.31 -8.47 -5.63
C ASP A 1090 55.82 -7.39 -4.67
N HIS A 1091 54.78 -7.66 -3.89
CA HIS A 1091 54.27 -6.72 -2.89
C HIS A 1091 54.37 -7.31 -1.50
N CYS A 1092 55.24 -8.30 -1.33
CA CYS A 1092 55.42 -8.95 -0.03
C CYS A 1092 56.71 -8.45 0.63
N ASP A 1311 36.38 -11.17 30.60
CA ASP A 1311 35.71 -12.33 31.20
C ASP A 1311 36.06 -13.61 30.45
N SER A 1312 35.66 -13.67 29.19
CA SER A 1312 35.91 -14.84 28.35
C SER A 1312 36.07 -14.38 26.91
N ASN A 1313 36.52 -15.32 26.06
CA ASN A 1313 36.72 -15.05 24.64
C ASN A 1313 35.77 -15.88 23.78
N ILE A 1314 34.62 -16.25 24.33
CA ILE A 1314 33.63 -17.07 23.65
C ILE A 1314 32.35 -16.27 23.50
N ILE A 1315 31.86 -16.17 22.27
CA ILE A 1315 30.60 -15.48 21.98
C ILE A 1315 29.49 -16.52 22.00
N PHE A 1316 28.70 -16.54 23.07
CA PHE A 1316 27.64 -17.52 23.21
C PHE A 1316 26.54 -17.35 22.18
N GLN A 1317 26.42 -16.15 21.60
CA GLN A 1317 25.38 -15.93 20.59
C GLN A 1317 25.66 -16.71 19.32
N ASN A 1318 26.93 -16.88 18.94
CA ASN A 1318 27.30 -17.57 17.72
C ASN A 1318 27.46 -19.07 17.90
N VAL A 1319 27.63 -19.56 19.13
CA VAL A 1319 27.82 -20.99 19.35
C VAL A 1319 26.56 -21.77 18.96
N ILE A 1320 25.40 -21.26 19.37
CA ILE A 1320 24.15 -21.94 19.05
C ILE A 1320 23.91 -21.93 17.55
N ASN A 1321 24.19 -20.80 16.90
CA ASN A 1321 24.05 -20.72 15.45
C ASN A 1321 24.97 -21.72 14.74
N TYR A 1322 26.22 -21.81 15.20
CA TYR A 1322 27.15 -22.77 14.62
C TYR A 1322 26.66 -24.20 14.82
N ALA A 1323 26.17 -24.51 16.01
CA ALA A 1323 25.69 -25.87 16.28
C ALA A 1323 24.51 -26.23 15.40
N VAL A 1324 23.53 -25.33 15.30
CA VAL A 1324 22.34 -25.64 14.50
C VAL A 1324 22.70 -25.71 13.02
N ALA A 1325 23.61 -24.85 12.56
CA ALA A 1325 24.03 -24.91 11.16
C ALA A 1325 24.77 -26.20 10.87
N LEU A 1326 25.65 -26.63 11.77
CA LEU A 1326 26.35 -27.89 11.57
C LEU A 1326 25.40 -29.07 11.56
N PHE A 1327 24.40 -29.06 12.44
CA PHE A 1327 23.41 -30.13 12.45
C PHE A 1327 22.60 -30.14 11.16
N ASP A 1328 22.22 -28.96 10.65
CA ASP A 1328 21.46 -28.89 9.41
C ASP A 1328 22.28 -29.40 8.24
N ILE A 1329 23.55 -29.01 8.16
CA ILE A 1329 24.39 -29.46 7.06
C ILE A 1329 24.66 -30.97 7.17
N LYS A 1330 24.77 -31.47 8.39
CA LYS A 1330 25.01 -32.90 8.58
C LYS A 1330 23.86 -33.73 8.02
N PHE A 1331 22.63 -33.32 8.28
CA PHE A 1331 21.43 -34.06 7.88
C PHE A 1331 20.57 -33.14 7.03
N ARG A 1332 20.83 -33.12 5.73
CA ARG A 1332 20.04 -32.32 4.80
C ARG A 1332 19.49 -33.18 3.67
N ASN A 1333 20.23 -34.22 3.30
CA ASN A 1333 19.81 -35.15 2.27
C ASN A 1333 19.50 -36.54 2.82
N THR A 1334 19.49 -36.70 4.14
CA THR A 1334 19.25 -37.98 4.77
C THR A 1334 17.87 -38.00 5.42
N GLU A 1335 17.29 -39.19 5.50
CA GLU A 1335 15.99 -39.36 6.12
C GLU A 1335 16.08 -39.09 7.62
N ALA A 1336 14.96 -38.63 8.18
CA ALA A 1336 14.92 -38.38 9.63
C ALA A 1336 15.13 -39.66 10.43
N THR A 1337 14.52 -40.76 9.98
CA THR A 1337 14.72 -42.05 10.65
C THR A 1337 16.08 -42.67 10.35
N ASP A 1338 16.81 -42.12 9.38
CA ASP A 1338 18.14 -42.63 9.03
C ASP A 1338 19.25 -42.05 9.89
N ILE A 1339 18.93 -41.15 10.81
CA ILE A 1339 19.92 -40.53 11.68
C ILE A 1339 20.30 -41.54 12.76
N GLN A 1340 21.55 -42.01 12.74
CA GLN A 1340 22.04 -42.95 13.73
C GLN A 1340 22.81 -42.27 14.86
N TYR A 1341 22.87 -40.94 14.87
CA TYR A 1341 23.57 -40.19 15.90
C TYR A 1341 22.55 -39.55 16.83
N ASN A 1342 22.63 -39.88 18.12
CA ASN A 1342 21.68 -39.33 19.08
C ASN A 1342 22.07 -37.92 19.50
N ARG A 1343 23.28 -37.75 20.03
CA ARG A 1343 23.77 -36.46 20.47
C ARG A 1343 25.21 -36.27 20.01
N ALA A 1344 25.59 -35.01 19.83
CA ALA A 1344 26.93 -34.64 19.39
C ALA A 1344 27.57 -33.71 20.41
N HIS A 1345 28.86 -33.89 20.64
CA HIS A 1345 29.61 -33.12 21.63
C HIS A 1345 30.53 -32.15 20.92
N LEU A 1346 30.52 -30.89 21.35
CA LEU A 1346 31.38 -29.86 20.81
C LEU A 1346 32.48 -29.56 21.84
N HIS A 1347 33.65 -30.15 21.63
CA HIS A 1347 34.78 -29.99 22.53
C HIS A 1347 35.80 -29.06 21.89
N LEU A 1348 36.07 -27.93 22.54
CA LEU A 1348 37.02 -26.97 22.02
C LEU A 1348 38.43 -27.29 22.54
N THR A 1349 39.43 -26.87 21.77
CA THR A 1349 40.83 -27.10 22.10
C THR A 1349 41.41 -25.88 22.80
N LYS A 1350 42.19 -26.12 23.86
CA LYS A 1350 42.82 -25.04 24.62
C LYS A 1350 44.06 -24.53 23.90
N CYS A 1351 43.84 -23.97 22.71
CA CYS A 1351 44.90 -23.41 21.89
C CYS A 1351 44.63 -22.00 21.39
N CYS A 1352 43.37 -21.60 21.26
CA CYS A 1352 43.04 -20.26 20.78
C CYS A 1352 42.31 -19.46 21.85
N HIS B 81 -53.00 57.66 87.30
CA HIS B 81 -52.12 58.67 86.75
C HIS B 81 -50.91 58.03 86.06
N SER B 82 -49.76 58.05 86.75
CA SER B 82 -48.55 57.45 86.19
C SER B 82 -48.72 55.95 86.01
N PHE B 83 -49.35 55.27 86.98
CA PHE B 83 -49.56 53.84 86.87
C PHE B 83 -50.46 53.50 85.68
N GLU B 84 -51.51 54.29 85.46
CA GLU B 84 -52.39 54.06 84.32
C GLU B 84 -51.63 54.24 83.01
N GLU B 85 -50.79 55.27 82.93
CA GLU B 85 -49.99 55.47 81.72
C GLU B 85 -49.03 54.31 81.49
N VAL B 86 -48.41 53.81 82.56
CA VAL B 86 -47.50 52.67 82.42
C VAL B 86 -48.25 51.44 81.94
N VAL B 87 -49.44 51.20 82.50
CA VAL B 87 -50.25 50.06 82.08
C VAL B 87 -50.64 50.18 80.61
N GLN B 88 -51.04 51.38 80.18
CA GLN B 88 -51.41 51.58 78.79
C GLN B 88 -50.22 51.35 77.86
N THR B 89 -49.04 51.85 78.25
CA THR B 89 -47.85 51.63 77.43
C THR B 89 -47.49 50.15 77.35
N LEU B 90 -47.62 49.43 78.46
CA LEU B 90 -47.32 48.01 78.45
C LEU B 90 -48.30 47.24 77.57
N ALA B 91 -49.59 47.59 77.64
CA ALA B 91 -50.57 46.95 76.77
C ALA B 91 -50.29 47.25 75.30
N SER B 92 -49.92 48.48 74.99
CA SER B 92 -49.57 48.84 73.62
C SER B 92 -48.36 48.04 73.15
N LEU B 93 -47.35 47.89 74.01
CA LEU B 93 -46.17 47.12 73.66
C LEU B 93 -46.51 45.65 73.42
N ALA B 94 -47.39 45.09 74.26
CA ALA B 94 -47.80 43.70 74.08
C ALA B 94 -48.54 43.52 72.75
N THR B 95 -49.45 44.44 72.42
CA THR B 95 -50.13 44.36 71.13
C THR B 95 -49.13 44.47 69.99
N VAL B 96 -48.17 45.39 70.11
CA VAL B 96 -47.13 45.55 69.10
C VAL B 96 -46.41 44.22 68.87
N VAL B 97 -45.95 43.61 69.98
CA VAL B 97 -45.26 42.33 69.90
C VAL B 97 -46.15 41.29 69.22
N GLN B 98 -47.47 41.39 69.44
CA GLN B 98 -48.38 40.51 68.71
C GLN B 98 -48.30 40.73 67.21
N GLN B 99 -48.26 41.99 66.76
CA GLN B 99 -48.13 42.19 65.31
C GLN B 99 -46.79 41.69 64.77
N GLN B 100 -45.69 41.87 65.50
CA GLN B 100 -44.45 41.31 64.97
C GLN B 100 -44.47 39.78 64.98
N THR B 101 -45.17 39.16 65.94
CA THR B 101 -45.31 37.72 65.91
C THR B 101 -46.07 37.27 64.66
N ILE B 102 -47.15 37.98 64.34
CA ILE B 102 -47.90 37.64 63.13
C ILE B 102 -47.04 37.84 61.88
N ALA B 103 -46.27 38.94 61.85
CA ALA B 103 -45.41 39.21 60.70
C ALA B 103 -44.34 38.14 60.56
N SER B 104 -43.76 37.69 61.68
CA SER B 104 -42.77 36.62 61.63
C SER B 104 -43.37 35.32 61.13
N GLU B 105 -44.60 35.02 61.56
CA GLU B 105 -45.28 33.81 61.07
C GLU B 105 -45.49 33.90 59.56
N SER B 106 -45.93 35.06 59.07
CA SER B 106 -46.11 35.23 57.63
C SER B 106 -44.79 35.10 56.88
N LEU B 107 -43.71 35.66 57.45
CA LEU B 107 -42.39 35.54 56.84
C LEU B 107 -41.96 34.08 56.75
N GLU B 108 -42.17 33.32 57.83
CA GLU B 108 -41.81 31.91 57.81
C GLU B 108 -42.61 31.14 56.76
N GLN B 109 -43.91 31.43 56.67
CA GLN B 109 -44.74 30.77 55.66
C GLN B 109 -44.24 31.08 54.25
N ARG B 110 -43.93 32.35 53.97
CA ARG B 110 -43.43 32.72 52.66
C ARG B 110 -42.09 32.05 52.36
N ILE B 111 -41.20 32.01 53.35
CA ILE B 111 -39.88 31.42 53.15
C ILE B 111 -40.01 29.93 52.87
N THR B 112 -40.84 29.22 53.63
CA THR B 112 -41.00 27.78 53.39
C THR B 112 -41.69 27.50 52.07
N SER B 113 -42.63 28.35 51.65
CA SER B 113 -43.23 28.17 50.33
C SER B 113 -42.21 28.37 49.22
N LEU B 114 -41.37 29.40 49.35
CA LEU B 114 -40.33 29.63 48.35
C LEU B 114 -39.35 28.46 48.31
N GLU B 115 -38.98 27.93 49.48
CA GLU B 115 -38.06 26.79 49.52
C GLU B 115 -38.69 25.56 48.87
N ASN B 116 -39.97 25.31 49.14
CA ASN B 116 -40.63 24.13 48.59
C ASN B 116 -40.93 24.25 47.10
N GLY B 117 -41.00 25.48 46.57
CA GLY B 117 -41.36 25.63 45.18
C GLY B 117 -40.26 25.43 44.15
N LEU B 118 -39.04 25.10 44.57
CA LEU B 118 -37.91 25.00 43.65
C LEU B 118 -37.67 23.57 43.16
N LYS B 119 -38.69 22.72 43.16
CA LYS B 119 -38.50 21.32 42.76
C LYS B 119 -38.11 21.13 41.30
N PRO B 120 -38.82 21.68 40.31
CA PRO B 120 -38.59 21.23 38.92
C PRO B 120 -37.17 21.48 38.41
N VAL B 121 -36.51 22.56 38.83
CA VAL B 121 -35.19 22.86 38.30
C VAL B 121 -34.19 21.80 38.71
N TYR B 122 -34.32 21.26 39.93
CA TYR B 122 -33.40 20.23 40.39
C TYR B 122 -33.49 18.97 39.52
N ASP B 123 -34.69 18.57 39.16
CA ASP B 123 -34.87 17.38 38.34
C ASP B 123 -34.71 17.64 36.86
N MET B 124 -34.66 18.92 36.43
CA MET B 124 -34.40 19.22 35.03
C MET B 124 -33.02 18.75 34.58
N ALA B 125 -32.09 18.52 35.51
CA ALA B 125 -30.73 18.13 35.14
C ALA B 125 -30.66 16.78 34.45
N LYS B 126 -31.69 15.95 34.56
CA LYS B 126 -31.66 14.64 33.94
C LYS B 126 -31.84 14.71 32.42
N THR B 127 -32.61 15.70 31.95
CA THR B 127 -32.95 15.79 30.54
C THR B 127 -32.03 16.70 29.75
N ILE B 128 -30.97 17.23 30.37
CA ILE B 128 -30.07 18.14 29.67
C ILE B 128 -28.80 17.39 29.25
N SER B 129 -28.43 16.36 30.01
CA SER B 129 -27.26 15.58 29.65
C SER B 129 -27.45 14.86 28.32
N SER B 130 -28.63 14.28 28.12
CA SER B 130 -28.91 13.61 26.85
C SER B 130 -28.89 14.59 25.68
N LEU B 131 -29.48 15.78 25.90
CA LEU B 131 -29.43 16.80 24.86
C LEU B 131 -28.01 17.21 24.54
N ASN B 132 -27.18 17.39 25.57
CA ASN B 132 -25.78 17.72 25.35
C ASN B 132 -25.09 16.64 24.53
N ARG B 133 -25.29 15.38 24.88
CA ARG B 133 -24.65 14.29 24.17
C ARG B 133 -25.07 14.26 22.69
N VAL B 134 -26.39 14.31 22.44
CA VAL B 134 -26.88 14.21 21.07
C VAL B 134 -26.45 15.41 20.24
N CYS B 135 -26.51 16.61 20.83
CA CYS B 135 -26.16 17.80 20.08
C CYS B 135 -24.66 17.85 19.81
N ALA B 136 -23.84 17.41 20.76
CA ALA B 136 -22.41 17.33 20.50
C ALA B 136 -22.11 16.34 19.38
N GLU B 137 -22.80 15.20 19.37
CA GLU B 137 -22.60 14.23 18.29
C GLU B 137 -22.97 14.84 16.94
N MET B 138 -24.13 15.50 16.87
CA MET B 138 -24.56 16.10 15.60
C MET B 138 -23.58 17.18 15.16
N VAL B 139 -23.12 18.01 16.09
CA VAL B 139 -22.21 19.09 15.76
C VAL B 139 -20.90 18.52 15.21
N ALA B 140 -20.37 17.50 15.87
CA ALA B 140 -19.14 16.88 15.39
C ALA B 140 -19.33 16.33 13.98
N LYS B 141 -20.41 15.57 13.75
CA LYS B 141 -20.63 14.95 12.45
C LYS B 141 -20.75 16.00 11.35
N TYR B 142 -21.57 17.02 11.56
CA TYR B 142 -21.79 17.99 10.50
C TYR B 142 -20.62 18.94 10.33
N ASP B 143 -19.89 19.25 11.40
CA ASP B 143 -18.67 20.04 11.26
C ASP B 143 -17.64 19.30 10.42
N LEU B 144 -17.48 18.00 10.66
CA LEU B 144 -16.55 17.24 9.83
C LEU B 144 -17.06 17.15 8.40
N LEU B 145 -18.37 17.06 8.21
CA LEU B 145 -18.94 17.04 6.87
C LEU B 145 -18.59 18.33 6.11
N VAL B 146 -18.75 19.48 6.77
CA VAL B 146 -18.55 20.74 6.07
C VAL B 146 -17.06 21.01 5.87
N MET B 147 -16.22 20.66 6.84
CA MET B 147 -14.81 21.02 6.71
C MET B 147 -14.12 20.17 5.66
N THR B 148 -14.55 18.92 5.47
CA THR B 148 -14.00 18.08 4.41
C THR B 148 -14.47 18.49 3.03
N THR B 149 -15.42 19.43 2.94
CA THR B 149 -15.95 19.91 1.67
C THR B 149 -15.45 21.32 1.43
N GLY B 150 -14.94 21.57 0.23
CA GLY B 150 -14.38 22.87 -0.10
C GLY B 150 -15.44 23.95 -0.17
N ARG B 151 -14.96 25.18 -0.36
CA ARG B 151 -15.87 26.32 -0.49
C ARG B 151 -16.78 26.20 -1.70
N ALA B 152 -16.37 25.44 -2.72
CA ALA B 152 -17.21 25.15 -3.88
C ALA B 152 -17.94 23.84 -3.62
N THR B 153 -19.24 23.91 -3.39
CA THR B 153 -20.04 22.73 -3.11
C THR B 153 -21.24 22.59 -4.04
N ALA B 154 -21.90 23.70 -4.39
CA ALA B 154 -23.09 23.72 -5.23
C ALA B 154 -24.28 23.08 -4.50
N THR B 155 -25.42 23.74 -4.53
CA THR B 155 -26.61 23.25 -3.86
C THR B 155 -27.29 22.18 -4.70
N ALA B 156 -28.32 21.56 -4.12
CA ALA B 156 -29.08 20.55 -4.86
C ALA B 156 -29.76 21.17 -6.08
N ALA B 157 -30.34 22.35 -5.92
CA ALA B 157 -30.94 23.04 -7.06
C ALA B 157 -29.89 23.37 -8.12
N ALA B 158 -28.74 23.86 -7.70
CA ALA B 158 -27.67 24.14 -8.65
C ALA B 158 -27.16 22.87 -9.31
N THR B 159 -27.05 21.79 -8.53
CA THR B 159 -26.61 20.52 -9.10
C THR B 159 -27.57 20.04 -10.18
N GLU B 160 -28.87 20.07 -9.91
CA GLU B 160 -29.85 19.66 -10.92
C GLU B 160 -29.83 20.58 -12.13
N ALA B 161 -29.75 21.89 -11.89
CA ALA B 161 -29.75 22.84 -13.00
C ALA B 161 -28.55 22.64 -13.91
N TYR B 162 -27.38 22.38 -13.34
CA TYR B 162 -26.19 22.25 -14.15
C TYR B 162 -26.02 20.81 -14.65
N TRP B 163 -26.83 19.89 -14.11
CA TRP B 163 -27.04 18.58 -14.74
C TRP B 163 -27.94 18.66 -15.95
N ALA B 164 -28.87 19.63 -15.98
CA ALA B 164 -29.75 19.76 -17.14
C ALA B 164 -28.98 20.03 -18.41
N GLU B 165 -27.93 20.86 -18.33
CA GLU B 165 -27.05 21.12 -19.47
C GLU B 165 -25.99 20.03 -19.52
N HIS B 166 -26.32 18.95 -20.24
CA HIS B 166 -25.44 17.79 -20.44
C HIS B 166 -25.03 17.14 -19.12
N GLY B 167 -24.24 16.08 -19.18
CA GLY B 167 -23.94 15.33 -17.98
C GLY B 167 -23.07 16.09 -17.00
N GLN B 168 -21.77 16.25 -17.31
CA GLN B 168 -20.84 17.19 -16.68
C GLN B 168 -21.14 17.43 -15.21
N PRO B 169 -20.85 16.47 -14.32
CA PRO B 169 -21.12 16.67 -12.89
C PRO B 169 -20.46 17.95 -12.40
N PRO B 170 -21.11 18.68 -11.49
CA PRO B 170 -20.67 20.04 -11.20
C PRO B 170 -19.35 20.05 -10.47
N PRO B 171 -18.54 21.11 -10.64
CA PRO B 171 -17.33 21.24 -9.83
C PRO B 171 -17.67 21.33 -8.35
N GLY B 172 -16.81 20.74 -7.53
CA GLY B 172 -17.07 20.67 -6.11
C GLY B 172 -18.00 19.54 -5.77
N PRO B 173 -17.76 18.89 -4.64
CA PRO B 173 -18.56 17.71 -4.27
C PRO B 173 -20.01 18.08 -4.04
N SER B 174 -20.90 17.14 -4.38
CA SER B 174 -22.32 17.31 -4.20
C SER B 174 -22.83 16.22 -3.24
N LEU B 175 -23.88 16.56 -2.50
CA LEU B 175 -24.42 15.69 -1.47
C LEU B 175 -25.78 15.16 -1.91
N TYR B 176 -25.95 13.84 -1.84
CA TYR B 176 -27.22 13.20 -2.17
C TYR B 176 -27.60 12.23 -1.07
N GLU B 177 -28.90 12.03 -0.90
CA GLU B 177 -29.40 10.98 -0.02
C GLU B 177 -29.35 9.65 -0.75
N GLU B 178 -29.02 8.59 -0.01
CA GLU B 178 -28.84 7.29 -0.64
C GLU B 178 -30.11 6.82 -1.33
N SER B 179 -31.25 6.89 -0.63
CA SER B 179 -32.52 6.48 -1.23
C SER B 179 -32.91 7.39 -2.39
N ALA B 180 -32.66 8.69 -2.26
CA ALA B 180 -33.02 9.62 -3.31
C ALA B 180 -32.26 9.34 -4.60
N ILE B 181 -30.94 9.16 -4.50
CA ILE B 181 -30.15 8.89 -5.70
C ILE B 181 -30.44 7.47 -6.21
N ARG B 182 -30.75 6.54 -5.31
CA ARG B 182 -31.12 5.20 -5.73
C ARG B 182 -32.37 5.23 -6.60
N GLY B 183 -33.39 5.97 -6.17
CA GLY B 183 -34.58 6.14 -6.98
C GLY B 183 -34.30 6.92 -8.25
N LYS B 184 -33.40 7.90 -8.17
CA LYS B 184 -33.04 8.70 -9.34
C LYS B 184 -32.41 7.85 -10.43
N ILE B 185 -31.57 6.89 -10.05
CA ILE B 185 -30.86 6.07 -11.05
C ILE B 185 -31.85 5.24 -11.85
N GLU B 186 -32.80 4.59 -11.17
CA GLU B 186 -33.75 3.71 -11.86
C GLU B 186 -34.68 4.51 -12.77
N SER B 187 -35.19 5.64 -12.30
CA SER B 187 -36.13 6.44 -13.08
C SER B 187 -35.41 7.15 -14.22
N ARG B 188 -35.47 6.57 -15.42
CA ARG B 188 -34.77 7.12 -16.58
C ARG B 188 -35.68 8.16 -17.25
N ASP B 189 -35.77 9.33 -16.62
CA ASP B 189 -36.54 10.43 -17.17
C ASP B 189 -35.86 11.78 -17.06
N GLU B 190 -34.76 11.92 -16.30
CA GLU B 190 -34.14 13.21 -16.07
C GLU B 190 -32.63 13.20 -16.31
N THR B 191 -32.11 12.18 -17.00
CA THR B 191 -30.77 12.17 -17.57
C THR B 191 -29.69 12.45 -16.51
N VAL B 192 -29.57 11.51 -15.59
CA VAL B 192 -28.46 11.56 -14.63
C VAL B 192 -27.14 11.31 -15.35
N PRO B 193 -26.09 12.08 -15.08
CA PRO B 193 -24.79 11.82 -15.71
C PRO B 193 -24.36 10.37 -15.62
N GLN B 194 -23.58 9.95 -16.60
CA GLN B 194 -23.12 8.56 -16.66
C GLN B 194 -22.05 8.30 -15.60
N SER B 195 -21.16 9.26 -15.37
CA SER B 195 -20.12 9.07 -14.37
C SER B 195 -20.72 8.94 -12.98
N VAL B 196 -21.75 9.73 -12.68
CA VAL B 196 -22.38 9.68 -11.36
C VAL B 196 -23.00 8.31 -11.12
N ARG B 197 -23.72 7.79 -12.12
CA ARG B 197 -24.36 6.49 -11.95
C ARG B 197 -23.33 5.37 -11.89
N GLU B 198 -22.25 5.50 -12.65
CA GLU B 198 -21.18 4.50 -12.56
C GLU B 198 -20.55 4.48 -11.18
N ALA B 199 -20.29 5.66 -10.62
CA ALA B 199 -19.72 5.73 -9.27
C ALA B 199 -20.69 5.17 -8.23
N PHE B 200 -21.99 5.49 -8.37
CA PHE B 200 -22.97 4.98 -7.43
C PHE B 200 -23.07 3.46 -7.49
N ASN B 201 -23.04 2.90 -8.70
CA ASN B 201 -23.09 1.45 -8.83
C ASN B 201 -21.82 0.80 -8.29
N ASN B 202 -20.66 1.44 -8.49
CA ASN B 202 -19.43 0.94 -7.90
C ASN B 202 -19.52 0.92 -6.38
N LEU B 203 -20.12 1.97 -5.79
CA LEU B 203 -20.34 1.99 -4.36
C LEU B 203 -21.27 0.87 -3.92
N ASP B 204 -22.35 0.65 -4.67
CA ASP B 204 -23.36 -0.32 -4.25
C ASP B 204 -22.90 -1.76 -4.45
N SER B 205 -21.91 -1.98 -5.32
CA SER B 205 -21.47 -3.34 -5.59
C SER B 205 -20.99 -4.05 -4.33
N THR B 206 -20.42 -3.32 -3.38
CA THR B 206 -19.91 -3.92 -2.16
C THR B 206 -20.94 -3.99 -1.04
N THR B 207 -22.13 -3.41 -1.24
CA THR B 207 -23.17 -3.49 -0.21
C THR B 207 -23.65 -4.93 -0.02
N SER B 208 -23.80 -5.67 -1.10
CA SER B 208 -24.28 -7.05 -1.05
C SER B 208 -23.13 -8.04 -0.93
N LEU B 209 -22.25 -7.83 0.05
CA LEU B 209 -21.14 -8.74 0.33
C LEU B 209 -21.35 -9.31 1.72
N THR B 210 -21.33 -10.64 1.82
CA THR B 210 -21.62 -11.31 3.08
C THR B 210 -20.43 -12.17 3.49
N GLU B 211 -20.61 -12.95 4.56
CA GLU B 211 -19.60 -13.91 4.97
C GLU B 211 -19.35 -14.94 3.88
N GLU B 212 -20.42 -15.42 3.25
CA GLU B 212 -20.31 -16.24 2.07
C GLU B 212 -20.13 -15.34 0.85
N ASN B 213 -20.28 -15.92 -0.35
CA ASN B 213 -20.29 -15.26 -1.66
C ASN B 213 -19.34 -14.06 -1.73
N PHE B 214 -18.15 -14.21 -1.17
CA PHE B 214 -17.15 -13.13 -1.19
C PHE B 214 -16.11 -13.39 -2.28
N GLY B 215 -15.43 -14.52 -2.22
CA GLY B 215 -14.51 -14.90 -3.26
C GLY B 215 -15.09 -15.95 -4.20
N LYS B 216 -16.40 -16.12 -4.16
CA LYS B 216 -17.06 -17.13 -4.97
C LYS B 216 -17.03 -16.74 -6.45
N PRO B 217 -16.44 -17.54 -7.32
CA PRO B 217 -16.43 -17.20 -8.74
C PRO B 217 -17.77 -17.49 -9.40
N ASP B 218 -18.02 -16.81 -10.51
CA ASP B 218 -19.20 -17.07 -11.33
C ASP B 218 -18.83 -18.03 -12.44
N ILE B 219 -19.34 -19.26 -12.37
CA ILE B 219 -18.99 -20.33 -13.28
C ILE B 219 -20.13 -20.53 -14.26
N SER B 220 -19.84 -20.41 -15.55
CA SER B 220 -20.79 -20.67 -16.61
C SER B 220 -20.43 -21.97 -17.32
N ALA B 221 -21.26 -22.37 -18.28
CA ALA B 221 -21.01 -23.61 -19.01
C ALA B 221 -19.73 -23.53 -19.82
N LYS B 222 -19.52 -22.41 -20.53
CA LYS B 222 -18.31 -22.26 -21.32
C LYS B 222 -17.07 -22.21 -20.44
N ASP B 223 -17.14 -21.48 -19.32
CA ASP B 223 -16.01 -21.39 -18.42
C ASP B 223 -15.68 -22.74 -17.81
N LEU B 224 -16.71 -23.50 -17.42
CA LEU B 224 -16.47 -24.83 -16.87
C LEU B 224 -15.88 -25.76 -17.92
N ARG B 225 -16.34 -25.65 -19.17
CA ARG B 225 -15.77 -26.48 -20.24
C ARG B 225 -14.30 -26.14 -20.45
N ASN B 226 -13.96 -24.85 -20.44
CA ASN B 226 -12.56 -24.45 -20.60
C ASN B 226 -11.71 -24.94 -19.43
N ILE B 227 -12.26 -24.88 -18.22
CA ILE B 227 -11.52 -25.36 -17.05
C ILE B 227 -11.26 -26.86 -17.15
N MET B 228 -12.28 -27.62 -17.57
CA MET B 228 -12.12 -29.07 -17.67
C MET B 228 -11.16 -29.44 -18.81
N TYR B 229 -11.16 -28.69 -19.89
CA TYR B 229 -10.25 -28.98 -20.99
C TYR B 229 -8.79 -28.84 -20.57
N ASP B 230 -8.49 -27.83 -19.76
CA ASP B 230 -7.11 -27.57 -19.36
C ASP B 230 -6.48 -28.71 -18.57
N HIS B 231 -7.28 -29.62 -18.02
CA HIS B 231 -6.75 -30.77 -17.30
C HIS B 231 -6.74 -32.05 -18.14
N LEU B 232 -7.52 -32.10 -19.21
CA LEU B 232 -7.55 -33.30 -20.05
C LEU B 232 -6.46 -33.22 -21.12
N PRO B 233 -5.54 -34.16 -21.16
CA PRO B 233 -4.49 -34.12 -22.19
C PRO B 233 -5.00 -34.56 -23.55
N GLY B 234 -4.30 -34.10 -24.58
CA GLY B 234 -4.63 -34.46 -25.93
C GLY B 234 -5.80 -33.66 -26.49
N PHE B 235 -6.12 -33.94 -27.74
CA PHE B 235 -7.23 -33.30 -28.44
C PHE B 235 -8.08 -34.34 -29.14
N GLY B 236 -9.38 -34.11 -29.17
CA GLY B 236 -10.30 -35.01 -29.84
C GLY B 236 -10.62 -36.28 -29.08
N THR B 237 -10.17 -36.41 -27.83
CA THR B 237 -10.45 -37.61 -27.05
C THR B 237 -11.92 -37.64 -26.66
N ALA B 238 -12.43 -38.86 -26.39
CA ALA B 238 -13.82 -39.02 -26.00
C ALA B 238 -14.15 -38.28 -24.71
N PHE B 239 -13.16 -38.11 -23.83
CA PHE B 239 -13.39 -37.40 -22.58
C PHE B 239 -13.74 -35.94 -22.84
N HIS B 240 -13.31 -35.37 -23.97
CA HIS B 240 -13.75 -34.03 -24.33
C HIS B 240 -15.25 -34.01 -24.62
N GLN B 241 -15.76 -35.03 -25.31
CA GLN B 241 -17.20 -35.12 -25.52
C GLN B 241 -17.92 -35.35 -24.19
N LEU B 242 -17.32 -36.11 -23.29
CA LEU B 242 -17.91 -36.27 -21.96
C LEU B 242 -17.98 -34.93 -21.23
N VAL B 243 -16.92 -34.13 -21.34
CA VAL B 243 -16.92 -32.81 -20.73
C VAL B 243 -18.01 -31.93 -21.33
N GLN B 244 -18.15 -31.96 -22.66
N GLN B 244 -18.15 -31.96 -22.65
CA GLN B 244 -19.17 -31.14 -23.31
CA GLN B 244 -19.17 -31.13 -23.29
C GLN B 244 -20.58 -31.55 -22.87
C GLN B 244 -20.58 -31.55 -22.87
N VAL B 245 -20.85 -32.86 -22.83
CA VAL B 245 -22.17 -33.32 -22.44
C VAL B 245 -22.44 -33.04 -20.97
N ILE B 246 -21.42 -33.16 -20.11
CA ILE B 246 -21.61 -32.91 -18.69
C ILE B 246 -21.86 -31.42 -18.47
N CYS B 247 -21.18 -30.55 -19.22
CA CYS B 247 -21.43 -29.12 -19.12
C CYS B 247 -22.83 -28.77 -19.61
N LYS B 248 -23.26 -29.39 -20.71
CA LYS B 248 -24.61 -29.13 -21.21
C LYS B 248 -25.67 -29.57 -20.20
N LEU B 249 -25.49 -30.76 -19.60
CA LEU B 249 -26.44 -31.24 -18.62
C LEU B 249 -26.45 -30.37 -17.36
N GLY B 250 -25.28 -29.92 -16.92
CA GLY B 250 -25.23 -29.02 -15.78
C GLY B 250 -25.90 -27.70 -16.06
N LYS B 251 -25.71 -27.15 -17.26
CA LYS B 251 -26.39 -25.92 -17.63
C LYS B 251 -27.90 -26.11 -17.67
N ASP B 252 -28.35 -27.24 -18.22
CA ASP B 252 -29.79 -27.50 -18.28
C ASP B 252 -30.38 -27.66 -16.88
N SER B 253 -29.70 -28.38 -15.99
CA SER B 253 -30.19 -28.63 -14.65
C SER B 253 -29.77 -27.58 -13.63
N ASN B 254 -28.98 -26.59 -14.05
CA ASN B 254 -28.54 -25.49 -13.18
C ASN B 254 -27.81 -26.01 -11.95
N SER B 255 -26.82 -26.87 -12.19
CA SER B 255 -26.03 -27.47 -11.11
C SER B 255 -24.55 -27.45 -11.46
N LEU B 256 -24.08 -26.36 -12.04
CA LEU B 256 -22.67 -26.26 -12.41
C LEU B 256 -21.78 -26.16 -11.17
N ASP B 257 -22.27 -25.50 -10.11
CA ASP B 257 -21.46 -25.32 -8.91
C ASP B 257 -21.13 -26.66 -8.26
N ILE B 258 -22.12 -27.55 -8.17
CA ILE B 258 -21.88 -28.86 -7.56
C ILE B 258 -20.89 -29.66 -8.39
N ILE B 259 -21.02 -29.62 -9.71
CA ILE B 259 -20.09 -30.33 -10.58
C ILE B 259 -18.67 -29.81 -10.39
N HIS B 260 -18.52 -28.49 -10.35
CA HIS B 260 -17.19 -27.90 -10.17
C HIS B 260 -16.61 -28.26 -8.82
N ALA B 261 -17.44 -28.23 -7.76
CA ALA B 261 -16.96 -28.58 -6.43
C ALA B 261 -16.50 -30.03 -6.38
N GLU B 262 -17.28 -30.94 -6.99
CA GLU B 262 -16.88 -32.34 -7.03
C GLU B 262 -15.59 -32.52 -7.80
N PHE B 263 -15.45 -31.82 -8.92
CA PHE B 263 -14.23 -31.94 -9.73
C PHE B 263 -13.02 -31.45 -8.95
N GLN B 264 -13.14 -30.31 -8.28
CA GLN B 264 -12.03 -29.78 -7.50
C GLN B 264 -11.68 -30.69 -6.34
N ALA B 265 -12.70 -31.24 -5.65
CA ALA B 265 -12.43 -32.14 -4.55
C ALA B 265 -11.71 -33.40 -5.04
N SER B 266 -12.15 -33.96 -6.15
N SER B 266 -12.15 -33.96 -6.15
CA SER B 266 -11.50 -35.15 -6.69
CA SER B 266 -11.50 -35.15 -6.69
C SER B 266 -10.07 -34.86 -7.11
C SER B 266 -10.07 -34.86 -7.11
N LEU B 267 -9.83 -33.69 -7.73
CA LEU B 267 -8.47 -33.34 -8.12
C LEU B 267 -7.58 -33.12 -6.90
N ALA B 268 -8.11 -32.51 -5.84
CA ALA B 268 -7.34 -32.35 -4.62
C ALA B 268 -7.04 -33.69 -3.98
N GLU B 269 -7.95 -34.66 -4.12
CA GLU B 269 -7.69 -36.01 -3.63
C GLU B 269 -6.51 -36.66 -4.36
N GLY B 270 -6.21 -36.21 -5.58
CA GLY B 270 -5.09 -36.74 -6.35
C GLY B 270 -5.48 -37.59 -7.53
N ASP B 271 -6.77 -37.78 -7.78
CA ASP B 271 -7.20 -38.60 -8.91
C ASP B 271 -6.97 -37.85 -10.22
N SER B 272 -6.89 -38.64 -11.30
CA SER B 272 -6.73 -38.06 -12.62
C SER B 272 -8.02 -37.34 -13.04
N PRO B 273 -7.93 -36.36 -13.94
CA PRO B 273 -9.15 -35.67 -14.41
C PRO B 273 -10.16 -36.62 -15.02
N GLN B 274 -9.72 -37.66 -15.71
CA GLN B 274 -10.66 -38.66 -16.21
C GLN B 274 -11.37 -39.36 -15.05
N CYS B 275 -10.63 -39.70 -14.00
N CYS B 275 -10.63 -39.70 -14.00
CA CYS B 275 -11.24 -40.30 -12.83
CA CYS B 275 -11.24 -40.30 -12.83
C CYS B 275 -12.21 -39.34 -12.16
C CYS B 275 -12.21 -39.34 -12.16
N ALA B 276 -11.86 -38.05 -12.11
CA ALA B 276 -12.77 -37.06 -11.55
C ALA B 276 -14.06 -36.97 -12.37
N LEU B 277 -13.95 -37.01 -13.69
CA LEU B 277 -15.14 -36.95 -14.54
C LEU B 277 -16.02 -38.17 -14.32
N ILE B 278 -15.44 -39.36 -14.27
CA ILE B 278 -16.28 -40.54 -14.09
C ILE B 278 -16.88 -40.57 -12.69
N GLN B 279 -16.15 -40.11 -11.69
CA GLN B 279 -16.73 -40.02 -10.34
C GLN B 279 -17.89 -39.03 -10.31
N ILE B 280 -17.76 -37.89 -11.00
CA ILE B 280 -18.86 -36.94 -11.06
C ILE B 280 -20.07 -37.57 -11.74
N THR B 281 -19.83 -38.29 -12.85
CA THR B 281 -20.92 -38.92 -13.57
C THR B 281 -21.64 -39.95 -12.70
N LYS B 282 -20.90 -40.75 -11.96
CA LYS B 282 -21.50 -41.79 -11.13
C LYS B 282 -21.89 -41.31 -9.74
N ARG B 283 -21.68 -40.04 -9.41
CA ARG B 283 -21.98 -39.53 -8.08
C ARG B 283 -23.10 -38.50 -8.05
N VAL B 284 -23.12 -37.56 -9.00
CA VAL B 284 -24.15 -36.51 -8.99
C VAL B 284 -25.52 -37.15 -9.22
N PRO B 285 -26.54 -36.81 -8.43
CA PRO B 285 -27.84 -37.48 -8.57
C PRO B 285 -28.59 -37.16 -9.85
N ILE B 286 -28.13 -36.19 -10.64
CA ILE B 286 -28.84 -35.86 -11.88
C ILE B 286 -28.67 -36.96 -12.91
N PHE B 287 -27.47 -37.55 -13.01
CA PHE B 287 -27.10 -38.30 -14.20
C PHE B 287 -27.77 -39.67 -14.29
N GLN B 288 -27.94 -40.37 -13.18
CA GLN B 288 -28.46 -41.73 -13.25
C GLN B 288 -29.88 -41.74 -13.83
N ASP B 289 -30.18 -42.78 -14.59
CA ASP B 289 -31.47 -42.93 -15.28
C ASP B 289 -31.75 -41.75 -16.21
N ALA B 290 -30.71 -41.29 -16.91
CA ALA B 290 -30.85 -40.27 -17.94
C ALA B 290 -30.25 -40.79 -19.24
N ALA B 291 -31.01 -40.69 -20.31
CA ALA B 291 -30.57 -41.20 -21.60
C ALA B 291 -29.47 -40.32 -22.17
N PRO B 292 -28.41 -40.91 -22.73
CA PRO B 292 -27.41 -40.09 -23.40
C PRO B 292 -28.00 -39.36 -24.58
N PRO B 293 -27.53 -38.15 -24.87
CA PRO B 293 -28.12 -37.36 -25.96
C PRO B 293 -27.80 -37.95 -27.33
N VAL B 294 -28.70 -37.66 -28.27
CA VAL B 294 -28.55 -38.07 -29.66
C VAL B 294 -28.00 -36.89 -30.46
N ILE B 295 -27.18 -37.19 -31.46
CA ILE B 295 -26.70 -36.16 -32.38
C ILE B 295 -26.67 -36.74 -33.78
N HIS B 296 -27.07 -35.94 -34.76
CA HIS B 296 -27.12 -36.38 -36.16
C HIS B 296 -25.80 -36.05 -36.84
N ILE B 297 -25.10 -37.07 -37.30
CA ILE B 297 -23.81 -36.93 -37.97
C ILE B 297 -23.92 -37.57 -39.34
N ARG B 298 -23.52 -36.82 -40.38
CA ARG B 298 -23.69 -37.29 -41.74
C ARG B 298 -22.76 -38.45 -42.06
N SER B 299 -21.48 -38.33 -41.72
CA SER B 299 -20.48 -39.32 -42.09
C SER B 299 -19.47 -39.45 -40.97
N ARG B 300 -18.61 -40.47 -41.09
CA ARG B 300 -17.57 -40.73 -40.11
C ARG B 300 -16.46 -39.68 -40.11
N GLY B 301 -16.44 -38.80 -41.10
CA GLY B 301 -15.41 -37.76 -41.13
C GLY B 301 -15.55 -36.76 -40.00
N ASP B 302 -16.79 -36.46 -39.59
CA ASP B 302 -17.02 -35.42 -38.59
C ASP B 302 -16.39 -35.78 -37.25
N ILE B 303 -16.53 -37.03 -36.82
CA ILE B 303 -15.96 -37.44 -35.53
C ILE B 303 -14.43 -37.38 -35.61
N PRO B 304 -13.75 -36.87 -34.60
CA PRO B 304 -12.29 -36.78 -34.65
C PRO B 304 -11.62 -38.16 -34.62
N ARG B 305 -10.41 -38.20 -35.15
CA ARG B 305 -9.68 -39.45 -35.30
C ARG B 305 -9.38 -40.13 -33.98
N ALA B 306 -9.30 -39.36 -32.88
CA ALA B 306 -9.02 -39.97 -31.58
C ALA B 306 -10.22 -40.76 -31.07
N CYS B 307 -11.43 -40.33 -31.39
CA CYS B 307 -12.63 -40.99 -30.88
C CYS B 307 -12.99 -42.26 -31.63
N GLN B 308 -12.41 -42.50 -32.81
CA GLN B 308 -12.83 -43.57 -33.69
C GLN B 308 -12.64 -44.96 -33.08
N LYS B 309 -11.84 -45.10 -32.03
CA LYS B 309 -11.56 -46.39 -31.44
C LYS B 309 -12.54 -46.78 -30.35
N SER B 310 -13.58 -45.99 -30.10
CA SER B 310 -14.52 -46.22 -29.01
C SER B 310 -15.96 -46.05 -29.48
N LEU B 311 -16.30 -46.65 -30.61
CA LEU B 311 -17.66 -46.63 -31.13
C LEU B 311 -18.25 -48.04 -31.04
N ARG B 312 -19.45 -48.14 -30.48
CA ARG B 312 -20.11 -49.41 -30.26
C ARG B 312 -21.55 -49.36 -30.75
N PRO B 313 -22.13 -50.51 -31.09
CA PRO B 313 -23.55 -50.54 -31.44
C PRO B 313 -24.41 -50.08 -30.27
N VAL B 314 -25.51 -49.40 -30.60
CA VAL B 314 -26.38 -48.79 -29.60
C VAL B 314 -27.11 -49.90 -28.84
N PRO B 315 -26.96 -49.97 -27.52
CA PRO B 315 -27.69 -50.97 -26.74
C PRO B 315 -29.16 -50.61 -26.65
N PRO B 316 -30.04 -51.58 -26.42
CA PRO B 316 -31.47 -51.27 -26.28
C PRO B 316 -31.78 -50.33 -25.12
N SER B 317 -31.04 -50.43 -24.01
CA SER B 317 -31.29 -49.61 -22.83
C SER B 317 -29.99 -48.97 -22.38
N PRO B 318 -29.55 -47.92 -23.07
CA PRO B 318 -28.30 -47.25 -22.67
C PRO B 318 -28.43 -46.53 -21.33
N LYS B 319 -27.32 -46.47 -20.61
CA LYS B 319 -27.24 -45.75 -19.34
C LYS B 319 -25.94 -44.95 -19.33
N ILE B 320 -26.03 -43.68 -18.93
CA ILE B 320 -24.85 -42.82 -18.94
C ILE B 320 -23.85 -43.27 -17.88
N ASP B 321 -24.35 -43.70 -16.72
CA ASP B 321 -23.44 -44.21 -15.69
C ASP B 321 -22.79 -45.52 -16.12
N ARG B 322 -23.48 -46.31 -16.96
CA ARG B 322 -22.92 -47.56 -17.44
C ARG B 322 -21.70 -47.37 -18.33
N GLY B 323 -21.49 -46.16 -18.86
CA GLY B 323 -20.31 -45.89 -19.66
C GLY B 323 -20.58 -45.09 -20.92
N TRP B 324 -21.76 -45.27 -21.51
CA TRP B 324 -22.09 -44.55 -22.73
C TRP B 324 -22.21 -43.05 -22.45
N VAL B 325 -21.77 -42.25 -23.42
CA VAL B 325 -21.75 -40.79 -23.30
C VAL B 325 -22.81 -40.16 -24.20
N CYS B 326 -22.80 -40.47 -25.49
CA CYS B 326 -23.77 -39.93 -26.42
C CYS B 326 -23.88 -40.89 -27.61
N VAL B 327 -24.94 -40.72 -28.40
CA VAL B 327 -25.17 -41.60 -29.53
C VAL B 327 -25.25 -40.77 -30.80
N PHE B 328 -24.86 -41.39 -31.92
CA PHE B 328 -24.79 -40.75 -33.22
C PHE B 328 -25.76 -41.43 -34.17
N GLN B 329 -26.60 -40.64 -34.83
CA GLN B 329 -27.54 -41.13 -35.83
C GLN B 329 -27.01 -40.75 -37.21
N LEU B 330 -26.61 -41.76 -37.98
CA LEU B 330 -26.11 -41.52 -39.33
C LEU B 330 -27.27 -41.14 -40.25
N GLN B 331 -26.92 -40.48 -41.37
CA GLN B 331 -27.93 -40.01 -42.29
C GLN B 331 -28.70 -41.14 -42.95
N ASP B 332 -28.12 -42.33 -43.04
CA ASP B 332 -28.80 -43.48 -43.63
C ASP B 332 -29.55 -44.32 -42.60
N GLY B 333 -29.54 -43.91 -41.34
CA GLY B 333 -30.27 -44.62 -40.30
C GLY B 333 -29.44 -45.53 -39.42
N LYS B 334 -28.13 -45.59 -39.63
CA LYS B 334 -27.28 -46.44 -38.80
C LYS B 334 -27.24 -45.91 -37.38
N THR B 335 -27.24 -46.83 -36.42
N THR B 335 -27.24 -46.83 -36.42
CA THR B 335 -27.20 -46.51 -35.00
CA THR B 335 -27.20 -46.52 -35.00
C THR B 335 -25.82 -46.83 -34.44
C THR B 335 -25.81 -46.83 -34.45
N LEU B 336 -25.20 -45.85 -33.80
CA LEU B 336 -23.86 -46.02 -33.27
C LEU B 336 -23.68 -45.05 -32.10
N GLY B 337 -23.00 -45.51 -31.04
CA GLY B 337 -22.83 -44.71 -29.85
C GLY B 337 -21.39 -44.76 -29.36
N LEU B 338 -21.12 -43.93 -28.35
CA LEU B 338 -19.77 -43.74 -27.83
C LEU B 338 -19.74 -44.19 -26.36
N LYS B 339 -18.74 -44.98 -26.02
CA LYS B 339 -18.55 -45.46 -24.65
C LYS B 339 -17.10 -45.23 -24.22
N ILE B 340 -16.92 -44.95 -22.94
CA ILE B 340 -15.59 -44.83 -22.36
C ILE B 340 -15.19 -46.14 -21.69
N HIS C 81 -38.13 61.05 86.50
CA HIS C 81 -37.81 59.74 85.97
C HIS C 81 -38.85 59.29 84.94
N SER C 82 -40.05 59.86 85.05
CA SER C 82 -41.12 59.50 84.11
C SER C 82 -40.79 59.93 82.69
N PHE C 83 -40.20 61.12 82.53
CA PHE C 83 -39.87 61.61 81.20
C PHE C 83 -38.85 60.70 80.51
N GLU C 84 -37.83 60.25 81.25
CA GLU C 84 -36.82 59.37 80.68
C GLU C 84 -37.44 58.05 80.25
N GLU C 85 -38.32 57.48 81.07
CA GLU C 85 -38.99 56.23 80.71
C GLU C 85 -39.86 56.42 79.47
N VAL C 86 -40.58 57.55 79.40
CA VAL C 86 -41.43 57.81 78.24
C VAL C 86 -40.58 57.94 76.98
N VAL C 87 -39.45 58.64 77.06
CA VAL C 87 -38.58 58.80 75.91
C VAL C 87 -38.01 57.46 75.47
N GLN C 88 -37.59 56.63 76.42
CA GLN C 88 -37.05 55.32 76.10
C GLN C 88 -38.11 54.45 75.43
N THR C 89 -39.33 54.46 75.96
CA THR C 89 -40.40 53.67 75.36
C THR C 89 -40.73 54.14 73.96
N LEU C 90 -40.75 55.46 73.75
CA LEU C 90 -41.02 55.99 72.41
C LEU C 90 -39.93 55.59 71.43
N ALA C 91 -38.67 55.68 71.85
CA ALA C 91 -37.57 55.27 70.98
C ALA C 91 -37.64 53.79 70.65
N SER C 92 -37.94 52.96 71.64
CA SER C 92 -38.08 51.53 71.40
C SER C 92 -39.22 51.24 70.44
N LEU C 93 -40.36 51.92 70.62
CA LEU C 93 -41.48 51.72 69.72
C LEU C 93 -41.13 52.13 68.30
N ALA C 94 -40.43 53.25 68.13
CA ALA C 94 -40.02 53.68 66.79
C ALA C 94 -39.08 52.66 66.15
N THR C 95 -38.11 52.14 66.92
CA THR C 95 -37.18 51.16 66.37
C THR C 95 -37.92 49.87 65.97
N VAL C 96 -38.87 49.43 66.79
CA VAL C 96 -39.59 48.20 66.47
C VAL C 96 -40.54 48.42 65.29
N VAL C 97 -41.07 49.63 65.12
CA VAL C 97 -41.87 49.94 63.93
C VAL C 97 -40.98 49.90 62.69
N GLN C 98 -39.76 50.43 62.80
CA GLN C 98 -38.81 50.31 61.69
C GLN C 98 -38.51 48.85 61.39
N GLN C 99 -38.43 48.03 62.44
CA GLN C 99 -38.26 46.58 62.24
C GLN C 99 -39.44 45.99 61.48
N GLN C 100 -40.67 46.42 61.82
CA GLN C 100 -41.84 46.01 61.05
C GLN C 100 -41.68 46.37 59.58
N THR C 101 -41.26 47.60 59.30
CA THR C 101 -41.12 48.04 57.91
C THR C 101 -40.07 47.21 57.18
N ILE C 102 -38.94 46.92 57.84
CA ILE C 102 -37.89 46.11 57.23
C ILE C 102 -38.41 44.71 56.94
N ALA C 103 -39.13 44.12 57.89
CA ALA C 103 -39.68 42.78 57.70
C ALA C 103 -40.68 42.75 56.54
N SER C 104 -41.53 43.78 56.44
CA SER C 104 -42.49 43.84 55.35
C SER C 104 -41.78 43.98 54.00
N GLU C 105 -40.73 44.79 53.94
CA GLU C 105 -39.97 44.93 52.71
C GLU C 105 -39.31 43.61 52.32
N SER C 106 -38.75 42.89 53.30
CA SER C 106 -38.16 41.59 53.02
C SER C 106 -39.21 40.61 52.52
N LEU C 107 -40.40 40.63 53.13
CA LEU C 107 -41.49 39.76 52.67
C LEU C 107 -41.85 40.05 51.23
N GLU C 108 -41.99 41.34 50.89
CA GLU C 108 -42.34 41.71 49.52
C GLU C 108 -41.26 41.29 48.54
N GLN C 109 -39.99 41.51 48.89
CA GLN C 109 -38.90 41.13 48.00
C GLN C 109 -38.85 39.62 47.80
N ARG C 110 -39.03 38.84 48.87
CA ARG C 110 -39.02 37.39 48.74
C ARG C 110 -40.18 36.90 47.90
N ILE C 111 -41.37 37.47 48.09
CA ILE C 111 -42.53 37.07 47.29
C ILE C 111 -42.30 37.38 45.82
N THR C 112 -41.77 38.57 45.53
CA THR C 112 -41.50 38.94 44.14
C THR C 112 -40.46 38.02 43.51
N SER C 113 -39.40 37.71 44.26
CA SER C 113 -38.37 36.82 43.73
C SER C 113 -38.93 35.42 43.47
N LEU C 114 -39.74 34.90 44.38
CA LEU C 114 -40.36 33.60 44.17
C LEU C 114 -41.27 33.61 42.95
N GLU C 115 -42.07 34.66 42.79
CA GLU C 115 -43.01 34.71 41.68
C GLU C 115 -42.31 34.83 40.33
N ASN C 116 -41.23 35.63 40.28
CA ASN C 116 -40.61 35.91 38.98
C ASN C 116 -39.49 34.93 38.65
N GLY C 117 -38.99 34.18 39.63
CA GLY C 117 -37.84 33.34 39.39
C GLY C 117 -38.11 32.17 38.45
N LEU C 118 -39.27 31.53 38.59
CA LEU C 118 -39.56 30.26 37.92
C LEU C 118 -40.63 30.40 36.85
N LYS C 119 -40.61 31.48 36.08
CA LYS C 119 -41.63 31.68 35.05
C LYS C 119 -41.36 30.86 33.78
N PRO C 120 -40.16 30.89 33.20
CA PRO C 120 -39.94 30.19 31.92
C PRO C 120 -39.59 28.71 32.05
N VAL C 121 -39.80 28.09 33.22
CA VAL C 121 -39.40 26.70 33.39
C VAL C 121 -40.19 25.78 32.48
N TYR C 122 -41.50 26.01 32.35
CA TYR C 122 -42.33 25.18 31.48
C TYR C 122 -41.91 25.30 30.03
N ASP C 123 -41.64 26.53 29.57
CA ASP C 123 -41.25 26.74 28.18
C ASP C 123 -39.92 26.03 27.88
N MET C 124 -38.94 26.15 28.77
CA MET C 124 -37.68 25.46 28.57
C MET C 124 -37.85 23.95 28.61
N ALA C 125 -38.70 23.45 29.51
CA ALA C 125 -38.93 22.02 29.57
C ALA C 125 -39.54 21.49 28.28
N LYS C 126 -40.49 22.25 27.71
CA LYS C 126 -41.06 21.85 26.42
C LYS C 126 -40.03 21.95 25.31
N THR C 127 -39.18 22.98 25.33
CA THR C 127 -38.25 23.22 24.23
C THR C 127 -37.14 22.17 24.20
N ILE C 128 -36.66 21.75 25.37
CA ILE C 128 -35.53 20.81 25.42
C ILE C 128 -35.91 19.49 24.76
N SER C 129 -37.11 18.99 25.03
CA SER C 129 -37.53 17.72 24.44
C SER C 129 -37.60 17.80 22.92
N SER C 130 -38.15 18.90 22.39
CA SER C 130 -38.23 19.06 20.94
C SER C 130 -36.85 19.17 20.32
N LEU C 131 -35.95 19.92 20.97
CA LEU C 131 -34.58 20.04 20.46
C LEU C 131 -33.89 18.68 20.44
N ASN C 132 -34.04 17.91 21.51
CA ASN C 132 -33.44 16.58 21.55
C ASN C 132 -34.02 15.68 20.46
N ARG C 133 -35.34 15.76 20.24
CA ARG C 133 -35.98 14.93 19.23
C ARG C 133 -35.44 15.25 17.84
N VAL C 134 -35.39 16.54 17.49
CA VAL C 134 -34.93 16.91 16.15
C VAL C 134 -33.45 16.59 15.98
N CYS C 135 -32.65 16.79 17.03
CA CYS C 135 -31.23 16.48 16.94
C CYS C 135 -31.00 14.98 16.75
N ALA C 136 -31.73 14.15 17.50
CA ALA C 136 -31.61 12.71 17.32
C ALA C 136 -32.06 12.29 15.93
N GLU C 137 -33.15 12.89 15.43
CA GLU C 137 -33.61 12.57 14.09
C GLU C 137 -32.55 12.87 13.05
N MET C 138 -31.90 14.03 13.16
CA MET C 138 -30.92 14.37 12.13
C MET C 138 -29.63 13.58 12.28
N VAL C 139 -29.21 13.26 13.51
CA VAL C 139 -28.00 12.47 13.64
C VAL C 139 -28.25 11.05 13.12
N ALA C 140 -29.48 10.57 13.24
CA ALA C 140 -29.82 9.28 12.61
C ALA C 140 -29.88 9.41 11.09
N LYS C 141 -30.38 10.54 10.58
CA LYS C 141 -30.49 10.72 9.15
C LYS C 141 -29.13 10.92 8.48
N TYR C 142 -28.15 11.39 9.24
CA TYR C 142 -26.81 11.63 8.68
C TYR C 142 -26.18 10.36 8.16
N ASP C 143 -26.53 9.20 8.73
CA ASP C 143 -25.95 7.94 8.29
C ASP C 143 -26.33 7.64 6.84
N LEU C 144 -27.59 7.87 6.48
CA LEU C 144 -28.07 7.61 5.12
C LEU C 144 -27.76 8.83 4.26
N LEU C 145 -26.48 8.94 3.87
CA LEU C 145 -26.02 10.08 3.09
C LEU C 145 -24.85 9.65 2.24
N VAL C 146 -24.88 10.02 0.96
CA VAL C 146 -23.86 9.63 -0.01
C VAL C 146 -23.28 10.89 -0.63
N MET C 147 -21.96 10.99 -0.63
CA MET C 147 -21.24 12.15 -1.15
C MET C 147 -20.50 11.76 -2.43
N THR C 148 -20.67 12.58 -3.47
CA THR C 148 -19.98 12.38 -4.73
C THR C 148 -18.90 13.46 -4.89
N THR C 149 -17.73 13.03 -5.34
CA THR C 149 -16.57 13.90 -5.43
C THR C 149 -16.72 14.90 -6.57
N GLY C 150 -15.76 15.82 -6.65
CA GLY C 150 -15.77 16.83 -7.69
C GLY C 150 -14.37 17.35 -7.91
N ARG C 151 -14.14 17.92 -9.10
CA ARG C 151 -12.82 18.40 -9.49
C ARG C 151 -12.62 19.87 -9.16
N ALA C 152 -12.97 20.30 -7.95
CA ALA C 152 -12.73 21.69 -7.57
C ALA C 152 -12.32 21.85 -6.11
N THR C 153 -12.28 20.77 -5.32
CA THR C 153 -11.99 20.92 -3.90
C THR C 153 -10.55 21.32 -3.66
N ALA C 154 -9.61 20.71 -4.39
CA ALA C 154 -8.20 21.01 -4.20
C ALA C 154 -7.89 22.45 -4.53
N THR C 155 -8.38 22.92 -5.68
CA THR C 155 -8.12 24.30 -6.09
C THR C 155 -8.80 25.30 -5.16
N ALA C 156 -10.03 25.01 -4.75
CA ALA C 156 -10.73 25.92 -3.83
C ALA C 156 -10.01 26.00 -2.49
N ALA C 157 -9.56 24.86 -1.97
CA ALA C 157 -8.84 24.87 -0.70
C ALA C 157 -7.49 25.58 -0.84
N ALA C 158 -6.81 25.40 -1.98
CA ALA C 158 -5.57 26.12 -2.21
C ALA C 158 -5.80 27.63 -2.25
N THR C 159 -6.87 28.06 -2.93
CA THR C 159 -7.18 29.49 -2.97
C THR C 159 -7.51 30.01 -1.59
N GLU C 160 -8.26 29.26 -0.80
CA GLU C 160 -8.59 29.69 0.57
C GLU C 160 -7.33 29.81 1.42
N ALA C 161 -6.43 28.84 1.32
CA ALA C 161 -5.20 28.88 2.11
C ALA C 161 -4.30 30.02 1.66
N TYR C 162 -4.22 30.28 0.37
CA TYR C 162 -3.41 31.39 -0.13
C TYR C 162 -4.01 32.73 0.24
N TRP C 163 -5.34 32.79 0.38
CA TRP C 163 -5.99 34.01 0.84
C TRP C 163 -5.86 34.21 2.34
N ALA C 164 -5.71 33.14 3.11
CA ALA C 164 -5.66 33.26 4.57
C ALA C 164 -4.46 34.10 5.01
N GLU C 165 -3.30 33.86 4.41
CA GLU C 165 -2.10 34.60 4.72
C GLU C 165 -1.54 35.24 3.46
N HIS C 166 -0.94 36.42 3.61
CA HIS C 166 -0.56 37.29 2.50
C HIS C 166 -1.69 37.36 1.49
N GLY C 167 -2.80 37.98 1.88
CA GLY C 167 -4.06 37.84 1.19
C GLY C 167 -4.09 38.46 -0.19
N GLN C 168 -3.22 37.98 -1.06
CA GLN C 168 -3.18 38.23 -2.48
C GLN C 168 -3.59 36.96 -3.23
N PRO C 169 -4.40 37.06 -4.28
CA PRO C 169 -4.76 35.85 -5.02
C PRO C 169 -3.52 35.18 -5.60
N PRO C 170 -3.55 33.85 -5.73
CA PRO C 170 -2.36 33.15 -6.18
C PRO C 170 -1.92 33.64 -7.54
N PRO C 171 -0.62 33.67 -7.80
CA PRO C 171 -0.11 34.29 -9.03
C PRO C 171 -0.52 33.50 -10.26
N GLY C 172 -0.52 34.21 -11.39
CA GLY C 172 -0.87 33.62 -12.66
C GLY C 172 0.14 32.59 -13.11
N PRO C 173 -0.24 31.70 -14.04
CA PRO C 173 -1.56 31.64 -14.69
C PRO C 173 -2.65 31.08 -13.78
N SER C 174 -3.89 31.05 -14.29
CA SER C 174 -5.01 30.56 -13.51
C SER C 174 -4.81 29.09 -13.15
N LEU C 175 -5.42 28.69 -12.03
CA LEU C 175 -5.28 27.33 -11.53
C LEU C 175 -6.21 26.41 -12.32
N TYR C 176 -6.42 25.19 -11.82
CA TYR C 176 -7.17 24.19 -12.57
C TYR C 176 -8.61 24.62 -12.80
N GLU C 177 -9.32 24.99 -11.73
CA GLU C 177 -10.72 25.36 -11.86
C GLU C 177 -11.01 26.62 -11.06
N GLU C 178 -11.60 27.61 -11.74
CA GLU C 178 -11.99 28.86 -11.12
C GLU C 178 -13.50 29.02 -11.18
N SER C 179 -14.10 29.37 -10.05
CA SER C 179 -15.55 29.54 -9.96
C SER C 179 -15.91 30.55 -8.87
N SER D 82 -36.49 48.51 93.72
CA SER D 82 -37.53 49.40 93.21
C SER D 82 -37.08 50.11 91.93
N PHE D 83 -36.49 51.28 92.10
CA PHE D 83 -36.00 52.04 90.94
C PHE D 83 -34.86 51.32 90.25
N GLU D 84 -33.97 50.69 91.03
CA GLU D 84 -32.84 49.97 90.45
C GLU D 84 -33.33 48.80 89.58
N GLU D 85 -34.34 48.08 90.05
CA GLU D 85 -34.89 46.97 89.26
C GLU D 85 -35.49 47.48 87.96
N VAL D 86 -36.20 48.61 88.02
CA VAL D 86 -36.80 49.19 86.81
C VAL D 86 -35.70 49.59 85.83
N VAL D 87 -34.63 50.22 86.34
CA VAL D 87 -33.52 50.63 85.47
C VAL D 87 -32.87 49.41 84.83
N GLN D 88 -32.65 48.36 85.61
CA GLN D 88 -32.03 47.16 85.07
C GLN D 88 -32.91 46.51 84.00
N THR D 89 -34.22 46.44 84.24
CA THR D 89 -35.12 45.87 83.25
C THR D 89 -35.14 46.70 81.97
N LEU D 90 -35.15 48.03 82.11
CA LEU D 90 -35.12 48.89 80.93
C LEU D 90 -33.83 48.72 80.14
N ALA D 91 -32.69 48.62 80.84
CA ALA D 91 -31.43 48.40 80.16
C ALA D 91 -31.40 47.06 79.44
N SER D 92 -31.92 46.01 80.08
CA SER D 92 -31.99 44.71 79.44
C SER D 92 -32.89 44.75 78.19
N LEU D 93 -34.02 45.43 78.30
CA LEU D 93 -34.92 45.57 77.15
C LEU D 93 -34.24 46.31 76.01
N ALA D 94 -33.52 47.39 76.32
CA ALA D 94 -32.82 48.14 75.28
C ALA D 94 -31.75 47.30 74.61
N THR D 95 -30.99 46.54 75.41
CA THR D 95 -29.95 45.68 74.83
C THR D 95 -30.57 44.60 73.94
N VAL D 96 -31.68 44.00 74.38
CA VAL D 96 -32.33 42.97 73.59
C VAL D 96 -32.88 43.56 72.29
N VAL D 97 -33.45 44.77 72.36
CA VAL D 97 -33.95 45.41 71.15
C VAL D 97 -32.81 45.70 70.18
N GLN D 98 -31.69 46.19 70.70
CA GLN D 98 -30.54 46.45 69.84
C GLN D 98 -30.03 45.17 69.18
N GLN D 99 -29.95 44.08 69.94
CA GLN D 99 -29.51 42.80 69.39
C GLN D 99 -30.48 42.32 68.32
N GLN D 100 -31.79 42.47 68.55
CA GLN D 100 -32.78 42.05 67.57
C GLN D 100 -32.67 42.88 66.30
N THR D 101 -32.44 44.19 66.43
CA THR D 101 -32.28 45.02 65.25
C THR D 101 -31.03 44.64 64.46
N ILE D 102 -29.93 44.35 65.17
CA ILE D 102 -28.72 43.91 64.49
C ILE D 102 -28.95 42.60 63.76
N ALA D 103 -29.64 41.66 64.40
CA ALA D 103 -29.94 40.39 63.77
C ALA D 103 -30.81 40.57 62.53
N SER D 104 -31.81 41.46 62.62
CA SER D 104 -32.67 41.73 61.47
C SER D 104 -31.88 42.35 60.33
N GLU D 105 -30.97 43.27 60.64
CA GLU D 105 -30.14 43.87 59.60
C GLU D 105 -29.26 42.82 58.92
N SER D 106 -28.66 41.94 59.73
CA SER D 106 -27.83 40.87 59.15
C SER D 106 -28.67 39.93 58.30
N LEU D 107 -29.88 39.60 58.75
CA LEU D 107 -30.78 38.75 57.98
C LEU D 107 -31.13 39.39 56.64
N GLU D 108 -31.45 40.68 56.65
CA GLU D 108 -31.76 41.37 55.40
C GLU D 108 -30.56 41.41 54.47
N GLN D 109 -29.37 41.67 55.02
CA GLN D 109 -28.17 41.71 54.19
C GLN D 109 -27.89 40.34 53.56
N ARG D 110 -28.07 39.27 54.32
CA ARG D 110 -27.88 37.94 53.77
C ARG D 110 -28.94 37.59 52.73
N ILE D 111 -30.18 38.04 52.96
CA ILE D 111 -31.26 37.76 52.00
C ILE D 111 -31.00 38.48 50.68
N THR D 112 -30.47 39.70 50.73
CA THR D 112 -30.29 40.51 49.53
C THR D 112 -29.26 39.94 48.56
N SER D 113 -28.70 38.75 48.82
CA SER D 113 -27.69 38.16 47.96
C SER D 113 -28.25 37.02 47.10
N LEU D 114 -29.47 37.17 46.59
CA LEU D 114 -30.08 36.14 45.77
C LEU D 114 -30.17 36.50 44.30
N GLU D 115 -30.11 37.79 43.96
CA GLU D 115 -30.20 38.20 42.56
C GLU D 115 -29.01 37.68 41.76
N ASN D 116 -27.81 37.70 42.36
CA ASN D 116 -26.63 37.21 41.66
C ASN D 116 -26.76 35.72 41.34
N GLY D 117 -27.31 34.95 42.28
CA GLY D 117 -27.50 33.53 42.02
C GLY D 117 -28.66 33.22 41.10
N LEU D 118 -29.66 34.12 41.03
CA LEU D 118 -30.81 33.87 40.18
C LEU D 118 -30.61 34.35 38.75
N LYS D 119 -29.68 35.29 38.52
CA LYS D 119 -29.43 35.75 37.15
C LYS D 119 -29.03 34.63 36.18
N PRO D 120 -28.17 33.67 36.53
CA PRO D 120 -27.85 32.60 35.57
C PRO D 120 -29.07 31.81 35.12
N VAL D 121 -30.10 31.68 35.95
CA VAL D 121 -31.32 30.99 35.53
C VAL D 121 -31.97 31.74 34.37
N TYR D 122 -32.09 33.07 34.49
CA TYR D 122 -32.65 33.87 33.42
C TYR D 122 -31.77 33.82 32.17
N ASP D 123 -30.45 33.84 32.37
CA ASP D 123 -29.54 33.76 31.21
C ASP D 123 -29.72 32.44 30.48
N MET D 124 -29.84 31.33 31.22
CA MET D 124 -30.07 30.03 30.60
C MET D 124 -31.41 30.00 29.87
N ALA D 125 -32.45 30.56 30.49
CA ALA D 125 -33.76 30.59 29.84
C ALA D 125 -33.70 31.39 28.54
N LYS D 126 -32.91 32.46 28.52
CA LYS D 126 -32.77 33.25 27.30
C LYS D 126 -31.98 32.49 26.24
N THR D 127 -30.89 31.81 26.64
CA THR D 127 -30.01 31.18 25.66
C THR D 127 -30.57 29.88 25.10
N ILE D 128 -31.51 29.23 25.78
CA ILE D 128 -32.18 28.07 25.17
C ILE D 128 -32.88 28.49 23.88
N SER D 129 -33.52 29.66 23.89
CA SER D 129 -34.19 30.14 22.68
C SER D 129 -33.21 30.37 21.55
N SER D 130 -32.05 30.95 21.85
CA SER D 130 -31.04 31.17 20.81
C SER D 130 -30.51 29.85 20.26
N LEU D 131 -30.29 28.87 21.15
CA LEU D 131 -29.82 27.57 20.70
C LEU D 131 -30.85 26.90 19.79
N ASN D 132 -32.13 26.96 20.17
CA ASN D 132 -33.17 26.41 19.33
C ASN D 132 -33.24 27.12 17.99
N ARG D 133 -33.11 28.45 17.99
CA ARG D 133 -33.18 29.22 16.75
C ARG D 133 -32.05 28.83 15.80
N VAL D 134 -30.82 28.74 16.32
CA VAL D 134 -29.69 28.41 15.45
C VAL D 134 -29.80 26.96 14.99
N CYS D 135 -30.27 26.06 15.85
CA CYS D 135 -30.44 24.67 15.43
C CYS D 135 -31.48 24.55 14.32
N ALA D 136 -32.60 25.27 14.44
CA ALA D 136 -33.62 25.23 13.41
C ALA D 136 -33.13 25.87 12.11
N GLU D 137 -32.32 26.92 12.24
CA GLU D 137 -31.72 27.52 11.04
C GLU D 137 -30.83 26.52 10.32
N MET D 138 -30.04 25.76 11.08
CA MET D 138 -29.20 24.75 10.45
C MET D 138 -30.05 23.61 9.88
N VAL D 139 -31.18 23.31 10.53
CA VAL D 139 -32.13 22.35 9.97
C VAL D 139 -32.58 22.79 8.59
N ALA D 140 -33.00 24.05 8.48
CA ALA D 140 -33.48 24.57 7.20
C ALA D 140 -32.36 24.61 6.17
N LYS D 141 -31.14 24.93 6.60
CA LYS D 141 -30.02 24.99 5.68
C LYS D 141 -29.64 23.61 5.16
N TYR D 142 -29.82 22.56 5.97
CA TYR D 142 -29.47 21.22 5.53
C TYR D 142 -30.31 20.78 4.33
N ASP D 143 -31.61 21.06 4.37
CA ASP D 143 -32.50 20.63 3.28
C ASP D 143 -32.17 21.35 1.98
N LEU D 144 -31.63 22.57 2.08
CA LEU D 144 -31.26 23.32 0.89
C LEU D 144 -30.02 22.76 0.22
N LEU D 145 -29.22 21.97 0.94
CA LEU D 145 -27.95 21.47 0.42
C LEU D 145 -28.12 20.10 -0.24
N VAL D 146 -28.63 19.11 0.50
CA VAL D 146 -28.87 17.79 -0.03
C VAL D 146 -30.26 17.76 -0.66
N MET D 147 -30.46 16.87 -1.64
CA MET D 147 -31.71 16.86 -2.39
C MET D 147 -32.88 16.45 -1.51
N THR D 148 -32.70 15.41 -0.70
CA THR D 148 -33.79 14.71 -0.03
C THR D 148 -34.75 14.21 -1.12
N THR D 149 -36.03 14.09 -0.81
CA THR D 149 -37.01 13.63 -1.78
C THR D 149 -38.19 14.61 -1.87
N ASN E 80 -47.09 44.97 94.26
CA ASN E 80 -48.09 44.23 93.50
C ASN E 80 -48.05 44.61 92.02
N HIS E 81 -48.30 45.88 91.74
CA HIS E 81 -48.28 46.34 90.35
C HIS E 81 -46.89 46.25 89.76
N SER E 82 -45.86 46.60 90.54
CA SER E 82 -44.49 46.57 90.03
C SER E 82 -44.06 45.15 89.66
N PHE E 83 -44.43 44.16 90.48
CA PHE E 83 -44.09 42.78 90.19
C PHE E 83 -44.76 42.31 88.92
N GLU E 84 -46.04 42.67 88.73
CA GLU E 84 -46.75 42.30 87.52
C GLU E 84 -46.12 42.95 86.29
N GLU E 85 -45.72 44.22 86.41
CA GLU E 85 -45.06 44.90 85.30
C GLU E 85 -43.74 44.23 84.96
N VAL E 86 -42.97 43.84 85.98
CA VAL E 86 -41.70 43.15 85.75
C VAL E 86 -41.93 41.81 85.06
N VAL E 87 -42.97 41.07 85.49
CA VAL E 87 -43.28 39.79 84.87
C VAL E 87 -43.67 39.98 83.41
N GLN E 88 -44.48 41.01 83.14
CA GLN E 88 -44.88 41.27 81.76
C GLN E 88 -43.70 41.65 80.88
N THR E 89 -42.79 42.47 81.42
CA THR E 89 -41.59 42.82 80.66
C THR E 89 -40.73 41.60 80.39
N LEU E 90 -40.59 40.72 81.38
CA LEU E 90 -39.82 39.49 81.19
C LEU E 90 -40.45 38.61 80.13
N ALA E 91 -41.78 38.49 80.14
CA ALA E 91 -42.47 37.70 79.12
C ALA E 91 -42.27 38.29 77.73
N SER E 92 -42.34 39.62 77.63
CA SER E 92 -42.11 40.27 76.34
C SER E 92 -40.68 40.02 75.85
N LEU E 93 -39.71 40.10 76.77
CA LEU E 93 -38.32 39.84 76.40
C LEU E 93 -38.15 38.39 75.93
N ALA E 94 -38.79 37.45 76.62
CA ALA E 94 -38.71 36.05 76.20
C ALA E 94 -39.31 35.85 74.82
N THR E 95 -40.45 36.49 74.54
CA THR E 95 -41.07 36.38 73.22
C THR E 95 -40.16 36.98 72.15
N VAL E 96 -39.54 38.12 72.43
CA VAL E 96 -38.63 38.73 71.46
C VAL E 96 -37.44 37.83 71.20
N VAL E 97 -36.88 37.23 72.26
CA VAL E 97 -35.75 36.32 72.10
C VAL E 97 -36.15 35.12 71.26
N GLN E 98 -37.32 34.56 71.51
CA GLN E 98 -37.80 33.43 70.72
C GLN E 98 -37.98 33.80 69.26
N GLN E 99 -38.53 34.99 69.00
CA GLN E 99 -38.70 35.44 67.62
C GLN E 99 -37.35 35.61 66.93
N GLN E 100 -36.36 36.18 67.65
CA GLN E 100 -35.04 36.34 67.08
C GLN E 100 -34.41 34.99 66.76
N THR E 101 -34.56 34.01 67.66
CA THR E 101 -34.02 32.68 67.42
C THR E 101 -34.68 32.03 66.20
N ILE E 102 -36.00 32.18 66.08
CA ILE E 102 -36.72 31.61 64.94
C ILE E 102 -36.24 32.26 63.64
N ALA E 103 -36.06 33.58 63.65
CA ALA E 103 -35.58 34.28 62.46
C ALA E 103 -34.19 33.81 62.08
N SER E 104 -33.31 33.63 63.07
CA SER E 104 -31.96 33.13 62.78
C SER E 104 -32.01 31.72 62.21
N GLU E 105 -32.88 30.86 62.75
CA GLU E 105 -33.01 29.51 62.22
C GLU E 105 -33.51 29.53 60.78
N SER E 106 -34.49 30.39 60.48
CA SER E 106 -35.00 30.49 59.12
C SER E 106 -33.93 31.00 58.17
N LEU E 107 -33.13 31.97 58.61
CA LEU E 107 -32.04 32.47 57.77
C LEU E 107 -31.02 31.38 57.50
N GLU E 108 -30.67 30.58 58.52
CA GLU E 108 -29.73 29.49 58.32
C GLU E 108 -30.30 28.45 57.35
N GLN E 109 -31.59 28.15 57.46
CA GLN E 109 -32.21 27.21 56.54
C GLN E 109 -32.18 27.73 55.10
N ARG E 110 -32.47 29.02 54.91
CA ARG E 110 -32.40 29.61 53.58
C ARG E 110 -30.99 29.56 53.03
N ILE E 111 -29.99 29.84 53.86
CA ILE E 111 -28.60 29.77 53.42
C ILE E 111 -28.26 28.35 53.00
N THR E 112 -28.69 27.35 53.78
CA THR E 112 -28.43 25.96 53.42
C THR E 112 -29.09 25.59 52.11
N SER E 113 -30.33 26.03 51.90
CA SER E 113 -31.04 25.74 50.65
C SER E 113 -30.31 26.36 49.46
N LEU E 114 -29.87 27.62 49.60
CA LEU E 114 -29.14 28.27 48.52
C LEU E 114 -27.83 27.54 48.23
N GLU E 115 -27.11 27.14 49.28
CA GLU E 115 -25.86 26.42 49.08
C GLU E 115 -26.09 25.09 48.37
N ASN E 116 -27.17 24.39 48.72
CA ASN E 116 -27.49 23.14 48.06
C ASN E 116 -27.84 23.36 46.59
N GLY E 117 -28.60 24.41 46.29
CA GLY E 117 -29.06 24.64 44.93
C GLY E 117 -28.14 25.44 44.02
N LEU E 118 -27.01 25.93 44.53
CA LEU E 118 -26.14 26.78 43.73
C LEU E 118 -25.60 26.05 42.50
N LYS E 119 -25.13 24.82 42.66
CA LYS E 119 -24.27 24.19 41.67
C LYS E 119 -24.97 23.68 40.41
N PRO E 120 -26.02 22.84 40.51
CA PRO E 120 -26.53 22.18 39.29
C PRO E 120 -27.00 23.15 38.22
N VAL E 121 -27.65 24.25 38.60
CA VAL E 121 -28.11 25.21 37.61
C VAL E 121 -26.92 25.89 36.94
N TYR E 122 -25.85 26.16 37.70
CA TYR E 122 -24.65 26.75 37.11
C TYR E 122 -24.03 25.80 36.09
N ASP E 123 -23.95 24.52 36.43
CA ASP E 123 -23.41 23.54 35.49
C ASP E 123 -24.29 23.45 34.24
N MET E 124 -25.61 23.45 34.41
CA MET E 124 -26.53 23.39 33.28
C MET E 124 -26.33 24.58 32.36
N ALA E 125 -26.26 25.78 32.94
CA ALA E 125 -26.08 27.00 32.14
C ALA E 125 -24.75 26.98 31.41
N LYS E 126 -23.69 26.51 32.07
CA LYS E 126 -22.38 26.45 31.42
C LYS E 126 -22.39 25.49 30.24
N THR E 127 -23.01 24.31 30.42
CA THR E 127 -23.10 23.35 29.33
C THR E 127 -23.89 23.93 28.15
N ILE E 128 -25.01 24.58 28.45
CA ILE E 128 -25.84 25.15 27.39
C ILE E 128 -25.09 26.25 26.65
N SER E 129 -24.37 27.10 27.39
CA SER E 129 -23.62 28.18 26.74
C SER E 129 -22.54 27.63 25.82
N SER E 130 -21.79 26.63 26.30
CA SER E 130 -20.76 26.03 25.45
C SER E 130 -21.37 25.41 24.20
N LEU E 131 -22.46 24.67 24.37
CA LEU E 131 -23.10 24.01 23.23
C LEU E 131 -23.61 25.02 22.23
N ASN E 132 -24.23 26.10 22.71
CA ASN E 132 -24.73 27.15 21.83
C ASN E 132 -23.58 27.81 21.07
N ARG E 133 -22.48 28.09 21.75
CA ARG E 133 -21.34 28.71 21.07
C ARG E 133 -20.81 27.82 19.97
N VAL E 134 -20.66 26.52 20.25
CA VAL E 134 -20.10 25.61 19.25
C VAL E 134 -21.07 25.47 18.06
N CYS E 135 -22.37 25.33 18.35
CA CYS E 135 -23.35 25.21 17.28
C CYS E 135 -23.39 26.46 16.42
N ALA E 136 -23.34 27.64 17.04
CA ALA E 136 -23.33 28.89 16.29
C ALA E 136 -22.09 28.98 15.40
N GLU E 137 -20.94 28.56 15.93
CA GLU E 137 -19.73 28.56 15.10
C GLU E 137 -19.88 27.62 13.91
N MET E 138 -20.45 26.43 14.12
CA MET E 138 -20.63 25.51 13.00
C MET E 138 -21.59 26.07 11.96
N VAL E 139 -22.68 26.69 12.40
CA VAL E 139 -23.65 27.25 11.46
C VAL E 139 -23.04 28.43 10.71
N ALA E 140 -22.23 29.24 11.38
CA ALA E 140 -21.54 30.33 10.71
C ALA E 140 -20.59 29.79 9.65
N LYS E 141 -19.89 28.68 9.95
CA LYS E 141 -19.02 28.05 8.97
C LYS E 141 -19.83 27.54 7.78
N TYR E 142 -21.01 26.98 8.04
CA TYR E 142 -21.89 26.57 6.95
C TYR E 142 -22.35 27.77 6.12
N ASP E 143 -22.53 28.93 6.77
CA ASP E 143 -23.22 30.06 6.13
C ASP E 143 -22.49 30.55 4.89
N LEU E 144 -21.16 30.54 4.92
CA LEU E 144 -20.38 30.98 3.76
C LEU E 144 -20.26 29.92 2.67
N LEU E 145 -21.38 29.29 2.32
CA LEU E 145 -21.40 28.24 1.31
C LEU E 145 -22.50 28.40 0.27
N VAL E 146 -23.55 29.15 0.56
CA VAL E 146 -24.65 29.34 -0.38
C VAL E 146 -24.49 30.67 -1.11
#